data_8E8V
#
_entry.id   8E8V
#
_cell.length_a   77.099
_cell.length_b   155.963
_cell.length_c   78.352
_cell.angle_alpha   90.000
_cell.angle_beta   100.200
_cell.angle_gamma   90.000
#
_symmetry.space_group_name_H-M   'P 1 21 1'
#
loop_
_entity.id
_entity.type
_entity.pdbx_description
1 polymer 'Alpha-aminoadipic semialdehyde synthase, mitochondrial'
2 non-polymer 1-ETHYL-PYRROLIDINE-2,5-DIONE
#
_entity_poly.entity_id   1
_entity_poly.type   'polypeptide(L)'
_entity_poly.pdbx_seq_one_letter_code
;GSHHKAVLAVRREDVNAWERRAPLAPKHIKGITNLGYKVLIQPSNRRAIHDKDYVKAGGILQEDISEACLILGVKRPPEE
KLMSRKTYAFFSHTIKAQEANMGLLDEILKQEIRLIDYEKMVDHRGVRVVAFGQWAGVAGMINILHGMGLRLLALGHHTP
FMHIGMAHNYRNSSQAVQAVRDAGYEISLGLMPKSIGPLTFVFTGTGNVSKGAQAIFNELPCEYVEPHELKEVSQTGDLR
KVYGTVLSRHHHLVRKTDAVYDPAEYDKHPERYISRFNTDIAPYTTCLINGIYWEQNTPRLLTRQDAQSLLAPGKFSPAG
VEGCPALPHKLVAICDISADTGGSIEFMTECTTIEHPFCMYDADQHIIHDSVEGSGILMCSIDNLPAQLPIEATECFGDM
LYPYVEEMILSDATQPLESQNFSPVVRDAVITSN
;
_entity_poly.pdbx_strand_id   A,B,C,D
#
# COMPACT_ATOMS: atom_id res chain seq x y z
N ALA A 6 41.10 15.88 -13.71
CA ALA A 6 39.74 15.72 -14.21
C ALA A 6 38.93 14.77 -13.33
N VAL A 7 38.83 15.11 -12.05
CA VAL A 7 38.15 14.28 -11.06
C VAL A 7 37.06 15.11 -10.39
N LEU A 8 35.91 14.49 -10.17
CA LEU A 8 34.76 15.11 -9.53
C LEU A 8 34.56 14.51 -8.14
N ALA A 9 34.03 15.33 -7.21
CA ALA A 9 33.73 14.88 -5.86
C ALA A 9 32.42 15.49 -5.38
N VAL A 10 31.61 14.66 -4.73
CA VAL A 10 30.39 15.10 -4.06
C VAL A 10 30.68 15.10 -2.56
N ARG A 11 30.70 16.28 -1.96
CA ARG A 11 31.10 16.39 -0.56
C ARG A 11 29.93 16.08 0.36
N ARG A 12 30.28 15.74 1.60
CA ARG A 12 29.29 15.45 2.62
C ARG A 12 28.73 16.73 3.21
N GLU A 13 27.42 16.75 3.44
CA GLU A 13 26.77 17.91 4.04
C GLU A 13 27.01 17.95 5.54
N ASP A 14 27.28 19.15 6.05
CA ASP A 14 27.48 19.34 7.48
C ASP A 14 26.82 20.60 8.00
N VAL A 15 26.06 21.32 7.16
CA VAL A 15 25.42 22.55 7.60
C VAL A 15 24.30 22.26 8.59
N ASN A 16 23.63 21.13 8.43
CA ASN A 16 22.39 20.86 9.15
C ASN A 16 22.23 19.36 9.32
N ALA A 17 21.68 18.96 10.47
CA ALA A 17 21.42 17.54 10.71
C ALA A 17 20.29 17.01 9.83
N TRP A 18 19.46 17.88 9.29
CA TRP A 18 18.30 17.48 8.48
C TRP A 18 18.53 17.69 6.99
N GLU A 19 19.75 18.02 6.58
CA GLU A 19 20.07 18.18 5.16
C GLU A 19 20.46 16.81 4.61
N ARG A 20 19.45 16.11 4.09
CA ARG A 20 19.64 14.76 3.57
C ARG A 20 19.72 14.72 2.04
N ARG A 21 19.85 15.86 1.39
CA ARG A 21 19.90 15.92 -0.06
C ARG A 21 21.34 15.90 -0.56
N ALA A 22 21.47 15.74 -1.87
CA ALA A 22 22.77 15.73 -2.55
C ALA A 22 22.62 16.45 -3.88
N PRO A 23 23.70 17.07 -4.37
CA PRO A 23 23.60 17.74 -5.69
C PRO A 23 23.42 16.79 -6.84
N LEU A 24 23.73 15.51 -6.67
CA LEU A 24 23.60 14.52 -7.72
C LEU A 24 23.10 13.21 -7.14
N ALA A 25 22.35 12.47 -7.94
CA ALA A 25 21.85 11.15 -7.63
C ALA A 25 22.74 10.09 -8.26
N PRO A 26 22.64 8.83 -7.81
CA PRO A 26 23.49 7.78 -8.43
C PRO A 26 23.32 7.68 -9.93
N LYS A 27 22.14 7.99 -10.46
CA LYS A 27 21.93 7.92 -11.90
C LYS A 27 22.84 8.90 -12.63
N HIS A 28 23.11 10.06 -12.03
CA HIS A 28 23.99 11.04 -12.64
C HIS A 28 25.46 10.66 -12.48
N ILE A 29 25.81 9.97 -11.38
CA ILE A 29 27.17 9.50 -11.21
C ILE A 29 27.49 8.43 -12.25
N LYS A 30 26.50 7.61 -12.60
CA LYS A 30 26.71 6.59 -13.63
C LYS A 30 27.00 7.24 -14.99
N GLY A 31 26.24 8.27 -15.34
CA GLY A 31 26.45 8.95 -16.61
C GLY A 31 27.77 9.70 -16.68
N ILE A 32 28.22 10.26 -15.56
CA ILE A 32 29.48 10.99 -15.55
C ILE A 32 30.66 10.01 -15.63
N THR A 33 30.55 8.87 -14.95
CA THR A 33 31.61 7.87 -15.03
C THR A 33 31.65 7.22 -16.41
N ASN A 34 30.51 7.15 -17.10
CA ASN A 34 30.51 6.62 -18.46
C ASN A 34 31.28 7.52 -19.42
N LEU A 35 31.36 8.82 -19.12
CA LEU A 35 32.15 9.74 -19.91
C LEU A 35 33.64 9.63 -19.65
N GLY A 36 34.05 8.80 -18.67
CA GLY A 36 35.45 8.60 -18.37
C GLY A 36 35.98 9.40 -17.20
N TYR A 37 35.13 10.15 -16.50
CA TYR A 37 35.56 10.95 -15.37
C TYR A 37 35.48 10.16 -14.07
N LYS A 38 36.48 10.36 -13.22
CA LYS A 38 36.49 9.71 -11.91
C LYS A 38 35.67 10.54 -10.92
N VAL A 39 34.82 9.88 -10.16
CA VAL A 39 33.91 10.55 -9.23
C VAL A 39 34.17 10.02 -7.83
N LEU A 40 34.50 10.92 -6.91
CA LEU A 40 34.68 10.59 -5.51
C LEU A 40 33.43 10.96 -4.72
N ILE A 41 33.03 10.08 -3.80
CA ILE A 41 31.83 10.27 -3.01
C ILE A 41 32.25 10.29 -1.54
N GLN A 42 32.08 11.44 -0.90
CA GLN A 42 32.43 11.53 0.52
C GLN A 42 31.38 10.79 1.35
N PRO A 43 31.79 9.96 2.30
CA PRO A 43 30.80 9.17 3.06
C PRO A 43 29.87 10.07 3.85
N SER A 44 28.63 9.61 4.01
CA SER A 44 27.62 10.40 4.69
C SER A 44 26.49 9.48 5.14
N ASN A 45 26.39 9.25 6.46
CA ASN A 45 25.20 8.62 7.01
C ASN A 45 23.99 9.54 6.94
N ARG A 46 24.22 10.83 6.74
CA ARG A 46 23.15 11.82 6.73
C ARG A 46 22.34 11.80 5.44
N ARG A 47 22.97 11.43 4.33
CA ARG A 47 22.31 11.47 3.03
C ARG A 47 21.18 10.45 2.96
N ALA A 48 20.09 10.81 2.27
CA ALA A 48 18.95 9.91 2.15
C ALA A 48 19.27 8.75 1.22
N ILE A 49 20.02 9.00 0.16
CA ILE A 49 20.46 7.96 -0.74
C ILE A 49 21.74 7.34 -0.17
N HIS A 50 21.71 6.03 0.02
CA HIS A 50 22.80 5.35 0.71
C HIS A 50 24.10 5.45 -0.08
N ASP A 51 25.22 5.34 0.65
CA ASP A 51 26.53 5.39 0.02
C ASP A 51 26.70 4.30 -1.02
N LYS A 52 26.23 3.08 -0.72
CA LYS A 52 26.47 1.96 -1.61
C LYS A 52 25.69 2.09 -2.92
N ASP A 53 24.64 2.92 -2.96
CA ASP A 53 23.98 3.18 -4.23
C ASP A 53 24.83 4.03 -5.15
N TYR A 54 25.65 4.94 -4.58
CA TYR A 54 26.61 5.67 -5.39
C TYR A 54 27.78 4.80 -5.80
N VAL A 55 28.17 3.85 -4.96
CA VAL A 55 29.24 2.93 -5.31
C VAL A 55 28.80 2.01 -6.45
N LYS A 56 27.56 1.53 -6.39
CA LYS A 56 27.04 0.67 -7.45
C LYS A 56 26.93 1.39 -8.78
N ALA A 57 26.91 2.74 -8.76
CA ALA A 57 26.85 3.53 -9.99
C ALA A 57 28.22 3.96 -10.49
N GLY A 58 29.30 3.41 -9.93
CA GLY A 58 30.63 3.76 -10.35
C GLY A 58 31.36 4.77 -9.50
N GLY A 59 30.69 5.35 -8.50
CA GLY A 59 31.34 6.33 -7.64
C GLY A 59 32.28 5.67 -6.64
N ILE A 60 33.44 6.31 -6.44
CA ILE A 60 34.44 5.86 -5.47
C ILE A 60 34.23 6.64 -4.19
N LEU A 61 34.15 5.94 -3.06
CA LEU A 61 33.89 6.59 -1.78
C LEU A 61 35.19 6.71 -1.02
N GLN A 62 35.60 7.94 -0.72
CA GLN A 62 36.80 8.22 0.07
C GLN A 62 36.50 9.37 1.00
N GLU A 63 37.23 9.42 2.12
CA GLU A 63 37.14 10.55 3.03
C GLU A 63 38.02 11.72 2.60
N ASP A 64 39.05 11.46 1.81
CA ASP A 64 39.91 12.53 1.29
C ASP A 64 39.54 12.78 -0.16
N ILE A 65 39.06 13.99 -0.45
CA ILE A 65 38.68 14.35 -1.82
C ILE A 65 39.57 15.47 -2.32
N SER A 66 40.85 15.44 -1.92
CA SER A 66 41.81 16.42 -2.41
C SER A 66 42.16 16.19 -3.87
N GLU A 67 41.88 15.00 -4.41
CA GLU A 67 42.25 14.71 -5.79
C GLU A 67 41.34 15.42 -6.78
N ALA A 68 40.10 15.74 -6.37
CA ALA A 68 39.11 16.27 -7.28
C ALA A 68 39.42 17.71 -7.67
N CYS A 69 38.94 18.10 -8.84
CA CYS A 69 39.01 19.49 -9.30
C CYS A 69 37.72 20.24 -9.03
N LEU A 70 36.58 19.59 -9.25
CA LEU A 70 35.27 20.16 -8.95
C LEU A 70 34.67 19.44 -7.76
N ILE A 71 34.17 20.21 -6.80
CA ILE A 71 33.58 19.66 -5.58
C ILE A 71 32.17 20.23 -5.46
N LEU A 72 31.18 19.34 -5.53
CA LEU A 72 29.78 19.72 -5.50
C LEU A 72 29.17 19.46 -4.14
N GLY A 73 28.34 20.39 -3.68
CA GLY A 73 27.66 20.24 -2.41
C GLY A 73 26.35 21.00 -2.42
N VAL A 74 25.45 20.60 -1.53
CA VAL A 74 24.15 21.26 -1.43
C VAL A 74 24.29 22.65 -0.86
N LYS A 75 25.06 22.79 0.22
CA LYS A 75 25.30 24.08 0.86
C LYS A 75 26.78 24.39 0.85
N ARG A 76 27.09 25.66 1.11
CA ARG A 76 28.47 26.13 1.02
C ARG A 76 29.31 25.52 2.14
N PRO A 77 30.51 25.06 1.83
CA PRO A 77 31.42 24.56 2.87
C PRO A 77 31.95 25.71 3.71
N PRO A 78 32.03 25.53 5.02
CA PRO A 78 32.46 26.63 5.90
C PRO A 78 33.93 26.55 6.28
N GLU A 79 34.55 27.73 6.41
CA GLU A 79 35.92 27.95 6.89
C GLU A 79 36.91 26.86 6.46
N GLU A 80 37.39 26.08 7.44
CA GLU A 80 38.52 25.18 7.21
C GLU A 80 38.24 24.17 6.11
N LYS A 81 36.99 23.72 5.99
CA LYS A 81 36.67 22.65 5.05
C LYS A 81 36.96 23.07 3.61
N LEU A 82 36.73 24.35 3.30
CA LEU A 82 37.07 24.86 1.99
C LEU A 82 38.58 24.92 1.82
N MET A 83 39.10 24.38 0.71
CA MET A 83 40.52 24.31 0.46
C MET A 83 40.86 24.93 -0.89
N SER A 84 42.16 25.06 -1.16
CA SER A 84 42.63 25.87 -2.27
C SER A 84 42.79 25.05 -3.54
N ARG A 85 42.91 25.77 -4.67
CA ARG A 85 43.16 25.18 -5.98
C ARG A 85 42.04 24.22 -6.38
N LYS A 86 40.80 24.59 -6.04
CA LYS A 86 39.65 23.77 -6.38
C LYS A 86 38.53 24.65 -6.91
N THR A 87 37.56 24.01 -7.55
CA THR A 87 36.36 24.68 -8.04
C THR A 87 35.16 24.12 -7.29
N TYR A 88 34.42 24.99 -6.61
CA TYR A 88 33.30 24.58 -5.77
C TYR A 88 31.99 25.10 -6.33
N ALA A 89 30.90 24.40 -5.99
CA ALA A 89 29.55 24.80 -6.34
C ALA A 89 28.63 24.48 -5.16
N PHE A 90 27.69 25.38 -4.88
CA PHE A 90 26.87 25.25 -3.68
C PHE A 90 25.67 26.19 -3.79
N PHE A 91 24.81 26.13 -2.77
CA PHE A 91 23.77 27.11 -2.53
C PHE A 91 24.19 28.03 -1.38
N SER A 92 23.57 29.20 -1.33
CA SER A 92 23.84 30.16 -0.27
C SER A 92 22.76 31.25 -0.24
N LEU A 105 35.65 35.14 -0.97
CA LEU A 105 35.84 36.58 -1.11
C LEU A 105 37.22 36.99 -0.58
N ASP A 106 37.82 38.02 -1.20
CA ASP A 106 39.08 38.63 -0.77
C ASP A 106 40.27 37.70 -0.97
N GLU A 107 40.33 36.59 -0.22
CA GLU A 107 41.42 35.64 -0.33
C GLU A 107 41.21 34.62 -1.44
N ILE A 108 40.11 34.72 -2.19
CA ILE A 108 39.85 33.80 -3.30
C ILE A 108 41.02 33.78 -4.26
N LEU A 109 41.52 34.97 -4.62
CA LEU A 109 42.55 35.06 -5.65
C LEU A 109 43.86 34.45 -5.18
N LYS A 110 44.19 34.63 -3.90
CA LYS A 110 45.39 34.02 -3.34
C LYS A 110 45.31 32.50 -3.40
N GLN A 111 44.18 31.93 -2.96
CA GLN A 111 43.99 30.49 -2.97
C GLN A 111 43.62 29.94 -4.34
N GLU A 112 43.28 30.81 -5.29
CA GLU A 112 42.92 30.41 -6.65
C GLU A 112 41.84 29.33 -6.65
N ILE A 113 40.69 29.69 -6.09
CA ILE A 113 39.54 28.81 -6.03
C ILE A 113 38.35 29.52 -6.67
N ARG A 114 37.55 28.77 -7.40
CA ARG A 114 36.39 29.31 -8.09
C ARG A 114 35.13 28.81 -7.40
N LEU A 115 34.23 29.72 -7.07
CA LEU A 115 32.98 29.39 -6.39
C LEU A 115 31.81 29.67 -7.32
N ILE A 116 30.93 28.69 -7.45
CA ILE A 116 29.76 28.78 -8.32
C ILE A 116 28.51 28.61 -7.45
N ASP A 117 27.55 29.49 -7.63
CA ASP A 117 26.28 29.44 -6.90
C ASP A 117 25.20 28.96 -7.85
N TYR A 118 24.53 27.86 -7.47
CA TYR A 118 23.43 27.35 -8.29
C TYR A 118 22.33 28.39 -8.47
N GLU A 119 22.11 29.24 -7.46
CA GLU A 119 21.05 30.25 -7.56
C GLU A 119 21.28 31.21 -8.71
N LYS A 120 22.54 31.47 -9.06
CA LYS A 120 22.86 32.40 -10.13
C LYS A 120 22.86 31.75 -11.51
N MET A 121 22.53 30.46 -11.60
CA MET A 121 22.48 29.77 -12.90
C MET A 121 21.14 30.09 -13.55
N VAL A 122 21.14 31.07 -14.45
CA VAL A 122 19.94 31.53 -15.13
C VAL A 122 20.18 31.54 -16.62
N ASP A 123 19.10 31.42 -17.40
CA ASP A 123 19.18 31.38 -18.85
C ASP A 123 19.13 32.80 -19.41
N HIS A 124 18.98 32.91 -20.74
CA HIS A 124 18.91 34.22 -21.36
C HIS A 124 17.69 35.00 -20.89
N ARG A 125 16.58 34.32 -20.64
CA ARG A 125 15.38 35.00 -20.16
C ARG A 125 15.57 35.51 -18.74
N GLY A 126 16.35 34.81 -17.92
CA GLY A 126 16.61 35.22 -16.56
C GLY A 126 16.06 34.30 -15.49
N VAL A 127 15.33 33.27 -15.87
CA VAL A 127 14.75 32.34 -14.90
C VAL A 127 15.79 31.30 -14.51
N ARG A 128 15.80 30.91 -13.23
CA ARG A 128 16.76 29.94 -12.74
C ARG A 128 16.59 28.59 -13.43
N VAL A 129 17.71 27.96 -13.74
CA VAL A 129 17.72 26.66 -14.42
C VAL A 129 17.94 25.50 -13.45
N VAL A 130 18.69 25.71 -12.36
CA VAL A 130 19.01 24.65 -11.41
C VAL A 130 18.26 24.97 -10.11
N ALA A 131 17.12 24.29 -9.91
CA ALA A 131 16.32 24.47 -8.70
C ALA A 131 15.82 23.10 -8.25
N PHE A 132 14.97 23.09 -7.23
CA PHE A 132 14.40 21.84 -6.73
C PHE A 132 12.99 21.59 -7.25
N GLY A 133 12.45 22.49 -8.07
CA GLY A 133 11.21 22.20 -8.78
C GLY A 133 10.01 22.17 -7.87
N GLN A 134 9.15 21.17 -8.10
CA GLN A 134 7.84 21.07 -7.47
C GLN A 134 7.88 20.50 -6.06
N TRP A 135 9.02 20.00 -5.60
CA TRP A 135 9.04 19.20 -4.38
C TRP A 135 8.83 20.02 -3.12
N ALA A 136 9.02 21.34 -3.17
CA ALA A 136 8.65 22.17 -2.04
C ALA A 136 7.12 22.23 -1.89
N GLY A 137 6.42 22.24 -3.01
CA GLY A 137 4.96 22.26 -3.00
C GLY A 137 4.35 20.91 -2.71
N VAL A 138 4.96 19.84 -3.22
CA VAL A 138 4.49 18.48 -2.92
C VAL A 138 4.55 18.24 -1.41
N ALA A 139 5.68 18.59 -0.79
CA ALA A 139 5.82 18.39 0.64
C ALA A 139 4.91 19.32 1.43
N GLY A 140 4.76 20.56 0.96
CA GLY A 140 3.93 21.52 1.68
C GLY A 140 2.47 21.11 1.72
N MET A 141 1.97 20.53 0.63
CA MET A 141 0.57 20.11 0.60
C MET A 141 0.32 18.95 1.57
N ILE A 142 1.24 17.99 1.61
CA ILE A 142 1.11 16.87 2.54
C ILE A 142 1.15 17.38 3.98
N ASN A 143 2.05 18.32 4.26
CA ASN A 143 2.18 18.84 5.62
C ASN A 143 0.91 19.56 6.06
N ILE A 144 0.33 20.39 5.19
CA ILE A 144 -0.82 21.18 5.60
C ILE A 144 -2.07 20.30 5.70
N LEU A 145 -2.14 19.23 4.91
CA LEU A 145 -3.22 18.26 5.10
C LEU A 145 -3.07 17.54 6.43
N HIS A 146 -1.83 17.19 6.80
CA HIS A 146 -1.59 16.64 8.12
C HIS A 146 -1.89 17.66 9.22
N GLY A 147 -1.54 18.93 8.98
CA GLY A 147 -1.80 19.95 9.99
C GLY A 147 -3.28 20.20 10.19
N MET A 148 -4.07 20.16 9.12
CA MET A 148 -5.50 20.34 9.25
C MET A 148 -6.14 19.20 10.03
N GLY A 149 -5.62 17.98 9.89
CA GLY A 149 -6.13 16.88 10.68
C GLY A 149 -5.94 17.09 12.17
N LEU A 150 -4.78 17.59 12.57
CA LEU A 150 -4.53 17.88 13.98
C LEU A 150 -5.34 19.09 14.44
N ARG A 151 -5.41 20.14 13.62
CA ARG A 151 -6.13 21.34 14.01
C ARG A 151 -7.63 21.09 14.13
N LEU A 152 -8.20 20.31 13.20
CA LEU A 152 -9.62 20.02 13.26
C LEU A 152 -9.94 19.10 14.43
N LEU A 153 -9.02 18.22 14.82
CA LEU A 153 -9.25 17.37 15.98
C LEU A 153 -9.14 18.18 17.27
N ALA A 154 -8.22 19.15 17.31
CA ALA A 154 -8.13 20.04 18.47
C ALA A 154 -9.42 20.84 18.63
N LEU A 155 -10.06 21.21 17.52
CA LEU A 155 -11.36 21.86 17.54
C LEU A 155 -12.50 20.89 17.81
N GLY A 156 -12.21 19.60 17.92
CA GLY A 156 -13.21 18.61 18.26
C GLY A 156 -13.78 17.81 17.12
N HIS A 157 -13.05 17.65 16.02
CA HIS A 157 -13.55 16.96 14.84
C HIS A 157 -12.52 15.95 14.36
N HIS A 158 -12.87 14.67 14.40
CA HIS A 158 -12.06 13.66 13.75
C HIS A 158 -12.37 13.64 12.26
N THR A 159 -11.34 13.72 11.44
CA THR A 159 -11.44 13.75 10.00
C THR A 159 -10.47 12.76 9.39
N PRO A 160 -10.69 12.34 8.13
CA PRO A 160 -9.71 11.48 7.46
C PRO A 160 -8.33 12.11 7.31
N PHE A 161 -8.21 13.44 7.48
CA PHE A 161 -6.91 14.08 7.44
C PHE A 161 -6.01 13.65 8.58
N MET A 162 -6.57 13.04 9.64
CA MET A 162 -5.74 12.47 10.70
C MET A 162 -4.88 11.32 10.19
N HIS A 163 -5.27 10.68 9.09
CA HIS A 163 -4.55 9.55 8.53
C HIS A 163 -3.53 9.95 7.48
N ILE A 164 -3.07 11.20 7.53
CA ILE A 164 -1.98 11.68 6.68
C ILE A 164 -0.89 12.23 7.60
N GLY A 165 0.35 11.76 7.40
CA GLY A 165 1.47 12.19 8.20
C GLY A 165 2.25 13.32 7.53
N MET A 166 3.33 13.71 8.21
CA MET A 166 4.25 14.68 7.64
C MET A 166 4.93 14.11 6.40
N ALA A 167 5.40 15.01 5.54
CA ALA A 167 5.99 14.58 4.27
C ALA A 167 7.23 13.72 4.49
N HIS A 168 8.00 13.98 5.55
CA HIS A 168 9.20 13.21 5.80
C HIS A 168 8.92 11.85 6.44
N ASN A 169 7.67 11.56 6.78
CA ASN A 169 7.31 10.25 7.31
C ASN A 169 7.07 9.22 6.22
N TYR A 170 7.31 9.57 4.96
CA TYR A 170 7.09 8.68 3.83
C TYR A 170 8.39 8.49 3.06
N ARG A 171 8.59 7.28 2.54
CA ARG A 171 9.81 6.97 1.80
C ARG A 171 9.93 7.84 0.55
N ASN A 172 8.82 8.08 -0.15
CA ASN A 172 8.81 8.92 -1.33
C ASN A 172 7.39 9.44 -1.53
N SER A 173 7.22 10.28 -2.55
CA SER A 173 5.91 10.86 -2.82
C SER A 173 4.89 9.79 -3.19
N SER A 174 5.35 8.67 -3.77
CA SER A 174 4.43 7.58 -4.10
C SER A 174 3.76 7.02 -2.86
N GLN A 175 4.53 6.79 -1.79
CA GLN A 175 3.95 6.31 -0.55
C GLN A 175 3.03 7.35 0.08
N ALA A 176 3.40 8.63 -0.04
CA ALA A 176 2.53 9.69 0.48
C ALA A 176 1.25 9.79 -0.32
N VAL A 177 1.33 9.61 -1.64
CA VAL A 177 0.13 9.66 -2.48
C VAL A 177 -0.84 8.56 -2.09
N GLN A 178 -0.34 7.36 -1.77
CA GLN A 178 -1.22 6.29 -1.34
C GLN A 178 -1.94 6.64 -0.04
N ALA A 179 -1.25 7.34 0.87
CA ALA A 179 -1.92 7.77 2.10
C ALA A 179 -2.96 8.84 1.81
N VAL A 180 -2.65 9.76 0.90
CA VAL A 180 -3.61 10.80 0.54
C VAL A 180 -4.83 10.19 -0.15
N ARG A 181 -4.60 9.21 -1.03
CA ARG A 181 -5.72 8.56 -1.70
C ARG A 181 -6.55 7.74 -0.72
N ASP A 182 -5.90 7.12 0.27
CA ASP A 182 -6.65 6.39 1.29
C ASP A 182 -7.51 7.32 2.11
N ALA A 183 -6.98 8.47 2.51
CA ALA A 183 -7.78 9.45 3.23
C ALA A 183 -8.84 10.05 2.34
N GLY A 184 -8.55 10.22 1.04
CA GLY A 184 -9.57 10.69 0.13
C GLY A 184 -10.70 9.72 -0.08
N TYR A 185 -10.40 8.42 0.04
CA TYR A 185 -11.46 7.41 -0.05
C TYR A 185 -12.42 7.53 1.12
N GLU A 186 -11.88 7.78 2.33
CA GLU A 186 -12.74 7.99 3.48
C GLU A 186 -13.64 9.21 3.29
N ILE A 187 -13.13 10.24 2.62
CA ILE A 187 -13.95 11.42 2.34
C ILE A 187 -15.04 11.09 1.34
N SER A 188 -14.71 10.34 0.29
CA SER A 188 -15.71 9.95 -0.70
C SER A 188 -16.81 9.08 -0.09
N LEU A 189 -16.48 8.33 0.95
CA LEU A 189 -17.46 7.50 1.65
C LEU A 189 -18.33 8.31 2.60
N GLY A 190 -18.13 9.62 2.69
CA GLY A 190 -18.94 10.46 3.56
C GLY A 190 -18.58 10.38 5.03
N LEU A 191 -17.31 10.16 5.35
CA LEU A 191 -16.86 10.05 6.73
C LEU A 191 -16.39 11.40 7.30
N MET A 192 -16.57 12.49 6.57
CA MET A 192 -16.28 13.81 7.09
C MET A 192 -17.40 14.24 8.05
N PRO A 193 -17.06 14.93 9.14
CA PRO A 193 -18.10 15.51 9.99
C PRO A 193 -18.86 16.60 9.24
N LYS A 194 -20.19 16.47 9.21
CA LYS A 194 -21.00 17.35 8.37
C LYS A 194 -21.04 18.78 8.90
N SER A 195 -20.84 18.96 10.21
CA SER A 195 -21.06 20.27 10.81
C SER A 195 -20.04 21.31 10.35
N ILE A 196 -18.83 20.88 9.97
CA ILE A 196 -17.81 21.83 9.57
C ILE A 196 -17.94 22.29 8.13
N GLY A 197 -18.90 21.74 7.39
CA GLY A 197 -19.19 22.20 6.04
C GLY A 197 -18.14 21.79 5.03
N PRO A 198 -18.33 22.20 3.78
CA PRO A 198 -17.37 21.85 2.74
C PRO A 198 -16.05 22.58 2.92
N LEU A 199 -14.99 21.94 2.45
CA LEU A 199 -13.63 22.46 2.60
C LEU A 199 -13.15 23.00 1.25
N THR A 200 -12.57 24.20 1.28
CA THR A 200 -12.10 24.86 0.07
C THR A 200 -10.61 25.18 0.20
N PHE A 201 -9.88 24.90 -0.87
CA PHE A 201 -8.43 25.09 -0.91
C PHE A 201 -8.10 26.07 -2.03
N VAL A 202 -7.29 27.08 -1.71
CA VAL A 202 -6.91 28.12 -2.67
C VAL A 202 -5.42 28.00 -2.95
N PHE A 203 -5.06 27.92 -4.22
CA PHE A 203 -3.67 27.82 -4.67
C PHE A 203 -3.27 29.13 -5.33
N THR A 204 -2.30 29.82 -4.75
CA THR A 204 -1.75 31.03 -5.33
C THR A 204 -0.36 30.74 -5.89
N GLY A 205 0.04 31.57 -6.84
CA GLY A 205 1.32 31.40 -7.50
C GLY A 205 1.22 30.55 -8.76
N THR A 206 2.23 30.70 -9.61
CA THR A 206 2.28 30.00 -10.89
C THR A 206 3.50 29.10 -11.04
N GLY A 207 4.40 29.08 -10.08
CA GLY A 207 5.62 28.31 -10.19
C GLY A 207 5.37 26.81 -10.11
N ASN A 208 6.47 26.07 -10.06
CA ASN A 208 6.39 24.61 -9.98
C ASN A 208 5.92 24.16 -8.60
N VAL A 209 6.18 24.95 -7.56
CA VAL A 209 5.76 24.56 -6.22
C VAL A 209 4.23 24.58 -6.11
N SER A 210 3.58 25.51 -6.80
CA SER A 210 2.12 25.53 -6.83
C SER A 210 1.57 24.32 -7.58
N LYS A 211 2.26 23.90 -8.65
CA LYS A 211 1.85 22.71 -9.39
C LYS A 211 2.08 21.44 -8.57
N GLY A 212 3.13 21.41 -7.76
CA GLY A 212 3.37 20.25 -6.91
C GLY A 212 2.32 20.10 -5.82
N ALA A 213 1.84 21.23 -5.28
CA ALA A 213 0.78 21.17 -4.29
C ALA A 213 -0.53 20.68 -4.92
N GLN A 214 -0.80 21.11 -6.15
CA GLN A 214 -2.01 20.64 -6.84
C GLN A 214 -1.90 19.16 -7.19
N ALA A 215 -0.69 18.66 -7.45
CA ALA A 215 -0.52 17.24 -7.76
C ALA A 215 -0.95 16.36 -6.59
N ILE A 216 -0.64 16.79 -5.37
CA ILE A 216 -1.09 16.05 -4.18
C ILE A 216 -2.58 16.24 -3.97
N PHE A 217 -3.07 17.47 -4.20
CA PHE A 217 -4.50 17.74 -4.01
C PHE A 217 -5.35 16.97 -4.99
N ASN A 218 -4.82 16.66 -6.17
CA ASN A 218 -5.58 15.89 -7.17
C ASN A 218 -5.82 14.45 -6.76
N GLU A 219 -5.13 13.95 -5.73
CA GLU A 219 -5.37 12.59 -5.27
C GLU A 219 -6.60 12.49 -4.37
N LEU A 220 -7.11 13.61 -3.87
CA LEU A 220 -8.32 13.64 -3.07
C LEU A 220 -9.54 13.66 -3.98
N PRO A 221 -10.74 13.39 -3.44
CA PRO A 221 -11.94 13.54 -4.28
C PRO A 221 -12.24 15.01 -4.56
N CYS A 222 -11.39 15.63 -5.36
CA CYS A 222 -11.40 17.08 -5.50
C CYS A 222 -12.23 17.51 -6.70
N GLU A 223 -12.68 18.77 -6.65
CA GLU A 223 -13.36 19.42 -7.77
C GLU A 223 -12.84 20.85 -7.85
N TYR A 224 -12.33 21.23 -9.01
CA TYR A 224 -11.81 22.57 -9.22
C TYR A 224 -12.91 23.50 -9.69
N VAL A 225 -13.01 24.67 -9.05
CA VAL A 225 -14.02 25.66 -9.37
C VAL A 225 -13.33 26.99 -9.63
N GLU A 226 -14.03 27.88 -10.32
CA GLU A 226 -13.52 29.22 -10.54
C GLU A 226 -13.58 30.02 -9.25
N PRO A 227 -12.68 31.01 -9.09
CA PRO A 227 -12.66 31.79 -7.83
C PRO A 227 -13.99 32.45 -7.48
N HIS A 228 -14.80 32.81 -8.48
CA HIS A 228 -16.10 33.41 -8.18
C HIS A 228 -17.10 32.39 -7.64
N GLU A 229 -16.84 31.10 -7.82
CA GLU A 229 -17.73 30.07 -7.31
C GLU A 229 -17.48 29.71 -5.85
N LEU A 230 -16.41 30.24 -5.25
CA LEU A 230 -16.07 29.87 -3.89
C LEU A 230 -17.16 30.27 -2.91
N LYS A 231 -17.82 31.40 -3.15
CA LYS A 231 -18.85 31.88 -2.24
C LYS A 231 -20.01 30.90 -2.15
N GLU A 232 -20.42 30.34 -3.29
CA GLU A 232 -21.48 29.34 -3.29
C GLU A 232 -20.96 27.97 -2.86
N VAL A 233 -19.77 27.59 -3.33
CA VAL A 233 -19.23 26.27 -3.05
C VAL A 233 -18.94 26.11 -1.56
N SER A 234 -18.45 27.16 -0.89
CA SER A 234 -18.14 27.06 0.53
C SER A 234 -19.38 26.92 1.40
N GLN A 235 -20.58 27.01 0.84
CA GLN A 235 -21.82 26.87 1.58
C GLN A 235 -22.63 25.65 1.19
N THR A 236 -22.67 25.29 -0.09
CA THR A 236 -23.49 24.20 -0.58
C THR A 236 -22.68 23.06 -1.18
N GLY A 237 -21.37 23.05 -1.00
CA GLY A 237 -20.55 22.04 -1.63
C GLY A 237 -20.85 20.64 -1.11
N ASP A 238 -20.58 19.65 -1.94
CA ASP A 238 -20.77 18.26 -1.55
C ASP A 238 -19.76 17.88 -0.48
N LEU A 239 -20.26 17.36 0.65
CA LEU A 239 -19.40 16.99 1.77
C LEU A 239 -18.59 15.74 1.50
N ARG A 240 -18.87 15.00 0.42
CA ARG A 240 -18.05 13.90 -0.02
C ARG A 240 -16.91 14.34 -0.94
N LYS A 241 -16.74 15.65 -1.13
CA LYS A 241 -15.71 16.19 -1.99
C LYS A 241 -14.93 17.28 -1.25
N VAL A 242 -13.75 17.59 -1.78
CA VAL A 242 -13.00 18.78 -1.41
C VAL A 242 -12.93 19.67 -2.64
N TYR A 243 -12.92 20.98 -2.42
CA TYR A 243 -12.98 21.94 -3.51
C TYR A 243 -11.70 22.78 -3.53
N GLY A 244 -11.19 23.00 -4.73
CA GLY A 244 -9.99 23.79 -4.91
C GLY A 244 -10.16 24.80 -6.03
N THR A 245 -9.40 25.89 -5.92
CA THR A 245 -9.37 26.89 -6.97
C THR A 245 -7.95 27.39 -7.13
N VAL A 246 -7.56 27.68 -8.37
CA VAL A 246 -6.24 28.21 -8.68
C VAL A 246 -6.39 29.70 -8.96
N LEU A 247 -5.75 30.52 -8.14
CA LEU A 247 -5.91 31.97 -8.20
C LEU A 247 -4.89 32.56 -9.16
N SER A 248 -5.38 33.30 -10.15
CA SER A 248 -4.52 34.06 -11.06
C SER A 248 -4.52 35.53 -10.64
N ARG A 249 -3.66 36.30 -11.31
CA ARG A 249 -3.53 37.72 -10.97
C ARG A 249 -4.80 38.49 -11.29
N HIS A 250 -5.42 38.22 -12.45
CA HIS A 250 -6.61 38.95 -12.84
C HIS A 250 -7.84 38.62 -12.00
N HIS A 251 -7.74 37.62 -11.12
CA HIS A 251 -8.87 37.26 -10.28
C HIS A 251 -9.03 38.19 -9.08
N HIS A 252 -7.95 38.82 -8.63
CA HIS A 252 -7.99 39.60 -7.39
C HIS A 252 -7.29 40.95 -7.45
N LEU A 253 -6.44 41.22 -8.45
CA LEU A 253 -5.72 42.46 -8.52
C LEU A 253 -6.50 43.50 -9.34
N VAL A 254 -6.73 44.66 -8.74
CA VAL A 254 -7.48 45.75 -9.37
C VAL A 254 -6.74 47.06 -9.14
N ARG A 255 -6.94 48.01 -10.05
CA ARG A 255 -6.33 49.32 -9.90
C ARG A 255 -7.00 50.09 -8.77
N LYS A 256 -6.20 50.91 -8.08
CA LYS A 256 -6.74 51.70 -6.97
C LYS A 256 -7.75 52.73 -7.45
N THR A 257 -7.63 53.20 -8.69
CA THR A 257 -8.48 54.25 -9.21
C THR A 257 -9.79 53.73 -9.79
N ASP A 258 -9.72 52.75 -10.70
CA ASP A 258 -10.91 52.31 -11.42
C ASP A 258 -11.10 50.79 -11.36
N ALA A 259 -10.36 50.09 -10.51
CA ALA A 259 -10.54 48.65 -10.30
C ALA A 259 -10.35 47.85 -11.58
N VAL A 260 -9.58 48.39 -12.51
CA VAL A 260 -9.28 47.72 -13.78
C VAL A 260 -7.96 46.97 -13.62
N TYR A 261 -7.84 45.85 -14.33
CA TYR A 261 -6.61 45.05 -14.33
C TYR A 261 -5.97 45.12 -15.71
N ASP A 262 -4.77 45.69 -15.78
CA ASP A 262 -3.93 45.65 -16.98
C ASP A 262 -2.71 44.81 -16.66
N PRO A 263 -2.56 43.63 -17.28
CA PRO A 263 -1.44 42.75 -16.91
C PRO A 263 -0.07 43.36 -17.14
N ALA A 264 0.10 44.08 -18.25
CA ALA A 264 1.39 44.72 -18.51
C ALA A 264 1.67 45.84 -17.51
N GLU A 265 0.65 46.62 -17.16
CA GLU A 265 0.84 47.72 -16.23
C GLU A 265 1.18 47.23 -14.83
N TYR A 266 0.55 46.12 -14.40
CA TYR A 266 0.87 45.57 -13.09
C TYR A 266 2.30 45.05 -13.04
N ASP A 267 2.76 44.43 -14.14
CA ASP A 267 4.12 43.91 -14.18
C ASP A 267 5.16 45.03 -14.17
N LYS A 268 4.78 46.24 -14.56
CA LYS A 268 5.66 47.41 -14.51
C LYS A 268 5.43 48.27 -13.28
N HIS A 269 4.17 48.46 -12.87
CA HIS A 269 3.82 49.32 -11.75
C HIS A 269 2.81 48.62 -10.85
N PRO A 270 3.29 47.70 -9.99
CA PRO A 270 2.37 47.06 -9.03
C PRO A 270 1.92 47.97 -7.90
N GLU A 271 2.54 49.13 -7.73
CA GLU A 271 2.11 50.06 -6.69
C GLU A 271 0.80 50.76 -7.03
N ARG A 272 0.30 50.59 -8.26
CA ARG A 272 -0.98 51.15 -8.67
C ARG A 272 -2.15 50.20 -8.41
N TYR A 273 -1.89 49.03 -7.82
CA TYR A 273 -2.91 48.00 -7.68
C TYR A 273 -3.05 47.60 -6.22
N ILE A 274 -4.22 47.01 -5.91
CA ILE A 274 -4.50 46.42 -4.61
C ILE A 274 -5.01 44.99 -4.83
N SER A 275 -5.33 44.32 -3.74
CA SER A 275 -5.82 42.95 -3.78
C SER A 275 -7.16 42.87 -3.07
N ARG A 276 -8.16 42.35 -3.76
CA ARG A 276 -9.46 42.07 -3.16
C ARG A 276 -9.55 40.64 -2.64
N PHE A 277 -8.41 39.96 -2.48
CA PHE A 277 -8.40 38.61 -1.92
C PHE A 277 -9.04 38.58 -0.55
N ASN A 278 -8.85 39.63 0.26
CA ASN A 278 -9.35 39.64 1.62
C ASN A 278 -10.87 39.63 1.67
N THR A 279 -11.53 40.21 0.68
CA THR A 279 -12.99 40.29 0.66
C THR A 279 -13.63 39.30 -0.30
N ASP A 280 -13.00 39.03 -1.44
CA ASP A 280 -13.59 38.19 -2.47
C ASP A 280 -13.30 36.71 -2.28
N ILE A 281 -12.16 36.36 -1.68
CA ILE A 281 -11.70 34.98 -1.63
C ILE A 281 -11.56 34.48 -0.20
N ALA A 282 -10.84 35.22 0.63
CA ALA A 282 -10.50 34.78 1.98
C ALA A 282 -11.70 34.36 2.84
N PRO A 283 -12.84 35.06 2.86
CA PRO A 283 -13.94 34.60 3.71
C PRO A 283 -14.52 33.24 3.33
N TYR A 284 -14.16 32.71 2.15
CA TYR A 284 -14.68 31.43 1.69
C TYR A 284 -13.58 30.40 1.51
N THR A 285 -12.44 30.60 2.17
CA THR A 285 -11.27 29.73 2.04
C THR A 285 -11.06 28.98 3.34
N THR A 286 -10.90 27.66 3.25
CA THR A 286 -10.56 26.85 4.42
C THR A 286 -9.06 26.72 4.60
N CYS A 287 -8.33 26.49 3.50
CA CYS A 287 -6.88 26.33 3.54
C CYS A 287 -6.26 27.08 2.37
N LEU A 288 -5.26 27.90 2.67
CA LEU A 288 -4.57 28.69 1.67
C LEU A 288 -3.17 28.14 1.47
N ILE A 289 -2.88 27.68 0.25
CA ILE A 289 -1.55 27.21 -0.12
C ILE A 289 -0.90 28.33 -0.93
N ASN A 290 0.06 29.02 -0.31
CA ASN A 290 0.60 30.27 -0.85
C ASN A 290 1.95 30.01 -1.51
N GLY A 291 1.99 30.19 -2.82
CA GLY A 291 3.24 30.09 -3.56
C GLY A 291 3.50 31.34 -4.40
N ILE A 292 3.19 32.50 -3.83
CA ILE A 292 3.24 33.75 -4.56
C ILE A 292 4.67 34.29 -4.58
N TYR A 293 5.06 34.84 -5.72
CA TYR A 293 6.30 35.60 -5.86
C TYR A 293 5.99 37.05 -5.47
N TRP A 294 6.47 37.45 -4.29
CA TRP A 294 6.11 38.74 -3.71
C TRP A 294 7.34 39.64 -3.68
N GLU A 295 7.23 40.81 -4.31
CA GLU A 295 8.22 41.87 -4.21
C GLU A 295 7.74 42.91 -3.20
N GLN A 296 8.64 43.84 -2.88
CA GLN A 296 8.37 44.76 -1.77
C GLN A 296 7.23 45.74 -2.07
N ASN A 297 7.00 46.04 -3.35
CA ASN A 297 5.92 46.94 -3.74
C ASN A 297 4.80 46.22 -4.46
N THR A 298 4.55 44.96 -4.10
CA THR A 298 3.46 44.07 -4.49
C THR A 298 2.32 44.16 -3.48
N PRO A 299 1.08 44.23 -3.94
CA PRO A 299 -0.05 44.28 -3.00
C PRO A 299 -0.07 43.04 -2.11
N ARG A 300 -0.33 43.26 -0.84
CA ARG A 300 -0.36 42.17 0.12
C ARG A 300 -1.66 41.39 0.00
N LEU A 301 -1.56 40.07 0.17
CA LEU A 301 -2.74 39.22 0.06
C LEU A 301 -3.64 39.38 1.28
N LEU A 302 -3.07 39.40 2.48
CA LEU A 302 -3.82 39.57 3.72
C LEU A 302 -3.01 40.42 4.69
N THR A 303 -3.69 41.33 5.38
CA THR A 303 -3.08 42.17 6.39
C THR A 303 -3.43 41.65 7.78
N ARG A 304 -2.88 42.30 8.80
CA ARG A 304 -3.20 41.92 10.17
C ARG A 304 -4.65 42.23 10.51
N GLN A 305 -5.17 43.35 10.00
CA GLN A 305 -6.57 43.70 10.25
C GLN A 305 -7.52 42.76 9.53
N ASP A 306 -7.12 42.27 8.35
CA ASP A 306 -7.92 41.26 7.66
C ASP A 306 -8.05 40.00 8.50
N ALA A 307 -6.97 39.57 9.14
CA ALA A 307 -7.02 38.39 10.00
C ALA A 307 -7.93 38.62 11.19
N GLN A 308 -7.92 39.84 11.76
CA GLN A 308 -8.79 40.15 12.88
C GLN A 308 -10.25 40.09 12.47
N SER A 309 -10.57 40.51 11.24
CA SER A 309 -11.94 40.44 10.75
C SER A 309 -12.35 39.02 10.38
N LEU A 310 -11.40 38.21 9.91
CA LEU A 310 -11.72 36.83 9.55
C LEU A 310 -12.00 35.95 10.77
N LEU A 311 -11.62 36.41 11.96
CA LEU A 311 -11.82 35.65 13.20
C LEU A 311 -12.73 36.48 14.10
N ALA A 312 -14.02 36.19 14.05
CA ALA A 312 -15.00 36.90 14.86
C ALA A 312 -16.06 35.94 15.41
N GLU A 322 -23.91 21.26 19.11
CA GLU A 322 -23.37 21.08 20.45
C GLU A 322 -22.29 20.01 20.44
N GLY A 323 -22.69 18.76 20.13
CA GLY A 323 -21.71 17.72 19.90
C GLY A 323 -21.18 17.69 18.49
N CYS A 324 -21.85 18.40 17.57
CA CYS A 324 -21.40 18.55 16.19
C CYS A 324 -21.37 20.04 15.89
N PRO A 325 -20.37 20.75 16.39
CA PRO A 325 -20.32 22.20 16.20
C PRO A 325 -19.68 22.58 14.88
N ALA A 326 -19.93 23.83 14.49
CA ALA A 326 -19.34 24.39 13.29
C ALA A 326 -17.97 24.96 13.60
N LEU A 327 -17.23 25.26 12.54
CA LEU A 327 -15.91 25.83 12.70
C LEU A 327 -16.02 27.25 13.24
N PRO A 328 -15.07 27.68 14.07
CA PRO A 328 -15.10 29.07 14.56
C PRO A 328 -14.96 30.07 13.43
N HIS A 329 -14.11 29.77 12.45
CA HIS A 329 -13.91 30.61 11.29
C HIS A 329 -13.67 29.72 10.08
N LYS A 330 -13.92 30.28 8.90
CA LYS A 330 -13.81 29.46 7.70
C LYS A 330 -12.36 29.09 7.41
N LEU A 331 -11.43 30.00 7.69
CA LEU A 331 -10.02 29.80 7.34
C LEU A 331 -9.36 28.97 8.43
N VAL A 332 -9.01 27.73 8.09
CA VAL A 332 -8.43 26.85 9.09
C VAL A 332 -6.92 27.01 9.15
N ALA A 333 -6.27 27.06 7.99
CA ALA A 333 -4.82 27.04 7.98
C ALA A 333 -4.30 27.73 6.73
N ILE A 334 -3.03 28.13 6.80
CA ILE A 334 -2.29 28.71 5.69
C ILE A 334 -0.92 28.04 5.63
N CYS A 335 -0.50 27.64 4.44
CA CYS A 335 0.81 27.03 4.22
C CYS A 335 1.60 27.83 3.20
N ASP A 336 2.82 28.20 3.57
CA ASP A 336 3.72 28.96 2.71
C ASP A 336 4.70 27.99 2.05
N ILE A 337 4.54 27.79 0.74
CA ILE A 337 5.34 26.81 0.00
C ILE A 337 6.39 27.46 -0.88
N SER A 338 6.46 28.79 -0.92
CA SER A 338 7.46 29.48 -1.74
C SER A 338 8.45 30.29 -0.92
N ALA A 339 8.39 30.20 0.42
CA ALA A 339 9.21 30.97 1.34
C ALA A 339 9.06 32.48 1.14
N ASP A 340 8.05 32.92 0.42
CA ASP A 340 7.85 34.34 0.12
C ASP A 340 6.48 34.79 0.63
N GLY A 343 6.26 37.97 2.43
CA GLY A 343 5.70 39.24 2.90
C GLY A 343 4.30 39.50 2.40
N SER A 344 3.77 38.59 1.59
CA SER A 344 2.41 38.74 1.08
C SER A 344 1.37 38.55 2.19
N ILE A 345 1.64 37.65 3.13
CA ILE A 345 0.83 37.50 4.33
C ILE A 345 1.52 38.28 5.44
N GLU A 346 0.95 39.42 5.83
CA GLU A 346 1.64 40.33 6.74
C GLU A 346 1.93 39.66 8.08
N PHE A 347 0.99 38.87 8.59
CA PHE A 347 1.15 38.29 9.91
C PHE A 347 1.96 36.98 9.91
N MET A 348 2.45 36.54 8.76
CA MET A 348 3.35 35.38 8.70
C MET A 348 4.80 35.84 8.76
N THR A 349 5.18 36.40 9.91
CA THR A 349 6.50 36.99 10.07
C THR A 349 7.58 35.93 10.25
N GLU A 350 7.31 34.90 11.05
CA GLU A 350 8.32 33.93 11.43
C GLU A 350 8.20 32.65 10.61
N CYS A 351 9.24 31.83 10.71
CA CYS A 351 9.34 30.56 10.01
C CYS A 351 9.26 29.40 11.00
N THR A 352 9.09 28.20 10.46
CA THR A 352 8.97 26.98 11.24
C THR A 352 9.99 25.95 10.75
N THR A 353 10.09 24.86 11.48
CA THR A 353 11.08 23.80 11.25
C THR A 353 10.36 22.49 10.97
N ILE A 354 11.07 21.58 10.28
CA ILE A 354 10.52 20.25 10.02
C ILE A 354 10.10 19.55 11.30
N GLU A 355 10.81 19.81 12.40
CA GLU A 355 10.48 19.19 13.68
C GLU A 355 9.33 19.91 14.38
N HIS A 356 9.16 21.20 14.13
CA HIS A 356 8.09 22.00 14.73
C HIS A 356 7.43 22.79 13.61
N PRO A 357 6.56 22.14 12.82
CA PRO A 357 6.12 22.74 11.55
C PRO A 357 5.02 23.78 11.66
N PHE A 358 4.19 23.70 12.70
CA PHE A 358 2.98 24.50 12.76
C PHE A 358 3.05 25.51 13.91
N CYS A 359 2.49 26.70 13.66
CA CYS A 359 2.30 27.72 14.68
C CYS A 359 0.93 28.35 14.46
N MET A 360 0.45 29.06 15.48
CA MET A 360 -0.88 29.65 15.45
C MET A 360 -0.79 31.17 15.52
N TYR A 361 -1.74 31.82 14.85
CA TYR A 361 -1.86 33.27 14.85
C TYR A 361 -3.14 33.65 15.57
N ASP A 362 -3.01 34.16 16.79
CA ASP A 362 -4.14 34.44 17.66
C ASP A 362 -4.88 35.69 17.20
N ALA A 363 -6.14 35.79 17.65
CA ALA A 363 -6.91 37.03 17.45
C ALA A 363 -6.30 38.19 18.24
N ASP A 364 -5.58 37.88 19.32
CA ASP A 364 -4.82 38.88 20.07
C ASP A 364 -3.55 39.31 19.35
N GLN A 365 -3.36 38.83 18.11
CA GLN A 365 -2.17 39.17 17.31
C GLN A 365 -0.89 38.70 17.99
N HIS A 366 -0.87 37.44 18.40
CA HIS A 366 0.31 36.80 18.96
C HIS A 366 0.55 35.47 18.25
N ILE A 367 1.81 35.09 18.18
CA ILE A 367 2.22 33.83 17.54
C ILE A 367 2.42 32.78 18.63
N ILE A 368 1.65 31.70 18.55
CA ILE A 368 1.78 30.58 19.48
C ILE A 368 2.40 29.42 18.70
N HIS A 369 3.56 28.95 19.18
CA HIS A 369 4.36 28.02 18.40
C HIS A 369 3.90 26.58 18.52
N ASP A 370 3.27 26.20 19.63
CA ASP A 370 2.91 24.80 19.86
C ASP A 370 1.47 24.59 20.30
N SER A 371 0.66 25.64 20.43
CA SER A 371 -0.71 25.50 20.94
C SER A 371 -1.67 25.35 19.76
N VAL A 372 -1.72 24.13 19.22
CA VAL A 372 -2.66 23.82 18.16
C VAL A 372 -4.11 23.95 18.64
N GLU A 373 -4.35 23.80 19.93
CA GLU A 373 -5.69 23.97 20.50
C GLU A 373 -6.02 25.44 20.79
N GLY A 374 -5.10 26.37 20.50
CA GLY A 374 -5.35 27.77 20.78
C GLY A 374 -6.21 28.45 19.73
N SER A 375 -6.60 29.69 20.03
CA SER A 375 -7.44 30.44 19.11
C SER A 375 -6.61 30.96 17.94
N GLY A 376 -7.13 30.85 16.73
CA GLY A 376 -6.41 31.40 15.60
C GLY A 376 -6.30 30.59 14.32
N ILE A 377 -5.34 30.94 13.47
CA ILE A 377 -5.11 30.28 12.18
C ILE A 377 -3.86 29.42 12.29
N LEU A 378 -3.97 28.17 11.83
CA LEU A 378 -2.79 27.32 11.75
C LEU A 378 -1.89 27.81 10.61
N MET A 379 -0.59 27.88 10.86
CA MET A 379 0.33 28.40 9.87
C MET A 379 1.55 27.50 9.78
N CYS A 380 2.04 27.31 8.56
CA CYS A 380 3.20 26.46 8.29
C CYS A 380 4.10 27.18 7.31
N SER A 381 5.38 27.36 7.69
CA SER A 381 6.34 28.09 6.87
C SER A 381 7.72 27.45 7.06
N ILE A 382 7.87 26.23 6.55
CA ILE A 382 9.14 25.52 6.62
C ILE A 382 10.04 26.02 5.49
N ASP A 383 11.30 26.28 5.82
CA ASP A 383 12.25 26.82 4.85
C ASP A 383 12.96 25.74 4.04
N ASN A 384 13.01 24.52 4.55
CA ASN A 384 13.65 23.40 3.85
C ASN A 384 12.58 22.33 3.58
N LEU A 385 11.62 22.69 2.73
CA LEU A 385 10.57 21.74 2.35
C LEU A 385 11.09 20.61 1.47
N PRO A 386 11.91 20.85 0.42
CA PRO A 386 12.39 19.72 -0.39
C PRO A 386 13.19 18.69 0.40
N ALA A 387 13.79 19.09 1.52
CA ALA A 387 14.53 18.13 2.35
C ALA A 387 13.62 17.09 3.00
N GLN A 388 12.31 17.30 3.00
CA GLN A 388 11.38 16.29 3.50
C GLN A 388 11.17 15.15 2.51
N LEU A 389 11.42 15.39 1.23
CA LEU A 389 11.44 14.36 0.20
C LEU A 389 12.81 14.38 -0.47
N PRO A 390 13.86 14.02 0.26
CA PRO A 390 15.22 14.29 -0.23
C PRO A 390 15.65 13.40 -1.38
N ILE A 391 15.10 12.20 -1.50
CA ILE A 391 15.47 11.31 -2.61
C ILE A 391 15.05 11.92 -3.94
N GLU A 392 13.75 12.21 -4.08
CA GLU A 392 13.25 12.79 -5.31
C GLU A 392 13.74 14.22 -5.52
N ALA A 393 14.02 14.94 -4.42
CA ALA A 393 14.62 16.26 -4.56
C ALA A 393 16.04 16.17 -5.09
N THR A 394 16.79 15.16 -4.65
CA THR A 394 18.14 14.96 -5.17
C THR A 394 18.12 14.61 -6.65
N GLU A 395 17.17 13.77 -7.07
CA GLU A 395 17.10 13.37 -8.47
C GLU A 395 16.66 14.52 -9.36
N CYS A 396 15.68 15.31 -8.92
CA CYS A 396 15.23 16.44 -9.71
C CYS A 396 16.30 17.52 -9.81
N PHE A 397 16.94 17.85 -8.68
CA PHE A 397 18.03 18.80 -8.70
C PHE A 397 19.19 18.32 -9.56
N GLY A 398 19.51 17.02 -9.46
CA GLY A 398 20.56 16.47 -10.29
C GLY A 398 20.23 16.46 -11.77
N ASP A 399 18.94 16.30 -12.11
CA ASP A 399 18.54 16.35 -13.51
C ASP A 399 18.74 17.73 -14.11
N MET A 400 18.47 18.78 -13.32
CA MET A 400 18.69 20.14 -13.81
C MET A 400 20.17 20.47 -13.91
N LEU A 401 20.97 20.01 -12.93
CA LEU A 401 22.39 20.34 -12.89
C LEU A 401 23.22 19.51 -13.86
N TYR A 402 22.73 18.34 -14.27
CA TYR A 402 23.56 17.42 -15.07
C TYR A 402 24.11 18.02 -16.35
N PRO A 403 23.33 18.73 -17.19
CA PRO A 403 23.90 19.22 -18.47
C PRO A 403 25.04 20.21 -18.31
N TYR A 404 25.33 20.70 -17.11
CA TYR A 404 26.41 21.64 -16.89
C TYR A 404 27.57 21.06 -16.08
N VAL A 405 27.52 19.78 -15.73
CA VAL A 405 28.53 19.22 -14.83
C VAL A 405 29.86 19.06 -15.56
N GLU A 406 29.84 18.56 -16.80
CA GLU A 406 31.08 18.25 -17.49
C GLU A 406 31.94 19.49 -17.69
N GLU A 407 31.32 20.61 -18.07
CA GLU A 407 32.08 21.85 -18.23
C GLU A 407 32.58 22.39 -16.88
N MET A 408 31.96 21.97 -15.78
CA MET A 408 32.45 22.36 -14.47
C MET A 408 33.57 21.44 -13.99
N ILE A 409 33.58 20.19 -14.46
CA ILE A 409 34.71 19.29 -14.16
C ILE A 409 35.98 19.82 -14.83
N LEU A 410 35.87 20.25 -16.08
CA LEU A 410 37.00 20.79 -16.83
C LEU A 410 37.39 22.19 -16.38
N SER A 411 36.74 22.74 -15.35
CA SER A 411 37.10 24.05 -14.84
C SER A 411 38.48 24.00 -14.19
N ASP A 412 39.22 25.09 -14.34
CA ASP A 412 40.55 25.21 -13.76
C ASP A 412 40.60 26.52 -12.98
N ALA A 413 40.44 26.43 -11.67
CA ALA A 413 40.48 27.62 -10.82
C ALA A 413 41.83 28.31 -10.86
N THR A 414 42.87 27.64 -11.40
CA THR A 414 44.16 28.26 -11.63
C THR A 414 44.12 29.19 -12.86
N GLN A 415 43.54 28.73 -13.96
CA GLN A 415 43.43 29.48 -15.21
C GLN A 415 42.36 30.56 -15.07
N PRO A 416 42.46 31.65 -15.83
CA PRO A 416 41.39 32.66 -15.78
C PRO A 416 40.05 32.13 -16.27
N LEU A 417 38.99 32.80 -15.82
CA LEU A 417 37.63 32.45 -16.21
C LEU A 417 37.40 32.66 -17.70
N GLU A 418 38.05 33.66 -18.30
CA GLU A 418 37.87 33.90 -19.73
C GLU A 418 38.42 32.74 -20.55
N SER A 419 39.48 32.10 -20.07
CA SER A 419 40.05 30.98 -20.80
C SER A 419 39.14 29.76 -20.74
N GLN A 420 38.33 29.64 -19.69
CA GLN A 420 37.46 28.48 -19.54
C GLN A 420 36.32 28.55 -20.54
N ASN A 421 35.96 27.39 -21.09
CA ASN A 421 34.87 27.28 -22.05
C ASN A 421 33.56 27.05 -21.29
N PHE A 422 33.12 28.10 -20.60
CA PHE A 422 31.89 28.06 -19.82
C PHE A 422 30.71 28.53 -20.64
N SER A 423 29.58 27.86 -20.47
CA SER A 423 28.32 28.37 -20.96
C SER A 423 27.95 29.63 -20.17
N PRO A 424 27.22 30.57 -20.79
CA PRO A 424 26.83 31.80 -20.06
C PRO A 424 26.04 31.52 -18.79
N VAL A 425 25.44 30.34 -18.68
CA VAL A 425 24.77 29.96 -17.45
C VAL A 425 25.78 29.78 -16.33
N VAL A 426 26.86 29.06 -16.60
CA VAL A 426 27.86 28.78 -15.57
C VAL A 426 28.74 30.00 -15.33
N ARG A 427 29.11 30.71 -16.40
CA ARG A 427 29.99 31.87 -16.27
C ARG A 427 29.37 32.93 -15.38
N ASP A 428 28.10 33.25 -15.60
CA ASP A 428 27.41 34.23 -14.77
C ASP A 428 27.22 33.75 -13.34
N ALA A 429 27.22 32.44 -13.11
CA ALA A 429 27.00 31.89 -11.78
C ALA A 429 28.24 31.94 -10.90
N VAL A 430 29.40 32.31 -11.46
CA VAL A 430 30.61 32.42 -10.66
C VAL A 430 30.53 33.69 -9.82
N ILE A 431 30.55 33.53 -8.49
CA ILE A 431 30.47 34.67 -7.59
C ILE A 431 31.83 35.28 -7.29
N THR A 432 32.92 34.59 -7.62
CA THR A 432 34.26 35.11 -7.37
C THR A 432 34.81 35.82 -8.61
N ALA B 6 -35.58 0.21 30.02
CA ALA B 6 -34.66 -0.73 29.41
C ALA B 6 -34.02 -0.14 28.15
N VAL B 7 -33.41 1.04 28.31
CA VAL B 7 -32.78 1.76 27.21
C VAL B 7 -31.32 2.03 27.54
N LEU B 8 -30.46 1.85 26.55
CA LEU B 8 -29.03 2.07 26.68
C LEU B 8 -28.63 3.32 25.91
N ALA B 9 -27.58 4.00 26.38
CA ALA B 9 -27.04 5.15 25.67
C ALA B 9 -25.52 5.16 25.75
N VAL B 10 -24.88 5.49 24.64
CA VAL B 10 -23.44 5.70 24.57
C VAL B 10 -23.21 7.21 24.52
N ARG B 11 -22.62 7.75 25.57
CA ARG B 11 -22.49 9.20 25.67
C ARG B 11 -21.27 9.69 24.89
N ARG B 12 -21.31 10.96 24.54
CA ARG B 12 -20.22 11.61 23.84
C ARG B 12 -19.08 11.93 24.80
N GLU B 13 -17.85 11.67 24.36
CA GLU B 13 -16.68 11.95 25.19
C GLU B 13 -16.38 13.43 25.18
N ASP B 14 -15.97 13.95 26.34
CA ASP B 14 -15.61 15.36 26.44
C ASP B 14 -14.45 15.59 27.40
N VAL B 15 -13.73 14.54 27.82
CA VAL B 15 -12.67 14.71 28.80
C VAL B 15 -11.48 15.44 28.19
N ASN B 16 -11.11 15.11 26.97
CA ASN B 16 -10.06 15.82 26.25
C ASN B 16 -10.30 15.65 24.75
N ALA B 17 -9.54 16.43 23.97
CA ALA B 17 -9.75 16.46 22.52
C ALA B 17 -9.30 15.18 21.82
N TRP B 18 -8.38 14.41 22.42
CA TRP B 18 -7.80 13.24 21.77
C TRP B 18 -8.55 11.95 22.10
N GLU B 19 -9.65 12.02 22.83
CA GLU B 19 -10.41 10.82 23.19
C GLU B 19 -11.38 10.50 22.06
N ARG B 20 -10.92 9.66 21.13
CA ARG B 20 -11.71 9.28 19.97
C ARG B 20 -12.29 7.88 20.08
N ARG B 21 -12.21 7.26 21.25
CA ARG B 21 -12.71 5.91 21.44
C ARG B 21 -14.14 5.91 21.95
N ALA B 22 -14.74 4.72 21.98
CA ALA B 22 -16.09 4.52 22.47
C ALA B 22 -16.13 3.19 23.22
N PRO B 23 -17.03 3.05 24.20
CA PRO B 23 -17.12 1.78 24.93
C PRO B 23 -17.67 0.64 24.08
N LEU B 24 -18.34 0.94 22.97
CA LEU B 24 -18.90 -0.08 22.11
C LEU B 24 -18.73 0.32 20.65
N ALA B 25 -18.54 -0.68 19.80
CA ALA B 25 -18.46 -0.54 18.36
C ALA B 25 -19.82 -0.80 17.73
N PRO B 26 -20.02 -0.40 16.47
CA PRO B 26 -21.34 -0.63 15.84
C PRO B 26 -21.81 -2.08 15.88
N LYS B 27 -20.90 -3.04 15.68
CA LYS B 27 -21.33 -4.44 15.68
C LYS B 27 -21.87 -4.86 17.03
N HIS B 28 -21.42 -4.22 18.12
CA HIS B 28 -22.00 -4.50 19.43
C HIS B 28 -23.36 -3.85 19.59
N ILE B 29 -23.56 -2.69 18.99
CA ILE B 29 -24.89 -2.06 19.00
C ILE B 29 -25.88 -2.92 18.22
N LYS B 30 -25.42 -3.55 17.15
CA LYS B 30 -26.29 -4.45 16.39
C LYS B 30 -26.74 -5.63 17.24
N GLY B 31 -25.81 -6.20 18.03
CA GLY B 31 -26.18 -7.33 18.87
C GLY B 31 -27.09 -6.94 20.02
N ILE B 32 -26.88 -5.75 20.58
CA ILE B 32 -27.74 -5.30 21.68
C ILE B 32 -29.14 -5.00 21.17
N THR B 33 -29.25 -4.39 19.98
CA THR B 33 -30.57 -4.10 19.42
C THR B 33 -31.29 -5.38 18.98
N ASN B 34 -30.53 -6.41 18.59
CA ASN B 34 -31.16 -7.68 18.24
C ASN B 34 -31.81 -8.34 19.44
N LEU B 35 -31.33 -8.03 20.64
CA LEU B 35 -31.95 -8.54 21.86
C LEU B 35 -33.21 -7.78 22.24
N GLY B 36 -33.54 -6.71 21.52
CA GLY B 36 -34.75 -5.95 21.77
C GLY B 36 -34.56 -4.67 22.57
N TYR B 37 -33.32 -4.30 22.88
CA TYR B 37 -33.05 -3.11 23.67
C TYR B 37 -32.84 -1.90 22.76
N LYS B 38 -33.37 -0.76 23.19
CA LYS B 38 -33.19 0.49 22.47
C LYS B 38 -31.86 1.12 22.86
N VAL B 39 -31.10 1.55 21.85
CA VAL B 39 -29.76 2.12 22.06
C VAL B 39 -29.75 3.53 21.48
N LEU B 40 -29.47 4.51 22.33
CA LEU B 40 -29.30 5.89 21.92
C LEU B 40 -27.81 6.19 21.77
N ILE B 41 -27.46 6.87 20.67
CA ILE B 41 -26.07 7.26 20.40
C ILE B 41 -26.01 8.78 20.41
N GLN B 42 -25.25 9.32 21.35
CA GLN B 42 -25.06 10.76 21.42
C GLN B 42 -24.11 11.19 20.31
N PRO B 43 -24.49 12.14 19.46
CA PRO B 43 -23.64 12.53 18.33
C PRO B 43 -22.28 13.02 18.79
N SER B 44 -21.26 12.72 17.99
CA SER B 44 -19.89 13.08 18.36
C SER B 44 -19.05 13.16 17.09
N ASN B 45 -18.63 14.37 16.74
CA ASN B 45 -17.62 14.53 15.69
C ASN B 45 -16.24 14.06 16.16
N ARG B 46 -16.07 13.89 17.47
CA ARG B 46 -14.79 13.50 18.04
C ARG B 46 -14.50 12.03 17.86
N ARG B 47 -15.55 11.20 17.82
CA ARG B 47 -15.37 9.75 17.76
C ARG B 47 -14.75 9.34 16.44
N ALA B 48 -13.90 8.31 16.49
CA ALA B 48 -13.24 7.83 15.28
C ALA B 48 -14.22 7.07 14.40
N ILE B 49 -15.11 6.30 15.00
CA ILE B 49 -16.15 5.61 14.24
C ILE B 49 -17.30 6.59 14.01
N HIS B 50 -17.66 6.76 12.74
CA HIS B 50 -18.64 7.77 12.38
C HIS B 50 -20.01 7.46 12.98
N ASP B 51 -20.80 8.52 13.18
CA ASP B 51 -22.13 8.36 13.75
C ASP B 51 -23.00 7.45 12.89
N LYS B 52 -22.91 7.60 11.56
CA LYS B 52 -23.79 6.85 10.67
C LYS B 52 -23.51 5.36 10.70
N ASP B 53 -22.31 4.94 11.13
CA ASP B 53 -22.05 3.52 11.29
C ASP B 53 -22.82 2.94 12.47
N TYR B 54 -23.02 3.73 13.52
CA TYR B 54 -23.86 3.29 14.63
C TYR B 54 -25.34 3.30 14.24
N VAL B 55 -25.74 4.27 13.41
CA VAL B 55 -27.12 4.30 12.92
C VAL B 55 -27.40 3.10 12.02
N LYS B 56 -26.44 2.74 11.17
CA LYS B 56 -26.60 1.58 10.30
C LYS B 56 -26.73 0.28 11.08
N ALA B 57 -26.25 0.26 12.33
CA ALA B 57 -26.31 -0.94 13.16
C ALA B 57 -27.51 -0.94 14.09
N GLY B 58 -28.43 0.00 13.93
CA GLY B 58 -29.62 0.07 14.76
C GLY B 58 -29.59 1.12 15.84
N GLY B 59 -28.51 1.87 15.96
CA GLY B 59 -28.46 2.93 16.95
C GLY B 59 -29.30 4.13 16.56
N ILE B 60 -29.77 4.86 17.57
CA ILE B 60 -30.62 6.02 17.38
C ILE B 60 -29.82 7.26 17.79
N LEU B 61 -29.48 8.09 16.81
CA LEU B 61 -28.78 9.34 17.09
C LEU B 61 -29.70 10.28 17.85
N GLN B 62 -29.31 10.66 19.07
CA GLN B 62 -30.08 11.58 19.87
C GLN B 62 -29.15 12.37 20.78
N GLU B 63 -29.38 13.67 20.87
CA GLU B 63 -28.61 14.50 21.80
C GLU B 63 -29.08 14.28 23.23
N ASP B 64 -30.39 14.24 23.44
CA ASP B 64 -30.97 14.03 24.77
C ASP B 64 -31.07 12.53 25.03
N ILE B 65 -30.27 12.04 25.98
CA ILE B 65 -30.27 10.62 26.33
C ILE B 65 -30.86 10.46 27.73
N SER B 66 -31.87 11.28 28.05
CA SER B 66 -32.51 11.19 29.36
C SER B 66 -33.39 9.95 29.49
N GLU B 67 -33.77 9.33 28.38
CA GLU B 67 -34.61 8.13 28.40
C GLU B 67 -33.84 6.86 28.73
N ALA B 68 -32.51 6.93 28.85
CA ALA B 68 -31.69 5.73 28.99
C ALA B 68 -31.42 5.44 30.46
N CYS B 69 -31.70 4.19 30.86
CA CYS B 69 -31.41 3.80 32.24
C CYS B 69 -29.92 3.65 32.47
N LEU B 70 -29.19 3.20 31.45
CA LEU B 70 -27.75 2.96 31.56
C LEU B 70 -27.03 3.81 30.54
N ILE B 71 -25.98 4.51 31.00
CA ILE B 71 -25.17 5.36 30.15
C ILE B 71 -23.75 4.80 30.14
N LEU B 72 -23.21 4.57 28.95
CA LEU B 72 -21.89 3.98 28.79
C LEU B 72 -20.95 5.01 28.16
N GLY B 73 -19.75 5.13 28.73
CA GLY B 73 -18.73 6.01 28.20
C GLY B 73 -17.34 5.44 28.42
N VAL B 74 -16.32 6.22 28.07
CA VAL B 74 -14.93 5.80 28.23
C VAL B 74 -14.30 6.42 29.48
N LYS B 75 -14.34 7.73 29.60
CA LYS B 75 -13.83 8.43 30.78
C LYS B 75 -14.98 9.07 31.54
N ARG B 76 -14.75 9.34 32.81
CA ARG B 76 -15.81 9.83 33.68
C ARG B 76 -16.26 11.22 33.22
N PRO B 77 -17.56 11.44 33.07
CA PRO B 77 -18.06 12.78 32.78
C PRO B 77 -18.01 13.65 34.02
N PRO B 78 -17.97 14.97 33.87
CA PRO B 78 -17.97 15.84 35.04
C PRO B 78 -19.29 15.75 35.80
N GLU B 79 -19.23 16.13 37.08
CA GLU B 79 -20.42 16.02 37.93
C GLU B 79 -21.54 16.93 37.44
N GLU B 80 -21.21 18.01 36.74
CA GLU B 80 -22.24 18.88 36.17
C GLU B 80 -22.95 18.23 34.99
N LYS B 81 -22.38 17.18 34.42
CA LYS B 81 -23.02 16.44 33.33
C LYS B 81 -23.75 15.19 33.81
N LEU B 82 -23.53 14.76 35.04
CA LEU B 82 -24.15 13.54 35.54
C LEU B 82 -25.63 13.76 35.84
N MET B 83 -26.45 12.78 35.45
CA MET B 83 -27.89 12.81 35.67
C MET B 83 -28.27 11.81 36.75
N SER B 84 -29.33 12.15 37.49
CA SER B 84 -29.71 11.41 38.68
C SER B 84 -30.45 10.11 38.34
N ARG B 85 -30.38 9.18 39.28
CA ARG B 85 -31.13 7.91 39.25
C ARG B 85 -30.87 7.14 37.96
N LYS B 86 -29.59 6.95 37.65
CA LYS B 86 -29.16 6.21 36.48
C LYS B 86 -27.88 5.44 36.82
N THR B 87 -27.41 4.64 35.87
CA THR B 87 -26.22 3.82 36.04
C THR B 87 -25.18 4.25 35.01
N TYR B 88 -24.00 4.63 35.48
CA TYR B 88 -22.91 5.08 34.62
C TYR B 88 -21.74 4.13 34.74
N ALA B 89 -21.09 3.86 33.61
CA ALA B 89 -19.87 3.06 33.56
C ALA B 89 -18.80 3.84 32.81
N PHE B 90 -17.59 3.85 33.35
CA PHE B 90 -16.51 4.66 32.82
C PHE B 90 -15.18 4.15 33.38
N PHE B 91 -14.11 4.86 33.05
CA PHE B 91 -12.80 4.65 33.65
C PHE B 91 -12.53 5.74 34.66
N SER B 92 -12.15 5.35 35.87
CA SER B 92 -11.85 6.32 36.91
C SER B 92 -10.39 6.22 37.36
N LEU B 105 -18.69 12.39 43.68
CA LEU B 105 -18.54 11.22 44.54
C LEU B 105 -19.48 11.29 45.73
N ASP B 106 -19.23 12.23 46.64
CA ASP B 106 -20.15 12.42 47.77
C ASP B 106 -21.50 12.93 47.30
N GLU B 107 -21.51 13.83 46.31
CA GLU B 107 -22.77 14.30 45.75
C GLU B 107 -23.51 13.20 45.02
N ILE B 108 -22.78 12.20 44.50
CA ILE B 108 -23.40 11.10 43.78
C ILE B 108 -24.29 10.29 44.73
N LEU B 109 -23.88 10.15 45.99
CA LEU B 109 -24.68 9.41 46.95
C LEU B 109 -26.04 10.04 47.17
N LYS B 110 -26.08 11.39 47.20
CA LYS B 110 -27.36 12.08 47.33
C LYS B 110 -28.25 11.83 46.11
N GLN B 111 -27.63 11.72 44.93
CA GLN B 111 -28.35 11.43 43.70
C GLN B 111 -28.62 9.95 43.49
N GLU B 112 -28.15 9.10 44.41
CA GLU B 112 -28.22 7.63 44.30
C GLU B 112 -27.96 7.13 42.88
N ILE B 113 -26.85 7.58 42.32
CA ILE B 113 -26.40 7.15 40.99
C ILE B 113 -25.39 6.03 41.18
N ARG B 114 -25.62 4.92 40.48
CA ARG B 114 -24.67 3.82 40.51
C ARG B 114 -23.55 4.07 39.51
N LEU B 115 -22.31 3.98 39.98
CA LEU B 115 -21.13 4.13 39.14
C LEU B 115 -20.39 2.81 39.07
N ILE B 116 -19.99 2.43 37.86
CA ILE B 116 -19.26 1.19 37.62
C ILE B 116 -17.96 1.53 36.91
N ASP B 117 -16.85 1.03 37.46
CA ASP B 117 -15.52 1.28 36.91
C ASP B 117 -15.07 0.03 36.17
N TYR B 118 -14.83 0.18 34.85
CA TYR B 118 -14.34 -0.94 34.06
C TYR B 118 -13.07 -1.54 34.64
N GLU B 119 -12.21 -0.70 35.22
CA GLU B 119 -10.95 -1.18 35.76
C GLU B 119 -11.15 -2.16 36.90
N LYS B 120 -12.26 -2.02 37.63
CA LYS B 120 -12.55 -2.92 38.74
C LYS B 120 -13.24 -4.21 38.31
N MET B 121 -13.46 -4.40 37.02
CA MET B 121 -14.05 -5.63 36.51
C MET B 121 -12.95 -6.68 36.39
N VAL B 122 -12.97 -7.67 37.29
CA VAL B 122 -11.95 -8.70 37.32
C VAL B 122 -12.64 -10.07 37.37
N ASP B 123 -11.91 -11.09 36.91
CA ASP B 123 -12.43 -12.45 36.90
C ASP B 123 -12.10 -13.12 38.23
N HIS B 124 -12.30 -14.44 38.30
CA HIS B 124 -12.03 -15.19 39.53
C HIS B 124 -10.55 -15.14 39.88
N ARG B 125 -9.67 -15.05 38.88
CA ARG B 125 -8.24 -14.95 39.12
C ARG B 125 -7.80 -13.57 39.60
N GLY B 126 -8.70 -12.58 39.56
CA GLY B 126 -8.33 -11.21 39.82
C GLY B 126 -7.83 -10.45 38.62
N VAL B 127 -7.81 -11.08 37.45
CA VAL B 127 -7.33 -10.43 36.24
C VAL B 127 -8.43 -9.55 35.67
N ARG B 128 -8.05 -8.34 35.24
CA ARG B 128 -9.00 -7.46 34.59
C ARG B 128 -9.59 -8.12 33.34
N VAL B 129 -10.90 -7.99 33.17
CA VAL B 129 -11.59 -8.60 32.04
C VAL B 129 -11.99 -7.59 30.97
N VAL B 130 -12.13 -6.31 31.31
CA VAL B 130 -12.52 -5.28 30.36
C VAL B 130 -11.35 -4.31 30.27
N ALA B 131 -10.50 -4.50 29.26
CA ALA B 131 -9.35 -3.64 29.01
C ALA B 131 -9.23 -3.40 27.51
N PHE B 132 -8.21 -2.65 27.12
CA PHE B 132 -7.98 -2.37 25.71
C PHE B 132 -7.00 -3.34 25.05
N GLY B 133 -6.52 -4.34 25.79
CA GLY B 133 -5.76 -5.41 25.17
C GLY B 133 -4.39 -4.97 24.70
N GLN B 134 -4.03 -5.42 23.50
CA GLN B 134 -2.70 -5.25 22.93
C GLN B 134 -2.47 -3.90 22.29
N TRP B 135 -3.51 -3.07 22.15
CA TRP B 135 -3.42 -1.90 21.29
C TRP B 135 -2.56 -0.79 21.88
N ALA B 136 -2.31 -0.80 23.19
CA ALA B 136 -1.35 0.15 23.74
C ALA B 136 0.07 -0.19 23.31
N GLY B 137 0.39 -1.48 23.21
CA GLY B 137 1.69 -1.92 22.76
C GLY B 137 1.86 -1.78 21.26
N VAL B 138 0.80 -2.02 20.50
CA VAL B 138 0.86 -1.82 19.05
C VAL B 138 1.17 -0.37 18.73
N ALA B 139 0.43 0.56 19.35
CA ALA B 139 0.68 1.98 19.12
C ALA B 139 2.04 2.41 19.67
N GLY B 140 2.43 1.86 20.83
CA GLY B 140 3.70 2.24 21.42
C GLY B 140 4.89 1.81 20.57
N MET B 141 4.81 0.64 19.96
CA MET B 141 5.90 0.18 19.11
C MET B 141 6.03 1.05 17.87
N ILE B 142 4.90 1.42 17.26
CA ILE B 142 4.93 2.33 16.11
C ILE B 142 5.53 3.67 16.51
N ASN B 143 5.13 4.19 17.67
CA ASN B 143 5.62 5.50 18.10
C ASN B 143 7.12 5.49 18.30
N ILE B 144 7.64 4.48 18.99
CA ILE B 144 9.06 4.47 19.32
C ILE B 144 9.92 4.20 18.09
N LEU B 145 9.39 3.45 17.11
CA LEU B 145 10.09 3.30 15.85
C LEU B 145 10.15 4.63 15.12
N HIS B 146 9.07 5.40 15.17
CA HIS B 146 9.08 6.74 14.60
C HIS B 146 10.03 7.65 15.37
N GLY B 147 10.05 7.55 16.69
CA GLY B 147 10.91 8.39 17.49
C GLY B 147 12.39 8.13 17.25
N MET B 148 12.75 6.86 17.07
CA MET B 148 14.15 6.53 16.79
C MET B 148 14.58 7.07 15.43
N GLY B 149 13.65 7.13 14.47
CA GLY B 149 13.99 7.74 13.19
C GLY B 149 14.38 9.20 13.34
N LEU B 150 13.64 9.95 14.15
CA LEU B 150 13.97 11.36 14.37
C LEU B 150 15.23 11.49 15.23
N ARG B 151 15.37 10.65 16.25
CA ARG B 151 16.51 10.76 17.14
C ARG B 151 17.81 10.39 16.42
N LEU B 152 17.80 9.34 15.61
CA LEU B 152 19.00 8.95 14.88
C LEU B 152 19.36 9.97 13.82
N LEU B 153 18.38 10.65 13.24
CA LEU B 153 18.68 11.70 12.27
C LEU B 153 19.25 12.93 12.96
N ALA B 154 18.74 13.25 14.16
CA ALA B 154 19.31 14.34 14.94
C ALA B 154 20.77 14.06 15.27
N LEU B 155 21.11 12.79 15.53
CA LEU B 155 22.48 12.38 15.74
C LEU B 155 23.27 12.28 14.43
N GLY B 156 22.64 12.51 13.29
CA GLY B 156 23.32 12.54 12.02
C GLY B 156 23.21 11.29 11.16
N HIS B 157 22.17 10.48 11.35
CA HIS B 157 22.03 9.22 10.64
C HIS B 157 20.64 9.11 10.05
N HIS B 158 20.54 9.06 8.73
CA HIS B 158 19.28 8.73 8.08
C HIS B 158 19.10 7.21 8.10
N THR B 159 17.94 6.78 8.58
CA THR B 159 17.60 5.37 8.70
C THR B 159 16.22 5.14 8.12
N PRO B 160 15.89 3.90 7.75
CA PRO B 160 14.52 3.60 7.28
C PRO B 160 13.44 3.90 8.32
N PHE B 161 13.81 4.06 9.59
CA PHE B 161 12.83 4.42 10.61
C PHE B 161 12.26 5.82 10.39
N MET B 162 12.92 6.64 9.57
CA MET B 162 12.34 7.92 9.19
C MET B 162 11.04 7.77 8.41
N HIS B 163 10.83 6.62 7.79
CA HIS B 163 9.65 6.36 6.96
C HIS B 163 8.52 5.70 7.75
N ILE B 164 8.47 5.90 9.05
CA ILE B 164 7.39 5.43 9.90
C ILE B 164 6.88 6.62 10.70
N GLY B 165 5.59 6.91 10.58
CA GLY B 165 4.99 8.03 11.29
C GLY B 165 4.44 7.61 12.64
N MET B 166 3.81 8.57 13.31
CA MET B 166 3.15 8.28 14.56
C MET B 166 1.97 7.35 14.33
N ALA B 167 1.59 6.63 15.40
CA ALA B 167 0.55 5.62 15.28
C ALA B 167 -0.79 6.22 14.84
N HIS B 168 -1.07 7.45 15.25
CA HIS B 168 -2.34 8.08 14.89
C HIS B 168 -2.36 8.62 13.46
N ASN B 169 -1.23 8.58 12.76
CA ASN B 169 -1.20 8.97 11.35
C ASN B 169 -1.66 7.86 10.41
N TYR B 170 -2.08 6.73 10.95
CA TYR B 170 -2.52 5.59 10.14
C TYR B 170 -3.98 5.29 10.41
N ARG B 171 -4.70 4.90 9.35
CA ARG B 171 -6.13 4.61 9.48
C ARG B 171 -6.38 3.45 10.43
N ASN B 172 -5.52 2.43 10.39
CA ASN B 172 -5.64 1.29 11.27
C ASN B 172 -4.27 0.63 11.38
N SER B 173 -4.21 -0.49 12.11
CA SER B 173 -2.95 -1.20 12.28
C SER B 173 -2.46 -1.79 10.95
N SER B 174 -3.38 -2.13 10.04
CA SER B 174 -2.97 -2.68 8.76
C SER B 174 -2.16 -1.68 7.95
N GLN B 175 -2.58 -0.42 7.95
CA GLN B 175 -1.82 0.60 7.22
C GLN B 175 -0.48 0.87 7.89
N ALA B 176 -0.44 0.81 9.23
CA ALA B 176 0.82 0.99 9.94
C ALA B 176 1.75 -0.19 9.71
N VAL B 177 1.20 -1.41 9.65
CA VAL B 177 2.02 -2.59 9.41
C VAL B 177 2.69 -2.51 8.04
N GLN B 178 1.97 -2.00 7.04
CA GLN B 178 2.58 -1.86 5.72
C GLN B 178 3.73 -0.88 5.74
N ALA B 179 3.62 0.20 6.52
CA ALA B 179 4.72 1.13 6.65
C ALA B 179 5.90 0.50 7.38
N VAL B 180 5.63 -0.30 8.41
CA VAL B 180 6.70 -0.98 9.14
C VAL B 180 7.37 -2.00 8.24
N ARG B 181 6.60 -2.75 7.45
CA ARG B 181 7.19 -3.72 6.54
C ARG B 181 7.99 -3.03 5.44
N ASP B 182 7.52 -1.86 4.98
CA ASP B 182 8.28 -1.12 3.97
C ASP B 182 9.62 -0.66 4.53
N ALA B 183 9.61 -0.11 5.74
CA ALA B 183 10.87 0.29 6.37
C ALA B 183 11.74 -0.92 6.67
N GLY B 184 11.13 -2.05 7.03
CA GLY B 184 11.89 -3.26 7.24
C GLY B 184 12.51 -3.79 5.96
N TYR B 185 11.85 -3.58 4.82
CA TYR B 185 12.43 -3.96 3.54
C TYR B 185 13.73 -3.19 3.28
N GLU B 186 13.73 -1.88 3.57
CA GLU B 186 14.94 -1.09 3.38
C GLU B 186 16.06 -1.58 4.28
N ILE B 187 15.73 -2.04 5.49
CA ILE B 187 16.73 -2.57 6.40
C ILE B 187 17.32 -3.86 5.85
N SER B 188 16.47 -4.78 5.38
CA SER B 188 16.95 -6.03 4.82
C SER B 188 17.77 -5.81 3.55
N LEU B 189 17.55 -4.70 2.85
CA LEU B 189 18.37 -4.35 1.70
C LEU B 189 19.71 -3.76 2.08
N GLY B 190 19.99 -3.62 3.38
CA GLY B 190 21.26 -3.07 3.82
C GLY B 190 21.37 -1.57 3.73
N LEU B 191 20.27 -0.85 3.93
CA LEU B 191 20.26 0.61 3.86
C LEU B 191 20.45 1.27 5.22
N MET B 192 20.65 0.50 6.27
CA MET B 192 20.98 1.07 7.57
C MET B 192 22.43 1.55 7.58
N PRO B 193 22.70 2.69 8.21
CA PRO B 193 24.10 3.14 8.35
C PRO B 193 24.90 2.16 9.21
N LYS B 194 26.04 1.73 8.68
CA LYS B 194 26.80 0.67 9.33
C LYS B 194 27.48 1.14 10.61
N SER B 195 27.75 2.44 10.72
CA SER B 195 28.57 2.93 11.81
C SER B 195 27.87 2.83 13.17
N ILE B 196 26.54 2.84 13.18
CA ILE B 196 25.81 2.77 14.44
C ILE B 196 25.61 1.35 14.95
N GLY B 197 26.03 0.34 14.18
CA GLY B 197 26.01 -1.03 14.63
C GLY B 197 24.61 -1.62 14.66
N PRO B 198 24.52 -2.89 15.07
CA PRO B 198 23.21 -3.56 15.11
C PRO B 198 22.31 -2.98 16.20
N LEU B 199 21.01 -3.10 15.99
CA LEU B 199 20.01 -2.57 16.90
C LEU B 199 19.36 -3.72 17.66
N THR B 200 19.23 -3.55 18.97
CA THR B 200 18.68 -4.57 19.85
C THR B 200 17.47 -4.00 20.59
N PHE B 201 16.39 -4.78 20.63
CA PHE B 201 15.14 -4.37 21.27
C PHE B 201 14.84 -5.33 22.42
N VAL B 202 14.52 -4.78 23.58
CA VAL B 202 14.19 -5.56 24.77
C VAL B 202 12.74 -5.33 25.12
N PHE B 203 11.98 -6.41 25.22
CA PHE B 203 10.57 -6.37 25.58
C PHE B 203 10.42 -6.92 26.99
N THR B 204 9.96 -6.07 27.91
CA THR B 204 9.67 -6.48 29.27
C THR B 204 8.16 -6.53 29.49
N GLY B 205 7.76 -7.32 30.48
CA GLY B 205 6.36 -7.53 30.76
C GLY B 205 5.80 -8.75 30.04
N THR B 206 4.69 -9.25 30.59
CA THR B 206 4.04 -10.45 30.05
C THR B 206 2.62 -10.20 29.59
N GLY B 207 2.09 -9.00 29.75
CA GLY B 207 0.72 -8.71 29.41
C GLY B 207 0.49 -8.69 27.91
N ASN B 208 -0.71 -8.23 27.53
CA ASN B 208 -1.08 -8.16 26.12
C ASN B 208 -0.37 -7.01 25.41
N VAL B 209 -0.03 -5.94 26.14
CA VAL B 209 0.63 -4.80 25.51
C VAL B 209 2.02 -5.19 25.03
N SER B 210 2.72 -6.04 25.78
CA SER B 210 4.01 -6.52 25.33
C SER B 210 3.87 -7.41 24.11
N LYS B 211 2.80 -8.22 24.07
CA LYS B 211 2.53 -9.03 22.90
C LYS B 211 2.18 -8.16 21.69
N GLY B 212 1.46 -7.06 21.91
CA GLY B 212 1.12 -6.18 20.81
C GLY B 212 2.34 -5.47 20.24
N ALA B 213 3.29 -5.11 21.10
CA ALA B 213 4.52 -4.48 20.62
C ALA B 213 5.36 -5.47 19.82
N GLN B 214 5.39 -6.74 20.24
CA GLN B 214 6.10 -7.76 19.47
C GLN B 214 5.42 -8.02 18.14
N ALA B 215 4.09 -7.89 18.07
CA ALA B 215 3.39 -8.10 16.82
C ALA B 215 3.83 -7.10 15.75
N ILE B 216 4.09 -5.86 16.14
CA ILE B 216 4.61 -4.86 15.20
C ILE B 216 6.08 -5.12 14.91
N PHE B 217 6.84 -5.51 15.94
CA PHE B 217 8.26 -5.77 15.75
C PHE B 217 8.50 -6.96 14.82
N ASN B 218 7.55 -7.90 14.77
CA ASN B 218 7.70 -9.06 13.90
C ASN B 218 7.59 -8.70 12.42
N GLU B 219 7.11 -7.51 12.09
CA GLU B 219 7.03 -7.07 10.69
C GLU B 219 8.37 -6.60 10.15
N LEU B 220 9.34 -6.36 11.02
CA LEU B 220 10.70 -5.99 10.62
C LEU B 220 11.51 -7.25 10.32
N PRO B 221 12.67 -7.12 9.66
CA PRO B 221 13.54 -8.29 9.50
C PRO B 221 14.19 -8.68 10.83
N CYS B 222 13.38 -9.21 11.74
CA CYS B 222 13.79 -9.39 13.12
C CYS B 222 14.32 -10.80 13.37
N GLU B 223 15.14 -10.92 14.41
CA GLU B 223 15.61 -12.22 14.89
C GLU B 223 15.60 -12.17 16.41
N TYR B 224 14.89 -13.12 17.02
CA TYR B 224 14.79 -13.18 18.48
C TYR B 224 15.94 -13.99 19.04
N VAL B 225 16.59 -13.43 20.08
CA VAL B 225 17.72 -14.08 20.73
C VAL B 225 17.45 -14.16 22.22
N GLU B 226 18.19 -15.04 22.89
CA GLU B 226 18.11 -15.14 24.33
C GLU B 226 18.80 -13.94 24.98
N PRO B 227 18.36 -13.54 26.17
CA PRO B 227 18.95 -12.35 26.81
C PRO B 227 20.46 -12.44 27.01
N HIS B 228 21.02 -13.65 27.17
CA HIS B 228 22.45 -13.78 27.32
C HIS B 228 23.19 -13.56 26.00
N GLU B 229 22.51 -13.68 24.87
CA GLU B 229 23.13 -13.44 23.57
C GLU B 229 23.24 -11.96 23.24
N LEU B 230 22.69 -11.08 24.08
CA LEU B 230 22.63 -9.66 23.76
C LEU B 230 24.03 -9.04 23.69
N LYS B 231 24.94 -9.50 24.56
CA LYS B 231 26.27 -8.91 24.59
C LYS B 231 27.02 -9.15 23.28
N GLU B 232 26.90 -10.35 22.72
CA GLU B 232 27.57 -10.65 21.47
C GLU B 232 26.82 -10.05 20.28
N VAL B 233 25.49 -10.15 20.28
CA VAL B 233 24.68 -9.69 19.16
C VAL B 233 24.80 -8.17 19.00
N SER B 234 24.85 -7.44 20.10
CA SER B 234 24.95 -5.98 20.03
C SER B 234 26.27 -5.50 19.44
N GLN B 235 27.23 -6.40 19.20
CA GLN B 235 28.51 -6.05 18.61
C GLN B 235 28.73 -6.65 17.23
N THR B 236 28.23 -7.87 16.99
CA THR B 236 28.49 -8.58 15.74
C THR B 236 27.21 -8.93 14.99
N GLY B 237 26.07 -8.34 15.36
CA GLY B 237 24.82 -8.69 14.70
C GLY B 237 24.80 -8.28 13.25
N ASP B 238 23.98 -8.99 12.47
CA ASP B 238 23.83 -8.67 11.05
C ASP B 238 23.13 -7.32 10.91
N LEU B 239 23.76 -6.40 10.18
CA LEU B 239 23.21 -5.06 10.03
C LEU B 239 21.99 -5.03 9.12
N ARG B 240 21.70 -6.11 8.41
CA ARG B 240 20.46 -6.25 7.65
C ARG B 240 19.31 -6.77 8.49
N LYS B 241 19.52 -6.91 9.80
CA LYS B 241 18.50 -7.42 10.71
C LYS B 241 18.37 -6.50 11.91
N VAL B 242 17.23 -6.61 12.58
CA VAL B 242 17.04 -6.04 13.92
C VAL B 242 16.87 -7.20 14.88
N TYR B 243 17.34 -7.01 16.11
CA TYR B 243 17.37 -8.09 17.09
C TYR B 243 16.48 -7.74 18.27
N GLY B 244 15.72 -8.72 18.73
CA GLY B 244 14.84 -8.54 19.86
C GLY B 244 14.98 -9.67 20.85
N THR B 245 14.66 -9.38 22.11
CA THR B 245 14.64 -10.38 23.15
C THR B 245 13.48 -10.07 24.10
N VAL B 246 12.82 -11.12 24.58
CA VAL B 246 11.71 -10.99 25.51
C VAL B 246 12.23 -11.34 26.90
N LEU B 247 12.16 -10.37 27.81
CA LEU B 247 12.74 -10.52 29.14
C LEU B 247 11.73 -11.12 30.09
N SER B 248 12.09 -12.25 30.71
CA SER B 248 11.29 -12.86 31.75
C SER B 248 11.91 -12.57 33.11
N ARG B 249 11.20 -12.98 34.16
CA ARG B 249 11.64 -12.67 35.52
C ARG B 249 12.94 -13.39 35.87
N HIS B 250 13.06 -14.67 35.50
CA HIS B 250 14.24 -15.45 35.85
C HIS B 250 15.49 -15.01 35.09
N HIS B 251 15.37 -14.10 34.13
CA HIS B 251 16.52 -13.62 33.39
C HIS B 251 17.30 -12.54 34.13
N HIS B 252 16.66 -11.82 35.05
CA HIS B 252 17.32 -10.68 35.69
C HIS B 252 17.09 -10.56 37.19
N LEU B 253 16.13 -11.27 37.77
CA LEU B 253 15.82 -11.14 39.19
C LEU B 253 16.60 -12.17 40.00
N VAL B 254 17.35 -11.70 40.98
CA VAL B 254 18.16 -12.54 41.85
C VAL B 254 17.96 -12.11 43.29
N ARG B 255 18.11 -13.07 44.21
CA ARG B 255 18.01 -12.75 45.63
C ARG B 255 19.18 -11.92 46.09
N LYS B 256 18.92 -10.99 47.02
CA LYS B 256 19.99 -10.23 47.63
C LYS B 256 20.92 -11.11 48.45
N THR B 257 20.44 -12.27 48.92
CA THR B 257 21.24 -13.14 49.77
C THR B 257 22.21 -13.98 48.95
N ASP B 258 21.69 -14.75 47.99
CA ASP B 258 22.53 -15.71 47.28
C ASP B 258 22.29 -15.71 45.77
N ALA B 259 21.72 -14.64 45.21
CA ALA B 259 21.51 -14.48 43.77
C ALA B 259 20.68 -15.61 43.16
N VAL B 260 19.87 -16.29 43.97
CA VAL B 260 19.01 -17.37 43.52
C VAL B 260 17.65 -16.80 43.14
N TYR B 261 17.00 -17.41 42.15
CA TYR B 261 15.65 -17.04 41.75
C TYR B 261 14.69 -18.16 42.13
N ASP B 262 13.76 -17.85 43.02
CA ASP B 262 12.64 -18.73 43.34
C ASP B 262 11.36 -18.05 42.86
N PRO B 263 10.69 -18.59 41.84
CA PRO B 263 9.50 -17.89 41.30
C PRO B 263 8.38 -17.72 42.31
N ALA B 264 8.13 -18.74 43.13
CA ALA B 264 7.09 -18.62 44.15
C ALA B 264 7.49 -17.61 45.22
N GLU B 265 8.77 -17.60 45.62
CA GLU B 265 9.20 -16.67 46.66
C GLU B 265 9.19 -15.23 46.17
N TYR B 266 9.49 -15.00 44.90
CA TYR B 266 9.46 -13.64 44.38
C TYR B 266 8.04 -13.11 44.29
N ASP B 267 7.10 -13.95 43.86
CA ASP B 267 5.72 -13.51 43.70
C ASP B 267 5.08 -13.10 45.02
N LYS B 268 5.57 -13.63 46.14
CA LYS B 268 5.07 -13.26 47.46
C LYS B 268 6.00 -12.34 48.23
N HIS B 269 7.30 -12.39 47.97
CA HIS B 269 8.29 -11.56 48.67
C HIS B 269 9.27 -10.98 47.68
N PRO B 270 8.83 -10.01 46.87
CA PRO B 270 9.76 -9.36 45.93
C PRO B 270 10.77 -8.43 46.59
N GLU B 271 10.60 -8.12 47.88
CA GLU B 271 11.55 -7.27 48.57
C GLU B 271 12.88 -7.97 48.82
N ARG B 272 12.92 -9.30 48.71
CA ARG B 272 14.14 -10.06 48.90
C ARG B 272 14.99 -10.14 47.63
N TYR B 273 14.56 -9.48 46.55
CA TYR B 273 15.19 -9.64 45.25
C TYR B 273 15.67 -8.30 44.71
N ILE B 274 16.64 -8.37 43.80
CA ILE B 274 17.15 -7.23 43.05
C ILE B 274 17.10 -7.57 41.57
N SER B 275 17.40 -6.57 40.74
CA SER B 275 17.38 -6.72 39.29
C SER B 275 18.79 -6.53 38.74
N ARG B 276 19.22 -7.48 37.92
CA ARG B 276 20.51 -7.38 37.22
C ARG B 276 20.38 -6.73 35.85
N PHE B 277 19.23 -6.14 35.55
CA PHE B 277 19.00 -5.57 34.21
C PHE B 277 20.02 -4.48 33.89
N ASN B 278 20.41 -3.68 34.88
CA ASN B 278 21.26 -2.54 34.62
C ASN B 278 22.64 -2.95 34.11
N THR B 279 23.13 -4.12 34.52
CA THR B 279 24.47 -4.57 34.14
C THR B 279 24.44 -5.66 33.07
N ASP B 280 23.45 -6.55 33.10
CA ASP B 280 23.44 -7.69 32.19
C ASP B 280 22.79 -7.40 30.86
N ILE B 281 21.91 -6.40 30.78
CA ILE B 281 21.09 -6.20 29.58
C ILE B 281 21.18 -4.78 29.06
N ALA B 282 20.98 -3.80 29.96
CA ALA B 282 20.96 -2.40 29.56
C ALA B 282 22.17 -1.95 28.74
N PRO B 283 23.41 -2.32 29.05
CA PRO B 283 24.53 -1.86 28.21
C PRO B 283 24.50 -2.40 26.79
N TYR B 284 23.62 -3.35 26.48
CA TYR B 284 23.54 -3.94 25.15
C TYR B 284 22.17 -3.74 24.52
N THR B 285 21.42 -2.73 24.98
CA THR B 285 20.07 -2.46 24.52
C THR B 285 20.05 -1.12 23.80
N THR B 286 19.51 -1.12 22.58
CA THR B 286 19.32 0.14 21.84
C THR B 286 17.96 0.77 22.13
N CYS B 287 16.90 -0.05 22.14
CA CYS B 287 15.55 0.42 22.42
C CYS B 287 14.92 -0.49 23.46
N LEU B 288 14.29 0.12 24.46
CA LEU B 288 13.64 -0.62 25.55
C LEU B 288 12.14 -0.37 25.49
N ILE B 289 11.37 -1.44 25.35
CA ILE B 289 9.92 -1.39 25.38
C ILE B 289 9.48 -1.97 26.71
N ASN B 290 9.00 -1.13 27.60
CA ASN B 290 8.72 -1.50 28.98
C ASN B 290 7.23 -1.68 29.19
N GLY B 291 6.82 -2.89 29.57
CA GLY B 291 5.43 -3.16 29.88
C GLY B 291 5.26 -3.87 31.21
N ILE B 292 6.23 -3.67 32.12
CA ILE B 292 6.19 -4.36 33.40
C ILE B 292 5.08 -3.79 34.27
N TYR B 293 4.36 -4.68 34.96
CA TYR B 293 3.40 -4.31 36.00
C TYR B 293 4.19 -4.08 37.28
N TRP B 294 4.64 -2.86 37.49
CA TRP B 294 5.51 -2.56 38.61
C TRP B 294 4.69 -2.25 39.85
N GLU B 295 5.27 -2.56 41.01
CA GLU B 295 4.67 -2.22 42.29
C GLU B 295 5.75 -1.71 43.22
N GLN B 296 5.31 -1.18 44.36
CA GLN B 296 6.20 -0.51 45.29
C GLN B 296 7.30 -1.45 45.78
N ASN B 297 6.93 -2.66 46.21
CA ASN B 297 7.88 -3.59 46.78
C ASN B 297 8.76 -4.26 45.73
N THR B 298 8.35 -4.24 44.47
CA THR B 298 9.10 -4.93 43.43
C THR B 298 10.37 -4.13 43.08
N PRO B 299 11.41 -4.80 42.61
CA PRO B 299 12.64 -4.10 42.21
C PRO B 299 12.43 -3.28 40.95
N ARG B 300 13.41 -2.44 40.67
CA ARG B 300 13.38 -1.54 39.52
C ARG B 300 14.46 -1.93 38.52
N LEU B 301 14.16 -1.71 37.24
CA LEU B 301 15.11 -2.04 36.19
C LEU B 301 16.28 -1.07 36.18
N LEU B 302 16.01 0.23 36.17
CA LEU B 302 17.03 1.25 36.05
C LEU B 302 16.81 2.34 37.08
N THR B 303 17.92 2.90 37.57
CA THR B 303 17.91 4.02 38.50
C THR B 303 18.56 5.22 37.83
N ARG B 304 18.49 6.36 38.52
CA ARG B 304 19.20 7.55 38.04
C ARG B 304 20.71 7.32 38.04
N GLN B 305 21.19 6.46 38.93
CA GLN B 305 22.61 6.13 38.94
C GLN B 305 23.00 5.31 37.72
N ASP B 306 22.16 4.37 37.31
CA ASP B 306 22.45 3.57 36.13
C ASP B 306 22.44 4.41 34.87
N ALA B 307 21.54 5.40 34.80
CA ALA B 307 21.43 6.24 33.60
C ALA B 307 22.71 7.03 33.38
N GLN B 308 23.32 7.56 34.45
CA GLN B 308 24.56 8.30 34.29
C GLN B 308 25.71 7.40 33.86
N SER B 309 25.69 6.13 34.29
CA SER B 309 26.73 5.20 33.86
C SER B 309 26.52 4.76 32.42
N LEU B 310 25.26 4.66 31.97
CA LEU B 310 24.96 4.29 30.60
C LEU B 310 25.29 5.38 29.60
N LEU B 311 25.51 6.62 30.06
CA LEU B 311 25.85 7.75 29.20
C LEU B 311 27.25 8.22 29.58
N ALA B 312 28.26 7.67 28.92
CA ALA B 312 29.65 8.04 29.19
C ALA B 312 30.44 8.22 27.89
N GLU B 322 33.95 10.12 11.10
CA GLU B 322 33.82 11.54 10.80
C GLU B 322 32.50 11.83 10.11
N GLY B 323 32.24 11.13 9.02
CA GLY B 323 30.96 11.21 8.35
C GLY B 323 30.10 10.01 8.69
N CYS B 324 30.73 8.97 9.22
CA CYS B 324 30.06 7.77 9.70
C CYS B 324 30.42 7.57 11.17
N PRO B 325 29.89 8.38 12.07
CA PRO B 325 30.24 8.25 13.48
C PRO B 325 29.40 7.18 14.17
N ALA B 326 29.91 6.72 15.31
CA ALA B 326 29.19 5.76 16.11
C ALA B 326 28.21 6.49 17.04
N LEU B 327 27.33 5.71 17.66
CA LEU B 327 26.40 6.28 18.62
C LEU B 327 27.17 6.74 19.86
N PRO B 328 26.74 7.84 20.50
CA PRO B 328 27.41 8.26 21.74
C PRO B 328 27.24 7.25 22.87
N HIS B 329 26.22 6.41 22.80
CA HIS B 329 25.97 5.35 23.78
C HIS B 329 24.95 4.39 23.17
N LYS B 330 24.99 3.15 23.65
CA LYS B 330 24.17 2.10 23.04
C LYS B 330 22.68 2.38 23.21
N LEU B 331 22.27 2.80 24.41
CA LEU B 331 20.85 3.03 24.68
C LEU B 331 20.39 4.30 23.99
N VAL B 332 19.41 4.16 23.10
CA VAL B 332 18.89 5.28 22.32
C VAL B 332 17.53 5.73 22.84
N ALA B 333 16.61 4.80 23.07
CA ALA B 333 15.25 5.17 23.42
C ALA B 333 14.66 4.16 24.39
N ILE B 334 13.68 4.64 25.17
CA ILE B 334 12.86 3.80 26.03
C ILE B 334 11.40 4.19 25.81
N CYS B 335 10.54 3.20 25.67
CA CYS B 335 9.12 3.43 25.45
C CYS B 335 8.30 2.80 26.56
N ASP B 336 7.34 3.54 27.09
CA ASP B 336 6.50 3.10 28.20
C ASP B 336 5.12 2.76 27.64
N ILE B 337 4.81 1.46 27.59
CA ILE B 337 3.59 0.98 26.96
C ILE B 337 2.58 0.45 27.98
N SER B 338 2.83 0.64 29.28
CA SER B 338 1.93 0.18 30.31
C SER B 338 1.71 1.28 31.34
N ALA B 339 0.49 1.32 31.88
CA ALA B 339 0.17 2.35 32.87
C ALA B 339 0.82 2.08 34.20
N ASP B 340 0.99 0.80 34.56
CA ASP B 340 1.54 0.42 35.85
C ASP B 340 3.05 0.20 35.80
N THR B 341 3.74 0.81 34.83
CA THR B 341 5.19 0.74 34.80
C THR B 341 5.80 1.47 35.99
N GLY B 342 5.19 2.58 36.39
CA GLY B 342 5.57 3.28 37.60
C GLY B 342 7.06 3.58 37.70
N GLY B 343 7.70 2.99 38.70
CA GLY B 343 9.09 3.25 39.01
C GLY B 343 10.09 2.31 38.38
N SER B 344 9.68 1.45 37.44
CA SER B 344 10.62 0.56 36.77
C SER B 344 11.82 1.33 36.23
N ILE B 345 11.56 2.46 35.59
CA ILE B 345 12.57 3.40 35.15
C ILE B 345 12.39 4.65 36.01
N GLU B 346 13.20 4.76 37.07
CA GLU B 346 12.98 5.81 38.07
C GLU B 346 13.11 7.20 37.46
N PHE B 347 13.93 7.38 36.43
CA PHE B 347 14.06 8.68 35.79
C PHE B 347 13.02 8.91 34.70
N MET B 348 11.97 8.09 34.65
CA MET B 348 10.85 8.32 33.76
C MET B 348 9.65 8.78 34.57
N THR B 349 9.79 9.97 35.15
CA THR B 349 8.81 10.52 36.08
C THR B 349 7.71 11.31 35.38
N GLU B 350 7.96 11.85 34.20
CA GLU B 350 7.02 12.70 33.50
C GLU B 350 6.36 11.95 32.36
N CYS B 351 5.06 12.14 32.21
CA CYS B 351 4.32 11.56 31.10
C CYS B 351 4.30 12.50 29.91
N THR B 352 4.09 11.93 28.73
CA THR B 352 4.02 12.68 27.49
C THR B 352 2.63 12.54 26.87
N THR B 353 2.37 13.36 25.86
CA THR B 353 1.06 13.40 25.20
C THR B 353 1.21 12.96 23.76
N ILE B 354 0.06 12.77 23.11
CA ILE B 354 0.07 12.37 21.70
C ILE B 354 0.59 13.50 20.82
N GLU B 355 0.42 14.75 21.26
CA GLU B 355 0.93 15.90 20.51
C GLU B 355 2.38 16.22 20.84
N HIS B 356 2.87 15.82 22.02
CA HIS B 356 4.26 15.97 22.41
C HIS B 356 4.75 14.62 22.94
N PRO B 357 5.03 13.68 22.05
CA PRO B 357 5.27 12.29 22.49
C PRO B 357 6.64 12.03 23.10
N PHE B 358 7.66 12.77 22.66
CA PHE B 358 9.03 12.44 23.01
C PHE B 358 9.67 13.52 23.87
N CYS B 359 10.48 13.09 24.84
CA CYS B 359 11.31 13.98 25.63
C CYS B 359 12.69 13.34 25.77
N MET B 360 13.64 14.12 26.25
CA MET B 360 15.02 13.69 26.39
C MET B 360 15.44 13.71 27.85
N TYR B 361 16.15 12.67 28.28
CA TYR B 361 16.76 12.59 29.60
C TYR B 361 18.26 12.81 29.44
N ASP B 362 18.73 14.01 29.75
CA ASP B 362 20.11 14.41 29.52
C ASP B 362 21.02 13.83 30.60
N ALA B 363 22.32 13.84 30.29
CA ALA B 363 23.32 13.41 31.25
C ALA B 363 23.32 14.27 32.51
N ASP B 364 22.87 15.53 32.38
CA ASP B 364 22.70 16.42 33.52
C ASP B 364 21.40 16.16 34.27
N GLN B 365 20.73 15.04 33.98
CA GLN B 365 19.52 14.62 34.68
C GLN B 365 18.41 15.68 34.58
N HIS B 366 18.18 16.15 33.35
CA HIS B 366 17.14 17.12 33.06
C HIS B 366 16.25 16.59 31.94
N ILE B 367 14.95 16.81 32.08
CA ILE B 367 13.98 16.42 31.06
C ILE B 367 13.82 17.57 30.08
N ILE B 368 14.05 17.28 28.80
CA ILE B 368 13.89 18.25 27.73
C ILE B 368 12.64 17.85 26.95
N HIS B 369 11.51 18.49 27.27
CA HIS B 369 10.23 18.06 26.72
C HIS B 369 10.10 18.46 25.25
N ASP B 370 9.39 17.62 24.50
CA ASP B 370 9.03 17.91 23.11
C ASP B 370 10.25 18.19 22.24
N SER B 371 11.21 17.26 22.27
CA SER B 371 12.41 17.39 21.45
C SER B 371 13.10 16.04 21.36
N VAL B 372 13.98 15.92 20.37
CA VAL B 372 14.77 14.72 20.15
C VAL B 372 16.23 15.13 19.99
N GLU B 373 16.52 16.40 20.23
CA GLU B 373 17.84 16.98 20.00
C GLU B 373 18.69 16.93 21.26
N GLY B 374 19.99 17.15 21.06
CA GLY B 374 20.92 17.19 22.17
C GLY B 374 21.49 15.83 22.54
N SER B 375 21.74 15.63 23.83
CA SER B 375 22.30 14.38 24.33
C SER B 375 21.31 13.73 25.29
N GLY B 376 21.45 12.42 25.45
CA GLY B 376 20.63 11.69 26.40
C GLY B 376 19.84 10.55 25.81
N ILE B 377 18.77 10.16 26.49
CA ILE B 377 17.94 9.02 26.12
C ILE B 377 16.58 9.55 25.67
N LEU B 378 16.15 9.12 24.48
CA LEU B 378 14.79 9.42 24.04
C LEU B 378 13.80 8.64 24.88
N MET B 379 12.73 9.31 25.32
CA MET B 379 11.75 8.67 26.18
C MET B 379 10.34 8.99 25.69
N CYS B 380 9.47 7.98 25.77
CA CYS B 380 8.07 8.12 25.35
C CYS B 380 7.20 7.43 26.39
N SER B 381 6.29 8.19 27.01
CA SER B 381 5.40 7.69 28.05
C SER B 381 4.02 8.32 27.85
N ILE B 382 3.34 7.89 26.80
CA ILE B 382 2.05 8.44 26.41
C ILE B 382 0.94 7.70 27.14
N ASP B 383 0.09 8.45 27.84
CA ASP B 383 -1.15 7.89 28.36
C ASP B 383 -2.17 7.79 27.24
N ASN B 384 -3.17 6.92 27.45
CA ASN B 384 -4.15 6.54 26.44
C ASN B 384 -3.50 6.32 25.07
N LEU B 385 -2.51 5.43 25.09
CA LEU B 385 -1.95 4.94 23.84
C LEU B 385 -3.00 4.30 22.92
N PRO B 386 -3.98 3.52 23.40
CA PRO B 386 -4.98 2.97 22.48
C PRO B 386 -5.76 4.02 21.70
N ALA B 387 -5.82 5.26 22.20
CA ALA B 387 -6.51 6.32 21.48
C ALA B 387 -5.86 6.68 20.16
N GLN B 388 -4.61 6.25 19.92
CA GLN B 388 -3.98 6.45 18.63
C GLN B 388 -4.45 5.47 17.58
N LEU B 389 -5.02 4.33 18.00
CA LEU B 389 -5.70 3.39 17.10
C LEU B 389 -7.12 3.19 17.62
N PRO B 390 -7.95 4.24 17.58
CA PRO B 390 -9.20 4.21 18.34
C PRO B 390 -10.25 3.28 17.75
N ILE B 391 -10.23 3.01 16.44
CA ILE B 391 -11.23 2.11 15.86
C ILE B 391 -11.03 0.70 16.40
N GLU B 392 -9.83 0.16 16.25
CA GLU B 392 -9.56 -1.18 16.74
C GLU B 392 -9.59 -1.26 18.26
N ALA B 393 -9.25 -0.16 18.94
CA ALA B 393 -9.36 -0.13 20.40
C ALA B 393 -10.82 -0.14 20.84
N THR B 394 -11.69 0.55 20.10
CA THR B 394 -13.11 0.52 20.41
C THR B 394 -13.69 -0.87 20.22
N GLU B 395 -13.30 -1.54 19.12
CA GLU B 395 -13.81 -2.89 18.87
C GLU B 395 -13.29 -3.88 19.90
N CYS B 396 -12.00 -3.79 20.26
CA CYS B 396 -11.44 -4.71 21.23
C CYS B 396 -12.05 -4.48 22.61
N PHE B 397 -12.19 -3.22 23.01
CA PHE B 397 -12.81 -2.90 24.29
C PHE B 397 -14.27 -3.35 24.30
N GLY B 398 -14.98 -3.14 23.20
CA GLY B 398 -16.38 -3.54 23.13
C GLY B 398 -16.57 -5.04 23.16
N ASP B 399 -15.61 -5.79 22.60
CA ASP B 399 -15.69 -7.24 22.64
C ASP B 399 -15.60 -7.76 24.08
N MET B 400 -14.76 -7.13 24.90
CA MET B 400 -14.63 -7.55 26.29
C MET B 400 -15.83 -7.13 27.12
N LEU B 401 -16.35 -5.94 26.87
CA LEU B 401 -17.47 -5.41 27.66
C LEU B 401 -18.80 -6.03 27.28
N TYR B 402 -18.94 -6.53 26.04
CA TYR B 402 -20.23 -6.99 25.54
C TYR B 402 -20.94 -8.02 26.43
N PRO B 403 -20.30 -9.07 26.93
CA PRO B 403 -21.05 -10.07 27.72
C PRO B 403 -21.64 -9.53 29.01
N TYR B 404 -21.25 -8.33 29.46
CA TYR B 404 -21.78 -7.76 30.69
C TYR B 404 -22.73 -6.59 30.45
N VAL B 405 -23.02 -6.26 29.20
CA VAL B 405 -23.83 -5.07 28.92
C VAL B 405 -25.29 -5.30 29.31
N GLU B 406 -25.84 -6.48 29.00
CA GLU B 406 -27.27 -6.71 29.20
C GLU B 406 -27.64 -6.61 30.67
N GLU B 407 -26.83 -7.21 31.56
CA GLU B 407 -27.11 -7.11 32.98
C GLU B 407 -26.97 -5.68 33.50
N MET B 408 -26.15 -4.85 32.83
CA MET B 408 -26.03 -3.46 33.23
C MET B 408 -27.18 -2.62 32.68
N ILE B 409 -27.79 -3.04 31.57
CA ILE B 409 -28.99 -2.36 31.09
C ILE B 409 -30.14 -2.56 32.07
N LEU B 410 -30.30 -3.79 32.58
CA LEU B 410 -31.34 -4.11 33.53
C LEU B 410 -31.05 -3.58 34.93
N SER B 411 -29.98 -2.82 35.10
CA SER B 411 -29.67 -2.23 36.41
C SER B 411 -30.69 -1.14 36.74
N ASP B 412 -30.98 -1.00 38.03
CA ASP B 412 -31.95 -0.02 38.53
C ASP B 412 -31.29 0.74 39.67
N ALA B 413 -30.82 1.95 39.38
CA ALA B 413 -30.13 2.74 40.39
C ALA B 413 -31.02 3.12 41.56
N THR B 414 -32.34 3.08 41.39
CA THR B 414 -33.27 3.44 42.44
C THR B 414 -33.53 2.31 43.43
N GLN B 415 -32.99 1.13 43.19
CA GLN B 415 -33.23 -0.04 44.01
C GLN B 415 -31.94 -0.51 44.68
N PRO B 416 -32.03 -1.28 45.76
CA PRO B 416 -30.81 -1.71 46.47
C PRO B 416 -29.87 -2.51 45.56
N LEU B 417 -28.58 -2.46 45.92
CA LEU B 417 -27.57 -3.16 45.13
C LEU B 417 -27.64 -4.68 45.35
N GLU B 418 -27.89 -5.10 46.59
CA GLU B 418 -27.98 -6.52 46.89
C GLU B 418 -29.13 -7.18 46.13
N SER B 419 -30.20 -6.43 45.87
CA SER B 419 -31.34 -6.98 45.15
C SER B 419 -31.02 -7.27 43.69
N GLN B 420 -30.07 -6.54 43.11
CA GLN B 420 -29.76 -6.68 41.70
C GLN B 420 -29.23 -8.07 41.38
N ASN B 421 -29.62 -8.59 40.23
CA ASN B 421 -29.13 -9.88 39.74
C ASN B 421 -27.88 -9.66 38.89
N PHE B 422 -26.81 -9.28 39.59
CA PHE B 422 -25.52 -8.99 38.97
C PHE B 422 -24.58 -10.19 39.11
N SER B 423 -23.76 -10.39 38.09
CA SER B 423 -22.64 -11.31 38.20
C SER B 423 -21.53 -10.68 39.01
N PRO B 424 -20.66 -11.47 39.63
CA PRO B 424 -19.65 -10.89 40.54
C PRO B 424 -18.72 -9.89 39.87
N VAL B 425 -18.47 -10.04 38.56
CA VAL B 425 -17.61 -9.09 37.85
C VAL B 425 -18.19 -7.69 37.93
N VAL B 426 -19.50 -7.55 37.72
CA VAL B 426 -20.12 -6.24 37.71
C VAL B 426 -20.36 -5.73 39.13
N ARG B 427 -20.75 -6.61 40.04
CA ARG B 427 -21.05 -6.17 41.41
C ARG B 427 -19.82 -5.57 42.08
N ASP B 428 -18.68 -6.27 41.99
CA ASP B 428 -17.44 -5.78 42.58
C ASP B 428 -16.96 -4.50 41.92
N ALA B 429 -17.34 -4.26 40.66
CA ALA B 429 -16.92 -3.06 39.94
C ALA B 429 -17.71 -1.82 40.31
N VAL B 430 -18.77 -1.96 41.09
CA VAL B 430 -19.53 -0.79 41.53
C VAL B 430 -18.74 -0.06 42.60
N ILE B 431 -18.37 1.19 42.32
CA ILE B 431 -17.59 1.98 43.27
C ILE B 431 -18.46 2.71 44.28
N THR B 432 -19.77 2.80 44.04
CA THR B 432 -20.68 3.44 44.99
C THR B 432 -21.28 2.40 45.93
N ALA C 6 -10.05 24.00 -38.14
CA ALA C 6 -8.97 23.87 -37.18
C ALA C 6 -9.44 23.17 -35.91
N VAL C 7 -10.02 21.98 -36.06
CA VAL C 7 -10.61 21.23 -34.96
C VAL C 7 -9.94 19.85 -34.91
N LEU C 8 -9.68 19.37 -33.69
CA LEU C 8 -9.06 18.08 -33.44
C LEU C 8 -10.07 17.12 -32.84
N ALA C 9 -9.91 15.83 -33.15
CA ALA C 9 -10.76 14.79 -32.60
C ALA C 9 -9.93 13.57 -32.24
N VAL C 10 -10.18 13.02 -31.06
CA VAL C 10 -9.61 11.75 -30.63
C VAL C 10 -10.71 10.70 -30.76
N ARG C 11 -10.56 9.79 -31.72
CA ARG C 11 -11.62 8.85 -32.01
C ARG C 11 -11.60 7.69 -31.00
N ARG C 12 -12.75 7.03 -30.89
CA ARG C 12 -12.89 5.88 -30.03
C ARG C 12 -12.30 4.64 -30.71
N GLU C 13 -11.73 3.77 -29.90
CA GLU C 13 -11.14 2.54 -30.42
C GLU C 13 -12.19 1.44 -30.57
N ASP C 14 -12.06 0.67 -31.64
CA ASP C 14 -12.95 -0.44 -31.90
C ASP C 14 -12.23 -1.64 -32.51
N VAL C 15 -10.92 -1.56 -32.68
CA VAL C 15 -10.16 -2.68 -33.25
C VAL C 15 -10.15 -3.86 -32.30
N ASN C 16 -10.15 -3.61 -31.00
CA ASN C 16 -9.92 -4.65 -30.01
C ASN C 16 -10.64 -4.29 -28.73
N ALA C 17 -11.17 -5.30 -28.04
CA ALA C 17 -11.82 -5.08 -26.76
C ALA C 17 -10.82 -4.69 -25.67
N TRP C 18 -9.54 -5.00 -25.86
CA TRP C 18 -8.51 -4.73 -24.87
C TRP C 18 -7.67 -3.51 -25.19
N GLU C 19 -8.06 -2.73 -26.20
CA GLU C 19 -7.32 -1.52 -26.57
C GLU C 19 -7.88 -0.37 -25.73
N ARG C 20 -7.28 -0.16 -24.56
CA ARG C 20 -7.73 0.85 -23.62
C ARG C 20 -6.88 2.11 -23.66
N ARG C 21 -5.99 2.23 -24.65
CA ARG C 21 -5.11 3.38 -24.74
C ARG C 21 -5.70 4.46 -25.64
N ALA C 22 -5.03 5.60 -25.67
CA ALA C 22 -5.44 6.75 -26.47
C ALA C 22 -4.18 7.44 -26.98
N PRO C 23 -4.26 8.12 -28.14
CA PRO C 23 -3.08 8.83 -28.64
C PRO C 23 -2.71 10.05 -27.81
N LEU C 24 -3.61 10.56 -26.98
CA LEU C 24 -3.35 11.72 -26.14
C LEU C 24 -4.00 11.53 -24.79
N ALA C 25 -3.38 12.13 -23.77
CA ALA C 25 -3.85 12.16 -22.40
C ALA C 25 -4.53 13.50 -22.12
N PRO C 26 -5.34 13.59 -21.05
CA PRO C 26 -6.02 14.87 -20.76
C PRO C 26 -5.09 16.07 -20.67
N LYS C 27 -3.91 15.91 -20.08
CA LYS C 27 -3.01 17.06 -19.96
C LYS C 27 -2.57 17.58 -21.33
N HIS C 28 -2.50 16.69 -22.33
CA HIS C 28 -2.21 17.15 -23.69
C HIS C 28 -3.41 17.86 -24.31
N ILE C 29 -4.62 17.44 -23.94
CA ILE C 29 -5.82 18.14 -24.42
C ILE C 29 -5.90 19.54 -23.83
N LYS C 30 -5.55 19.68 -22.54
CA LYS C 30 -5.54 21.00 -21.93
C LYS C 30 -4.54 21.92 -22.60
N GLY C 31 -3.38 21.38 -22.98
CA GLY C 31 -2.41 22.19 -23.71
C GLY C 31 -2.94 22.63 -25.06
N ILE C 32 -3.46 21.67 -25.84
CA ILE C 32 -3.95 21.99 -27.18
C ILE C 32 -5.08 23.02 -27.11
N THR C 33 -5.98 22.88 -26.14
CA THR C 33 -7.08 23.84 -26.02
C THR C 33 -6.59 25.20 -25.54
N ASN C 34 -5.48 25.25 -24.81
CA ASN C 34 -4.95 26.54 -24.39
C ASN C 34 -4.45 27.35 -25.57
N LEU C 35 -3.96 26.68 -26.62
CA LEU C 35 -3.55 27.39 -27.83
C LEU C 35 -4.74 28.06 -28.50
N GLY C 36 -5.90 27.42 -28.47
CA GLY C 36 -7.10 27.97 -29.07
C GLY C 36 -7.82 26.99 -29.98
N TYR C 37 -7.32 25.76 -30.04
CA TYR C 37 -7.89 24.74 -30.91
C TYR C 37 -9.00 23.99 -30.19
N LYS C 38 -10.07 23.69 -30.93
CA LYS C 38 -11.17 22.91 -30.39
C LYS C 38 -10.86 21.42 -30.51
N VAL C 39 -11.11 20.68 -29.44
CA VAL C 39 -10.80 19.25 -29.37
C VAL C 39 -12.09 18.50 -29.05
N LEU C 40 -12.47 17.59 -29.95
CA LEU C 40 -13.61 16.71 -29.73
C LEU C 40 -13.12 15.36 -29.23
N ILE C 41 -13.80 14.82 -28.23
CA ILE C 41 -13.46 13.53 -27.65
C ILE C 41 -14.62 12.59 -27.88
N GLN C 42 -14.39 11.55 -28.67
CA GLN C 42 -15.42 10.55 -28.91
C GLN C 42 -15.60 9.70 -27.66
N PRO C 43 -16.83 9.57 -27.15
CA PRO C 43 -17.02 8.81 -25.90
C PRO C 43 -16.58 7.37 -26.04
N SER C 44 -16.01 6.82 -24.97
CA SER C 44 -15.47 5.46 -25.01
C SER C 44 -15.47 4.89 -23.59
N ASN C 45 -16.35 3.92 -23.36
CA ASN C 45 -16.26 3.13 -22.12
C ASN C 45 -15.01 2.26 -22.10
N ARG C 46 -14.41 2.02 -23.26
CA ARG C 46 -13.27 1.13 -23.37
C ARG C 46 -11.97 1.79 -22.90
N ARG C 47 -11.89 3.11 -22.99
CA ARG C 47 -10.65 3.81 -22.64
C ARG C 47 -10.39 3.73 -21.15
N ALA C 48 -9.11 3.62 -20.78
CA ALA C 48 -8.74 3.53 -19.38
C ALA C 48 -8.89 4.87 -18.67
N ILE C 49 -8.52 5.96 -19.35
CA ILE C 49 -8.74 7.30 -18.82
C ILE C 49 -10.20 7.68 -19.09
N HIS C 50 -10.91 8.04 -18.03
CA HIS C 50 -12.35 8.29 -18.14
C HIS C 50 -12.63 9.50 -19.04
N ASP C 51 -13.83 9.50 -19.62
CA ASP C 51 -14.22 10.60 -20.50
C ASP C 51 -14.20 11.94 -19.77
N LYS C 52 -14.67 11.96 -18.52
CA LYS C 52 -14.78 13.23 -17.79
C LYS C 52 -13.42 13.83 -17.46
N ASP C 53 -12.35 13.04 -17.48
CA ASP C 53 -11.03 13.63 -17.33
C ASP C 53 -10.61 14.41 -18.57
N TYR C 54 -11.07 13.99 -19.75
CA TYR C 54 -10.83 14.78 -20.95
C TYR C 54 -11.72 16.02 -21.00
N VAL C 55 -12.95 15.91 -20.47
CA VAL C 55 -13.83 17.07 -20.40
C VAL C 55 -13.27 18.11 -19.44
N LYS C 56 -12.76 17.67 -18.28
CA LYS C 56 -12.18 18.59 -17.31
C LYS C 56 -10.95 19.30 -17.86
N ALA C 57 -10.32 18.76 -18.89
CA ALA C 57 -9.15 19.38 -19.51
C ALA C 57 -9.51 20.27 -20.69
N GLY C 58 -10.80 20.46 -20.98
CA GLY C 58 -11.22 21.29 -22.08
C GLY C 58 -11.72 20.54 -23.29
N GLY C 59 -11.73 19.21 -23.26
CA GLY C 59 -12.26 18.44 -24.36
C GLY C 59 -13.78 18.47 -24.40
N ILE C 60 -14.31 18.32 -25.61
CA ILE C 60 -15.75 18.33 -25.84
C ILE C 60 -16.17 16.91 -26.21
N LEU C 61 -16.93 16.27 -25.33
CA LEU C 61 -17.48 14.94 -25.61
C LEU C 61 -18.50 15.03 -26.72
N GLN C 62 -18.23 14.34 -27.83
CA GLN C 62 -19.15 14.33 -28.96
C GLN C 62 -19.03 13.01 -29.70
N GLU C 63 -20.19 12.43 -30.06
CA GLU C 63 -20.19 11.21 -30.87
C GLU C 63 -19.82 11.52 -32.31
N ASP C 64 -20.39 12.58 -32.87
CA ASP C 64 -20.12 12.97 -34.25
C ASP C 64 -18.88 13.87 -34.28
N ILE C 65 -17.83 13.42 -34.95
CA ILE C 65 -16.58 14.17 -35.04
C ILE C 65 -16.30 14.53 -36.49
N SER C 66 -17.36 14.79 -37.26
CA SER C 66 -17.17 15.22 -38.64
C SER C 66 -16.65 16.64 -38.73
N GLU C 67 -16.76 17.43 -37.66
CA GLU C 67 -16.30 18.81 -37.69
C GLU C 67 -14.77 18.90 -37.71
N ALA C 68 -14.10 17.92 -37.12
CA ALA C 68 -12.64 17.98 -36.98
C ALA C 68 -11.95 17.93 -38.33
N CYS C 69 -10.67 18.30 -38.33
CA CYS C 69 -9.80 18.16 -39.49
C CYS C 69 -8.76 17.07 -39.30
N LEU C 70 -8.27 16.89 -38.08
CA LEU C 70 -7.37 15.81 -37.73
C LEU C 70 -8.08 14.85 -36.78
N ILE C 71 -8.00 13.56 -37.08
CA ILE C 71 -8.59 12.51 -36.24
C ILE C 71 -7.47 11.58 -35.81
N LEU C 72 -7.25 11.52 -34.49
CA LEU C 72 -6.17 10.72 -33.93
C LEU C 72 -6.72 9.42 -33.32
N GLY C 73 -6.03 8.32 -33.59
CA GLY C 73 -6.38 7.04 -33.02
C GLY C 73 -5.16 6.17 -32.91
N VAL C 74 -5.19 5.22 -31.98
CA VAL C 74 -4.01 4.40 -31.75
C VAL C 74 -3.90 3.28 -32.77
N LYS C 75 -5.03 2.71 -33.21
CA LYS C 75 -5.02 1.59 -34.15
C LYS C 75 -5.93 1.87 -35.33
N ARG C 76 -5.61 1.27 -36.47
CA ARG C 76 -6.29 1.55 -37.72
C ARG C 76 -7.80 1.34 -37.58
N PRO C 77 -8.62 2.19 -38.23
CA PRO C 77 -10.07 2.08 -38.08
C PRO C 77 -10.65 1.08 -39.08
N PRO C 78 -11.92 0.67 -38.89
CA PRO C 78 -12.52 -0.30 -39.81
C PRO C 78 -12.84 0.28 -41.18
N GLU C 79 -13.51 -0.50 -42.02
CA GLU C 79 -13.84 -0.05 -43.37
C GLU C 79 -14.87 1.06 -43.35
N GLU C 80 -15.91 0.90 -42.52
CA GLU C 80 -17.06 1.80 -42.59
C GLU C 80 -16.76 3.17 -41.98
N LYS C 81 -15.96 3.20 -40.90
CA LYS C 81 -15.81 4.39 -40.07
C LYS C 81 -14.94 5.47 -40.70
N LEU C 82 -14.39 5.26 -41.89
CA LEU C 82 -13.50 6.25 -42.50
C LEU C 82 -14.33 7.35 -43.16
N MET C 83 -14.04 8.59 -42.79
CA MET C 83 -14.76 9.75 -43.30
C MET C 83 -13.96 10.44 -44.39
N SER C 84 -14.65 11.33 -45.11
CA SER C 84 -14.12 11.93 -46.34
C SER C 84 -13.26 13.15 -46.06
N ARG C 85 -12.22 13.32 -46.90
CA ARG C 85 -11.30 14.45 -46.94
C ARG C 85 -10.94 15.01 -45.57
N LYS C 86 -10.24 14.22 -44.76
CA LYS C 86 -9.67 14.65 -43.49
C LYS C 86 -8.34 13.95 -43.31
N THR C 87 -7.70 14.21 -42.17
CA THR C 87 -6.38 13.66 -41.86
C THR C 87 -6.49 12.70 -40.69
N TYR C 88 -5.95 11.49 -40.87
CA TYR C 88 -5.95 10.45 -39.85
C TYR C 88 -4.52 10.06 -39.51
N ALA C 89 -4.27 9.81 -38.23
CA ALA C 89 -3.00 9.30 -37.75
C ALA C 89 -3.25 8.01 -36.98
N PHE C 90 -2.48 6.96 -37.32
CA PHE C 90 -2.71 5.64 -36.74
C PHE C 90 -1.40 4.86 -36.70
N PHE C 91 -1.48 3.70 -36.06
CA PHE C 91 -0.42 2.68 -36.11
C PHE C 91 -0.79 1.66 -37.19
N SER C 92 0.09 1.48 -38.16
CA SER C 92 -0.17 0.52 -39.23
C SER C 92 0.88 -0.57 -39.24
N LEU C 105 -5.38 0.67 -51.65
CA LEU C 105 -5.32 2.04 -51.14
C LEU C 105 -5.90 3.03 -52.15
N ASP C 106 -6.33 2.51 -53.31
CA ASP C 106 -6.92 3.37 -54.32
C ASP C 106 -8.21 4.01 -53.85
N GLU C 107 -9.00 3.29 -53.05
CA GLU C 107 -10.24 3.86 -52.53
C GLU C 107 -9.96 5.03 -51.60
N ILE C 108 -8.90 4.94 -50.80
CA ILE C 108 -8.50 6.06 -49.96
C ILE C 108 -8.07 7.24 -50.82
N LEU C 109 -7.37 6.97 -51.92
CA LEU C 109 -7.00 8.04 -52.85
C LEU C 109 -8.25 8.67 -53.47
N LYS C 110 -9.25 7.84 -53.82
CA LYS C 110 -10.48 8.38 -54.37
C LYS C 110 -11.13 9.35 -53.40
N GLN C 111 -11.09 9.06 -52.12
CA GLN C 111 -11.58 9.97 -51.09
C GLN C 111 -10.51 10.95 -50.62
N GLU C 112 -9.30 10.88 -51.18
CA GLU C 112 -8.13 11.66 -50.77
C GLU C 112 -8.04 11.88 -49.27
N ILE C 113 -7.79 10.81 -48.52
CA ILE C 113 -7.61 10.88 -47.08
C ILE C 113 -6.12 10.81 -46.78
N ARG C 114 -5.58 11.86 -46.14
CA ARG C 114 -4.19 11.82 -45.73
C ARG C 114 -4.03 10.91 -44.51
N LEU C 115 -3.11 9.96 -44.60
CA LEU C 115 -2.85 9.00 -43.55
C LEU C 115 -1.43 9.14 -43.05
N ILE C 116 -1.27 9.26 -41.74
CA ILE C 116 0.04 9.39 -41.10
C ILE C 116 0.23 8.20 -40.16
N ASP C 117 1.40 7.57 -40.23
CA ASP C 117 1.73 6.42 -39.41
C ASP C 117 2.72 6.86 -38.35
N TYR C 118 2.34 6.72 -37.07
CA TYR C 118 3.27 7.02 -35.98
C TYR C 118 4.54 6.18 -36.10
N GLU C 119 4.40 4.95 -36.58
CA GLU C 119 5.54 4.03 -36.65
C GLU C 119 6.66 4.57 -37.53
N LYS C 120 6.31 5.37 -38.55
CA LYS C 120 7.29 5.91 -39.48
C LYS C 120 7.75 7.31 -39.10
N MET C 121 7.26 7.87 -37.99
CA MET C 121 7.77 9.15 -37.51
C MET C 121 9.18 8.95 -36.98
N VAL C 122 10.17 9.39 -37.75
CA VAL C 122 11.57 9.05 -37.51
C VAL C 122 12.42 10.31 -37.68
N ASP C 123 13.42 10.45 -36.81
CA ASP C 123 14.31 11.63 -36.84
C ASP C 123 15.37 11.53 -37.93
N HIS C 124 16.41 12.35 -37.84
CA HIS C 124 17.44 12.36 -38.86
C HIS C 124 18.38 11.16 -38.76
N ARG C 125 18.62 10.66 -37.54
CA ARG C 125 19.47 9.48 -37.40
C ARG C 125 18.74 8.23 -37.89
N GLY C 126 17.46 8.09 -37.56
CA GLY C 126 16.70 6.95 -38.03
C GLY C 126 15.81 6.33 -36.97
N VAL C 127 15.95 6.75 -35.72
CA VAL C 127 15.21 6.15 -34.62
C VAL C 127 13.80 6.73 -34.58
N ARG C 128 12.85 5.92 -34.11
CA ARG C 128 11.47 6.37 -33.98
C ARG C 128 11.36 7.42 -32.88
N VAL C 129 10.47 8.38 -33.10
CA VAL C 129 10.26 9.45 -32.14
C VAL C 129 8.92 9.34 -31.41
N VAL C 130 7.93 8.68 -31.98
CA VAL C 130 6.62 8.50 -31.37
C VAL C 130 6.44 7.01 -31.13
N ALA C 131 6.70 6.56 -29.91
CA ALA C 131 6.53 5.16 -29.53
C ALA C 131 5.94 5.11 -28.13
N PHE C 132 5.72 3.90 -27.63
CA PHE C 132 5.21 3.73 -26.28
C PHE C 132 6.30 3.61 -25.23
N GLY C 133 7.57 3.58 -25.66
CA GLY C 133 8.70 3.58 -24.74
C GLY C 133 8.91 2.33 -23.90
N GLN C 134 9.13 2.55 -22.60
CA GLN C 134 9.52 1.49 -21.68
C GLN C 134 8.36 0.61 -21.22
N TRP C 135 7.12 0.98 -21.53
CA TRP C 135 5.98 0.35 -20.87
C TRP C 135 5.71 -1.07 -21.35
N ALA C 136 6.25 -1.46 -22.50
CA ALA C 136 6.16 -2.86 -22.90
C ALA C 136 7.06 -3.72 -22.02
N GLY C 137 8.23 -3.20 -21.63
CA GLY C 137 9.11 -3.92 -20.73
C GLY C 137 8.65 -3.91 -19.29
N VAL C 138 8.03 -2.81 -18.85
CA VAL C 138 7.48 -2.75 -17.50
C VAL C 138 6.40 -3.80 -17.32
N ALA C 139 5.46 -3.86 -18.28
CA ALA C 139 4.40 -4.86 -18.21
C ALA C 139 4.96 -6.28 -18.39
N GLY C 140 5.94 -6.44 -19.27
CA GLY C 140 6.50 -7.76 -19.50
C GLY C 140 7.20 -8.33 -18.28
N MET C 141 7.93 -7.49 -17.55
CA MET C 141 8.61 -7.95 -16.35
C MET C 141 7.61 -8.36 -15.28
N ILE C 142 6.56 -7.55 -15.08
CA ILE C 142 5.52 -7.91 -14.11
C ILE C 142 4.87 -9.23 -14.48
N ASN C 143 4.63 -9.45 -15.77
CA ASN C 143 3.96 -10.67 -16.22
C ASN C 143 4.84 -11.89 -15.98
N ILE C 144 6.12 -11.81 -16.35
CA ILE C 144 6.98 -12.98 -16.26
C ILE C 144 7.30 -13.31 -14.80
N LEU C 145 7.32 -12.30 -13.92
CA LEU C 145 7.44 -12.57 -12.49
C LEU C 145 6.20 -13.28 -11.98
N HIS C 146 5.03 -12.88 -12.47
CA HIS C 146 3.79 -13.59 -12.14
C HIS C 146 3.81 -15.01 -12.71
N GLY C 147 4.33 -15.17 -13.93
CA GLY C 147 4.36 -16.48 -14.54
C GLY C 147 5.30 -17.44 -13.82
N MET C 148 6.45 -16.94 -13.37
CA MET C 148 7.37 -17.79 -12.62
C MET C 148 6.75 -18.25 -11.31
N GLY C 149 5.91 -17.42 -10.69
CA GLY C 149 5.21 -17.84 -9.49
C GLY C 149 4.31 -19.04 -9.74
N LEU C 150 3.57 -19.01 -10.85
CA LEU C 150 2.70 -20.14 -11.18
C LEU C 150 3.50 -21.35 -11.63
N ARG C 151 4.57 -21.12 -12.41
CA ARG C 151 5.35 -22.23 -12.92
C ARG C 151 6.13 -22.93 -11.80
N LEU C 152 6.72 -22.16 -10.89
CA LEU C 152 7.45 -22.78 -9.78
C LEU C 152 6.51 -23.50 -8.82
N LEU C 153 5.28 -23.02 -8.68
CA LEU C 153 4.31 -23.73 -7.85
C LEU C 153 3.84 -25.01 -8.51
N ALA C 154 3.67 -25.00 -9.84
CA ALA C 154 3.35 -26.21 -10.56
C ALA C 154 4.46 -27.25 -10.42
N LEU C 155 5.71 -26.81 -10.34
CA LEU C 155 6.84 -27.71 -10.07
C LEU C 155 6.95 -28.07 -8.60
N GLY C 156 6.10 -27.53 -7.74
CA GLY C 156 6.06 -27.88 -6.34
C GLY C 156 6.74 -26.92 -5.40
N HIS C 157 6.87 -25.64 -5.75
CA HIS C 157 7.59 -24.67 -4.94
C HIS C 157 6.74 -23.41 -4.79
N HIS C 158 6.30 -23.13 -3.58
CA HIS C 158 5.70 -21.83 -3.28
C HIS C 158 6.80 -20.79 -3.13
N THR C 159 6.65 -19.68 -3.82
CA THR C 159 7.63 -18.61 -3.83
C THR C 159 6.91 -17.28 -3.65
N PRO C 160 7.61 -16.23 -3.21
CA PRO C 160 6.99 -14.90 -3.15
C PRO C 160 6.48 -14.39 -4.49
N PHE C 161 6.94 -14.97 -5.60
CA PHE C 161 6.44 -14.58 -6.91
C PHE C 161 4.96 -14.92 -7.09
N MET C 162 4.41 -15.78 -6.24
CA MET C 162 2.97 -16.02 -6.25
C MET C 162 2.18 -14.77 -5.87
N HIS C 163 2.79 -13.83 -5.17
CA HIS C 163 2.13 -12.62 -4.70
C HIS C 163 2.31 -11.45 -5.66
N ILE C 164 2.53 -11.74 -6.94
CA ILE C 164 2.60 -10.73 -7.99
C ILE C 164 1.64 -11.15 -9.09
N GLY C 165 0.70 -10.27 -9.43
CA GLY C 165 -0.28 -10.55 -10.46
C GLY C 165 0.16 -10.06 -11.83
N MET C 166 -0.75 -10.22 -12.79
CA MET C 166 -0.51 -9.71 -14.13
C MET C 166 -0.47 -8.18 -14.11
N ALA C 167 0.16 -7.61 -15.13
CA ALA C 167 0.36 -6.17 -15.18
C ALA C 167 -0.96 -5.41 -15.23
N HIS C 168 -1.97 -5.96 -15.90
CA HIS C 168 -3.26 -5.31 -16.03
C HIS C 168 -4.10 -5.42 -14.76
N ASN C 169 -3.66 -6.17 -13.76
CA ASN C 169 -4.36 -6.24 -12.49
C ASN C 169 -4.01 -5.10 -11.56
N TYR C 170 -3.22 -4.14 -12.00
CA TYR C 170 -2.80 -3.01 -11.19
C TYR C 170 -3.26 -1.71 -11.83
N ARG C 171 -3.65 -0.74 -10.99
CA ARG C 171 -4.14 0.54 -11.50
C ARG C 171 -3.06 1.26 -12.29
N ASN C 172 -1.81 1.19 -11.84
CA ASN C 172 -0.69 1.83 -12.51
C ASN C 172 0.58 1.11 -12.11
N SER C 173 1.71 1.61 -12.61
CA SER C 173 2.99 1.00 -12.29
C SER C 173 3.34 1.14 -10.81
N SER C 174 2.89 2.22 -10.17
CA SER C 174 3.19 2.42 -8.75
C SER C 174 2.57 1.33 -7.90
N GLN C 175 1.32 0.98 -8.18
CA GLN C 175 0.67 -0.11 -7.43
C GLN C 175 1.36 -1.44 -7.70
N ALA C 176 1.82 -1.64 -8.93
CA ALA C 176 2.56 -2.86 -9.25
C ALA C 176 3.93 -2.89 -8.58
N VAL C 177 4.58 -1.73 -8.49
CA VAL C 177 5.88 -1.65 -7.83
C VAL C 177 5.76 -2.06 -6.37
N GLN C 178 4.68 -1.63 -5.70
CA GLN C 178 4.49 -1.99 -4.30
C GLN C 178 4.33 -3.50 -4.14
N ALA C 179 3.67 -4.16 -5.09
CA ALA C 179 3.56 -5.62 -5.04
C ALA C 179 4.91 -6.28 -5.28
N VAL C 180 5.71 -5.73 -6.19
CA VAL C 180 7.04 -6.27 -6.46
C VAL C 180 7.94 -6.05 -5.26
N ARG C 181 7.86 -4.88 -4.63
CA ARG C 181 8.66 -4.61 -3.43
C ARG C 181 8.22 -5.48 -2.26
N ASP C 182 6.92 -5.78 -2.16
CA ASP C 182 6.45 -6.66 -1.09
C ASP C 182 6.96 -8.08 -1.29
N ALA C 183 6.89 -8.59 -2.52
CA ALA C 183 7.43 -9.91 -2.80
C ALA C 183 8.94 -9.94 -2.63
N GLY C 184 9.60 -8.84 -2.99
CA GLY C 184 11.04 -8.76 -2.78
C GLY C 184 11.42 -8.74 -1.32
N TYR C 185 10.54 -8.18 -0.46
CA TYR C 185 10.78 -8.24 0.97
C TYR C 185 10.78 -9.67 1.48
N GLU C 186 9.82 -10.47 1.01
CA GLU C 186 9.78 -11.88 1.42
C GLU C 186 11.05 -12.61 0.98
N ILE C 187 11.58 -12.26 -0.19
CA ILE C 187 12.81 -12.87 -0.67
C ILE C 187 13.98 -12.49 0.22
N SER C 188 14.09 -11.21 0.56
CA SER C 188 15.18 -10.75 1.43
C SER C 188 15.06 -11.35 2.84
N LEU C 189 13.86 -11.72 3.26
CA LEU C 189 13.68 -12.41 4.54
C LEU C 189 14.05 -13.88 4.49
N GLY C 190 14.48 -14.38 3.33
CA GLY C 190 14.85 -15.78 3.20
C GLY C 190 13.70 -16.73 3.07
N LEU C 191 12.60 -16.30 2.44
CA LEU C 191 11.41 -17.13 2.28
C LEU C 191 11.37 -17.84 0.94
N MET C 192 12.45 -17.76 0.15
CA MET C 192 12.54 -18.55 -1.07
C MET C 192 12.94 -19.99 -0.71
N PRO C 193 12.38 -20.98 -1.39
CA PRO C 193 12.81 -22.36 -1.15
C PRO C 193 14.26 -22.57 -1.56
N LYS C 194 15.06 -23.11 -0.64
CA LYS C 194 16.49 -23.21 -0.85
C LYS C 194 16.84 -24.21 -1.95
N SER C 195 16.02 -25.24 -2.14
CA SER C 195 16.39 -26.34 -3.01
C SER C 195 16.52 -25.91 -4.47
N ILE C 196 15.79 -24.87 -4.90
CA ILE C 196 15.83 -24.46 -6.29
C ILE C 196 16.98 -23.52 -6.59
N GLY C 197 17.78 -23.15 -5.59
CA GLY C 197 18.98 -22.38 -5.80
C GLY C 197 18.71 -20.94 -6.16
N PRO C 198 19.79 -20.18 -6.40
CA PRO C 198 19.63 -18.76 -6.74
C PRO C 198 19.04 -18.58 -8.12
N LEU C 199 18.38 -17.43 -8.30
CA LEU C 199 17.68 -17.11 -9.54
C LEU C 199 18.46 -16.03 -10.30
N THR C 200 18.63 -16.24 -11.60
CA THR C 200 19.36 -15.31 -12.45
C THR C 200 18.45 -14.83 -13.58
N PHE C 201 18.49 -13.53 -13.85
CA PHE C 201 17.68 -12.90 -14.88
C PHE C 201 18.60 -12.24 -15.90
N VAL C 202 18.37 -12.52 -17.18
CA VAL C 202 19.18 -12.00 -18.27
C VAL C 202 18.35 -11.02 -19.08
N PHE C 203 18.88 -9.82 -19.28
CA PHE C 203 18.22 -8.78 -20.06
C PHE C 203 18.97 -8.60 -21.38
N THR C 204 18.30 -8.90 -22.49
CA THR C 204 18.85 -8.66 -23.81
C THR C 204 18.19 -7.43 -24.42
N GLY C 205 18.88 -6.84 -25.40
CA GLY C 205 18.40 -5.65 -26.04
C GLY C 205 18.93 -4.38 -25.38
N THR C 206 18.84 -3.28 -26.12
CA THR C 206 19.32 -1.99 -25.65
C THR C 206 18.26 -0.89 -25.64
N GLY C 207 17.06 -1.17 -26.13
CA GLY C 207 16.03 -0.16 -26.22
C GLY C 207 15.44 0.21 -24.87
N ASN C 208 14.33 0.95 -24.93
CA ASN C 208 13.65 1.40 -23.72
C ASN C 208 12.88 0.28 -23.04
N VAL C 209 12.40 -0.70 -23.79
CA VAL C 209 11.67 -1.81 -23.18
C VAL C 209 12.58 -2.62 -22.26
N SER C 210 13.88 -2.74 -22.62
CA SER C 210 14.81 -3.43 -21.74
C SER C 210 15.06 -2.62 -20.48
N LYS C 211 15.09 -1.29 -20.59
CA LYS C 211 15.25 -0.44 -19.42
C LYS C 211 13.99 -0.47 -18.55
N GLY C 212 12.82 -0.52 -19.18
CA GLY C 212 11.59 -0.61 -18.40
C GLY C 212 11.48 -1.91 -17.64
N ALA C 213 11.99 -3.01 -18.22
CA ALA C 213 12.01 -4.28 -17.51
C ALA C 213 12.97 -4.25 -16.34
N GLN C 214 14.14 -3.60 -16.52
CA GLN C 214 15.08 -3.46 -15.42
C GLN C 214 14.53 -2.58 -14.31
N ALA C 215 13.68 -1.60 -14.66
CA ALA C 215 13.12 -0.71 -13.65
C ALA C 215 12.26 -1.47 -12.66
N ILE C 216 11.53 -2.48 -13.13
CA ILE C 216 10.74 -3.31 -12.22
C ILE C 216 11.65 -4.29 -11.49
N PHE C 217 12.66 -4.82 -12.16
CA PHE C 217 13.59 -5.75 -11.52
C PHE C 217 14.39 -5.07 -10.41
N ASN C 218 14.60 -3.76 -10.51
CA ASN C 218 15.33 -3.02 -9.49
C ASN C 218 14.56 -2.89 -8.19
N GLU C 219 13.27 -3.22 -8.17
CA GLU C 219 12.50 -3.19 -6.94
C GLU C 219 12.66 -4.45 -6.11
N LEU C 220 13.27 -5.49 -6.67
CA LEU C 220 13.57 -6.72 -5.93
C LEU C 220 14.91 -6.57 -5.23
N PRO C 221 15.23 -7.45 -4.28
CA PRO C 221 16.57 -7.42 -3.68
C PRO C 221 17.62 -7.92 -4.67
N CYS C 222 17.89 -7.12 -5.70
CA CYS C 222 18.66 -7.56 -6.85
C CYS C 222 20.12 -7.17 -6.71
N GLU C 223 20.96 -7.87 -7.47
CA GLU C 223 22.37 -7.56 -7.61
C GLU C 223 22.77 -7.80 -9.06
N TYR C 224 23.33 -6.79 -9.70
CA TYR C 224 23.74 -6.89 -11.10
C TYR C 224 25.17 -7.39 -11.17
N VAL C 225 25.41 -8.35 -12.06
CA VAL C 225 26.73 -8.93 -12.26
C VAL C 225 27.06 -8.90 -13.75
N GLU C 226 28.34 -8.98 -14.05
CA GLU C 226 28.78 -9.09 -15.43
C GLU C 226 28.39 -10.46 -15.98
N PRO C 227 28.15 -10.55 -17.29
CA PRO C 227 27.72 -11.84 -17.88
C PRO C 227 28.68 -13.00 -17.61
N HIS C 228 29.98 -12.73 -17.46
CA HIS C 228 30.90 -13.81 -17.15
C HIS C 228 30.78 -14.27 -15.70
N GLU C 229 30.18 -13.46 -14.83
CA GLU C 229 29.94 -13.85 -13.44
C GLU C 229 28.69 -14.70 -13.27
N LEU C 230 27.92 -14.92 -14.34
CA LEU C 230 26.65 -15.63 -14.22
C LEU C 230 26.84 -17.09 -13.83
N LYS C 231 27.92 -17.72 -14.30
CA LYS C 231 28.17 -19.11 -13.94
C LYS C 231 28.42 -19.27 -12.45
N GLU C 232 28.99 -18.26 -11.80
CA GLU C 232 29.28 -18.36 -10.37
C GLU C 232 28.02 -18.10 -9.53
N VAL C 233 27.32 -17.00 -9.80
CA VAL C 233 26.18 -16.62 -8.97
C VAL C 233 25.04 -17.62 -9.12
N SER C 234 24.92 -18.27 -10.29
CA SER C 234 23.90 -19.29 -10.46
C SER C 234 24.15 -20.53 -9.61
N GLN C 235 25.34 -20.67 -9.03
CA GLN C 235 25.69 -21.79 -8.17
C GLN C 235 25.78 -21.39 -6.70
N THR C 236 26.48 -20.30 -6.38
CA THR C 236 26.75 -19.92 -5.01
C THR C 236 26.06 -18.60 -4.62
N GLY C 237 25.09 -18.16 -5.40
CA GLY C 237 24.45 -16.88 -5.13
C GLY C 237 23.67 -16.89 -3.83
N ASP C 238 23.54 -15.70 -3.24
CA ASP C 238 22.76 -15.56 -2.01
C ASP C 238 21.29 -15.80 -2.30
N LEU C 239 20.69 -16.72 -1.53
CA LEU C 239 19.29 -17.04 -1.73
C LEU C 239 18.34 -15.96 -1.25
N ARG C 240 18.84 -14.96 -0.52
CA ARG C 240 18.05 -13.79 -0.16
C ARG C 240 18.12 -12.70 -1.22
N LYS C 241 18.74 -12.99 -2.36
CA LYS C 241 18.88 -12.03 -3.45
C LYS C 241 18.45 -12.67 -4.76
N VAL C 242 18.16 -11.82 -5.74
CA VAL C 242 18.01 -12.23 -7.13
C VAL C 242 19.13 -11.55 -7.92
N TYR C 243 19.59 -12.22 -8.96
CA TYR C 243 20.73 -11.75 -9.73
C TYR C 243 20.33 -11.45 -11.16
N GLY C 244 20.83 -10.34 -11.69
CA GLY C 244 20.53 -9.94 -13.04
C GLY C 244 21.78 -9.53 -13.78
N THR C 245 21.72 -9.66 -15.11
CA THR C 245 22.82 -9.21 -15.95
C THR C 245 22.23 -8.65 -17.24
N VAL C 246 22.85 -7.59 -17.75
CA VAL C 246 22.41 -6.94 -18.98
C VAL C 246 23.35 -7.37 -20.09
N LEU C 247 22.81 -8.04 -21.11
CA LEU C 247 23.62 -8.63 -22.16
C LEU C 247 23.76 -7.65 -23.32
N SER C 248 25.01 -7.35 -23.68
CA SER C 248 25.32 -6.55 -24.86
C SER C 248 25.78 -7.46 -25.99
N ARG C 249 25.97 -6.85 -27.17
CA ARG C 249 26.38 -7.64 -28.33
C ARG C 249 27.76 -8.26 -28.14
N HIS C 250 28.70 -7.49 -27.60
CA HIS C 250 30.07 -7.97 -27.45
C HIS C 250 30.20 -9.04 -26.37
N HIS C 251 29.14 -9.33 -25.62
CA HIS C 251 29.19 -10.36 -24.60
C HIS C 251 28.99 -11.77 -25.15
N HIS C 252 28.33 -11.91 -26.31
CA HIS C 252 28.01 -13.23 -26.83
C HIS C 252 28.26 -13.41 -28.32
N LEU C 253 28.39 -12.34 -29.11
CA LEU C 253 28.60 -12.46 -30.54
C LEU C 253 30.08 -12.57 -30.85
N VAL C 254 30.45 -13.62 -31.59
CA VAL C 254 31.84 -13.86 -31.97
C VAL C 254 31.88 -14.28 -33.44
N ARG C 255 33.00 -13.97 -34.10
CA ARG C 255 33.19 -14.44 -35.46
C ARG C 255 33.27 -15.97 -35.48
N LYS C 256 32.82 -16.57 -36.57
CA LYS C 256 32.85 -18.02 -36.66
C LYS C 256 34.27 -18.52 -36.87
N THR C 257 35.14 -17.72 -37.48
CA THR C 257 36.49 -18.16 -37.79
C THR C 257 37.41 -18.07 -36.56
N ASP C 258 37.55 -16.87 -35.98
CA ASP C 258 38.52 -16.65 -34.91
C ASP C 258 37.88 -16.13 -33.62
N ALA C 259 36.56 -16.06 -33.55
CA ALA C 259 35.80 -15.75 -32.34
C ALA C 259 36.09 -14.36 -31.77
N VAL C 260 36.49 -13.41 -32.61
CA VAL C 260 36.66 -12.03 -32.18
C VAL C 260 35.43 -11.23 -32.61
N TYR C 261 35.20 -10.11 -31.93
CA TYR C 261 34.03 -9.28 -32.18
C TYR C 261 34.46 -7.93 -32.71
N ASP C 262 34.02 -7.60 -33.92
CA ASP C 262 34.17 -6.27 -34.50
C ASP C 262 32.78 -5.65 -34.59
N PRO C 263 32.48 -4.62 -33.81
CA PRO C 263 31.12 -4.05 -33.83
C PRO C 263 30.72 -3.50 -35.19
N ALA C 264 31.65 -2.86 -35.90
CA ALA C 264 31.33 -2.34 -37.23
C ALA C 264 31.12 -3.46 -38.23
N GLU C 265 31.93 -4.52 -38.15
CA GLU C 265 31.80 -5.62 -39.09
C GLU C 265 30.51 -6.40 -38.88
N TYR C 266 30.06 -6.53 -37.62
CA TYR C 266 28.82 -7.26 -37.37
C TYR C 266 27.61 -6.53 -37.92
N ASP C 267 27.58 -5.20 -37.78
CA ASP C 267 26.49 -4.42 -38.35
C ASP C 267 26.47 -4.46 -39.87
N LYS C 268 27.61 -4.75 -40.50
CA LYS C 268 27.69 -4.83 -41.95
C LYS C 268 27.63 -6.26 -42.47
N HIS C 269 28.16 -7.23 -41.72
CA HIS C 269 28.13 -8.63 -42.12
C HIS C 269 27.83 -9.49 -40.90
N PRO C 270 26.55 -9.58 -40.51
CA PRO C 270 26.18 -10.46 -39.38
C PRO C 270 26.23 -11.94 -39.73
N GLU C 271 26.35 -12.29 -41.01
CA GLU C 271 26.46 -13.70 -41.40
C GLU C 271 27.80 -14.29 -41.01
N ARG C 272 28.80 -13.46 -40.71
CA ARG C 272 30.11 -13.93 -40.28
C ARG C 272 30.17 -14.25 -38.79
N TYR C 273 29.08 -14.06 -38.06
CA TYR C 273 29.10 -14.17 -36.61
C TYR C 273 28.13 -15.23 -36.13
N ILE C 274 28.41 -15.74 -34.92
CA ILE C 274 27.54 -16.67 -34.22
C ILE C 274 27.28 -16.12 -32.83
N SER C 275 26.23 -16.62 -32.20
CA SER C 275 25.88 -16.24 -30.84
C SER C 275 26.33 -17.33 -29.87
N ARG C 276 27.15 -16.95 -28.89
CA ARG C 276 27.59 -17.87 -27.85
C ARG C 276 26.69 -17.83 -26.63
N PHE C 277 25.45 -17.35 -26.78
CA PHE C 277 24.51 -17.28 -25.66
C PHE C 277 24.11 -18.69 -25.19
N ASN C 278 24.01 -19.63 -26.13
CA ASN C 278 23.50 -20.95 -25.79
C ASN C 278 24.45 -21.71 -24.86
N THR C 279 25.75 -21.46 -24.96
CA THR C 279 26.73 -22.16 -24.15
C THR C 279 27.23 -21.35 -22.96
N ASP C 280 27.42 -20.04 -23.12
CA ASP C 280 28.05 -19.23 -22.09
C ASP C 280 27.07 -18.63 -21.10
N ILE C 281 25.81 -18.41 -21.51
CA ILE C 281 24.82 -17.69 -20.71
C ILE C 281 23.63 -18.56 -20.37
N ALA C 282 23.00 -19.18 -21.39
CA ALA C 282 21.76 -19.91 -21.20
C ALA C 282 21.80 -20.98 -20.11
N PRO C 283 22.85 -21.81 -19.98
CA PRO C 283 22.84 -22.83 -18.91
C PRO C 283 22.82 -22.26 -17.50
N TYR C 284 23.04 -20.95 -17.33
CA TYR C 284 23.07 -20.33 -16.03
C TYR C 284 21.97 -19.27 -15.88
N THR C 285 20.93 -19.35 -16.71
CA THR C 285 19.86 -18.37 -16.73
C THR C 285 18.57 -19.02 -16.22
N THR C 286 17.93 -18.37 -15.25
CA THR C 286 16.62 -18.82 -14.78
C THR C 286 15.48 -18.22 -15.59
N CYS C 287 15.57 -16.93 -15.90
CA CYS C 287 14.53 -16.23 -16.66
C CYS C 287 15.19 -15.31 -17.68
N LEU C 288 14.80 -15.44 -18.94
CA LEU C 288 15.33 -14.63 -20.02
C LEU C 288 14.28 -13.61 -20.44
N ILE C 289 14.62 -12.33 -20.31
CA ILE C 289 13.76 -11.24 -20.73
C ILE C 289 14.32 -10.68 -22.03
N ASN C 290 13.66 -11.00 -23.14
CA ASN C 290 14.21 -10.79 -24.48
C ASN C 290 13.66 -9.49 -25.06
N GLY C 291 14.55 -8.52 -25.30
CA GLY C 291 14.18 -7.29 -25.95
C GLY C 291 15.01 -7.02 -27.19
N ILE C 292 15.39 -8.10 -27.88
CA ILE C 292 16.28 -8.01 -29.02
C ILE C 292 15.49 -7.64 -30.27
N TYR C 293 16.07 -6.77 -31.09
CA TYR C 293 15.55 -6.46 -32.42
C TYR C 293 16.23 -7.41 -33.40
N TRP C 294 15.52 -8.48 -33.77
CA TRP C 294 16.09 -9.56 -34.56
C TRP C 294 15.74 -9.39 -36.03
N GLU C 295 16.75 -9.37 -36.88
CA GLU C 295 16.57 -9.38 -38.33
C GLU C 295 16.90 -10.77 -38.87
N GLN C 296 16.47 -11.01 -40.12
CA GLN C 296 16.48 -12.36 -40.66
C GLN C 296 17.88 -12.93 -40.83
N ASN C 297 18.90 -12.08 -40.93
CA ASN C 297 20.27 -12.53 -41.10
C ASN C 297 21.08 -12.48 -39.81
N THR C 298 20.45 -12.14 -38.69
CA THR C 298 21.09 -12.03 -37.39
C THR C 298 21.23 -13.42 -36.75
N PRO C 299 22.35 -13.71 -36.09
CA PRO C 299 22.47 -14.99 -35.38
C PRO C 299 21.38 -15.14 -34.33
N ARG C 300 20.86 -16.35 -34.19
CA ARG C 300 19.79 -16.62 -33.25
C ARG C 300 20.34 -16.83 -31.85
N LEU C 301 19.53 -16.44 -30.85
CA LEU C 301 19.94 -16.57 -29.47
C LEU C 301 19.86 -18.02 -29.00
N LEU C 302 18.78 -18.71 -29.36
CA LEU C 302 18.58 -20.11 -29.02
C LEU C 302 17.86 -20.80 -30.17
N THR C 303 18.30 -22.01 -30.51
CA THR C 303 17.70 -22.80 -31.56
C THR C 303 16.85 -23.91 -30.96
N ARG C 304 16.21 -24.70 -31.83
CA ARG C 304 15.47 -25.86 -31.36
C ARG C 304 16.38 -26.86 -30.67
N GLN C 305 17.56 -27.10 -31.24
CA GLN C 305 18.50 -28.05 -30.65
C GLN C 305 19.03 -27.53 -29.31
N ASP C 306 19.26 -26.22 -29.20
CA ASP C 306 19.72 -25.65 -27.94
C ASP C 306 18.72 -25.89 -26.83
N ALA C 307 17.43 -25.70 -27.12
CA ALA C 307 16.41 -25.97 -26.11
C ALA C 307 16.40 -27.44 -25.71
N GLN C 308 16.57 -28.34 -26.68
CA GLN C 308 16.61 -29.77 -26.37
C GLN C 308 17.81 -30.12 -25.50
N SER C 309 18.94 -29.44 -25.73
CA SER C 309 20.13 -29.70 -24.92
C SER C 309 19.98 -29.11 -23.52
N LEU C 310 19.26 -27.98 -23.39
CA LEU C 310 19.11 -27.35 -22.09
C LEU C 310 18.28 -28.20 -21.13
N LEU C 311 17.29 -28.93 -21.64
CA LEU C 311 16.40 -29.71 -20.81
C LEU C 311 16.85 -31.17 -20.83
N ALA C 312 17.30 -31.66 -19.69
CA ALA C 312 17.77 -33.04 -19.58
C ALA C 312 17.71 -33.54 -18.14
N GLU C 322 12.87 -35.11 -2.63
CA GLU C 322 11.47 -35.46 -2.58
C GLU C 322 10.64 -34.28 -2.10
N GLY C 323 10.84 -33.90 -0.83
CA GLY C 323 10.13 -32.75 -0.31
C GLY C 323 10.69 -31.42 -0.78
N CYS C 324 11.98 -31.37 -1.05
CA CYS C 324 12.63 -30.15 -1.54
C CYS C 324 13.42 -30.52 -2.79
N PRO C 325 12.74 -30.80 -3.90
CA PRO C 325 13.45 -31.20 -5.11
C PRO C 325 14.04 -29.99 -5.81
N ALA C 326 15.10 -30.26 -6.55
CA ALA C 326 15.73 -29.21 -7.34
C ALA C 326 14.99 -29.04 -8.65
N LEU C 327 15.28 -27.92 -9.31
CA LEU C 327 14.66 -27.62 -10.58
C LEU C 327 15.12 -28.63 -11.63
N PRO C 328 14.20 -29.11 -12.48
CA PRO C 328 14.62 -30.07 -13.52
C PRO C 328 15.60 -29.46 -14.51
N HIS C 329 15.42 -28.20 -14.86
CA HIS C 329 16.34 -27.50 -15.74
C HIS C 329 16.52 -26.07 -15.24
N LYS C 330 17.70 -25.51 -15.52
CA LYS C 330 18.04 -24.20 -14.96
C LYS C 330 17.14 -23.12 -15.53
N LEU C 331 16.84 -23.18 -16.82
CA LEU C 331 15.98 -22.20 -17.48
C LEU C 331 14.53 -22.50 -17.13
N VAL C 332 13.86 -21.52 -16.53
CA VAL C 332 12.48 -21.68 -16.10
C VAL C 332 11.50 -21.00 -17.07
N ALA C 333 11.81 -19.79 -17.52
CA ALA C 333 10.87 -19.06 -18.34
C ALA C 333 11.61 -18.10 -19.26
N ILE C 334 10.95 -17.74 -20.36
CA ILE C 334 11.42 -16.74 -21.31
C ILE C 334 10.29 -15.77 -21.60
N CYS C 335 10.60 -14.48 -21.62
CA CYS C 335 9.62 -13.44 -21.90
C CYS C 335 10.09 -12.58 -23.06
N ASP C 336 9.18 -12.30 -23.98
CA ASP C 336 9.46 -11.49 -25.17
C ASP C 336 8.80 -10.14 -25.01
N ILE C 337 9.61 -9.08 -24.91
CA ILE C 337 9.11 -7.72 -24.73
C ILE C 337 9.36 -6.84 -25.94
N SER C 338 10.09 -7.33 -26.95
CA SER C 338 10.34 -6.57 -28.16
C SER C 338 9.40 -6.94 -29.30
N ALA C 339 8.38 -7.76 -29.02
CA ALA C 339 7.44 -8.25 -30.03
C ALA C 339 8.18 -8.97 -31.17
N ASP C 340 9.14 -9.80 -30.80
CA ASP C 340 9.91 -10.57 -31.77
C ASP C 340 9.48 -12.04 -31.73
N GLY C 343 11.91 -14.96 -33.72
CA GLY C 343 13.12 -14.84 -34.53
C GLY C 343 14.38 -15.12 -33.74
N SER C 344 14.62 -14.33 -32.69
CA SER C 344 15.77 -14.56 -31.84
C SER C 344 15.72 -15.93 -31.18
N ILE C 345 14.52 -16.41 -30.88
CA ILE C 345 14.31 -17.72 -30.28
C ILE C 345 13.51 -18.56 -31.28
N GLU C 346 14.12 -19.66 -31.72
CA GLU C 346 13.52 -20.45 -32.79
C GLU C 346 12.21 -21.11 -32.35
N PHE C 347 12.10 -21.50 -31.09
CA PHE C 347 10.90 -22.15 -30.59
C PHE C 347 9.83 -21.17 -30.11
N MET C 348 10.12 -19.87 -30.16
CA MET C 348 9.12 -18.86 -29.82
C MET C 348 8.52 -18.34 -31.14
N THR C 349 7.63 -19.15 -31.70
CA THR C 349 6.93 -18.83 -32.94
C THR C 349 5.46 -18.51 -32.73
N GLU C 350 4.96 -18.63 -31.51
CA GLU C 350 3.55 -18.41 -31.21
C GLU C 350 3.41 -17.18 -30.32
N CYS C 351 2.41 -16.36 -30.61
CA CYS C 351 2.11 -15.21 -29.78
C CYS C 351 1.01 -15.55 -28.79
N THR C 352 1.02 -14.87 -27.65
CA THR C 352 0.03 -15.07 -26.61
C THR C 352 -0.76 -13.78 -26.42
N THR C 353 -1.85 -13.89 -25.67
CA THR C 353 -2.77 -12.78 -25.43
C THR C 353 -2.73 -12.38 -23.96
N ILE C 354 -3.36 -11.24 -23.67
CA ILE C 354 -3.42 -10.76 -22.30
C ILE C 354 -4.26 -11.69 -21.43
N GLU C 355 -5.27 -12.34 -22.02
CA GLU C 355 -6.11 -13.27 -21.28
C GLU C 355 -5.52 -14.67 -21.21
N HIS C 356 -4.61 -15.03 -22.14
CA HIS C 356 -3.92 -16.31 -22.14
C HIS C 356 -2.44 -16.05 -22.36
N PRO C 357 -1.73 -15.61 -21.32
CA PRO C 357 -0.37 -15.07 -21.53
C PRO C 357 0.73 -16.10 -21.65
N PHE C 358 0.58 -17.28 -21.06
CA PHE C 358 1.68 -18.21 -20.94
C PHE C 358 1.43 -19.49 -21.74
N CYS C 359 2.52 -20.07 -22.22
CA CYS C 359 2.48 -21.37 -22.89
C CYS C 359 3.82 -22.07 -22.66
N MET C 360 3.79 -23.39 -22.75
CA MET C 360 4.96 -24.22 -22.46
C MET C 360 5.56 -24.77 -23.76
N TYR C 361 6.87 -24.90 -23.77
CA TYR C 361 7.59 -25.51 -24.89
C TYR C 361 8.19 -26.83 -24.42
N ASP C 362 7.68 -27.93 -24.96
CA ASP C 362 8.03 -29.27 -24.51
C ASP C 362 9.40 -29.69 -25.05
N ALA C 363 9.96 -30.72 -24.42
CA ALA C 363 11.18 -31.35 -24.94
C ALA C 363 10.92 -32.17 -26.20
N ASP C 364 9.65 -32.37 -26.56
CA ASP C 364 9.27 -33.07 -27.78
C ASP C 364 8.96 -32.10 -28.92
N GLN C 365 9.44 -30.86 -28.82
CA GLN C 365 9.21 -29.82 -29.83
C GLN C 365 7.72 -29.55 -30.01
N HIS C 366 7.09 -29.08 -28.94
CA HIS C 366 5.65 -28.83 -28.97
C HIS C 366 5.32 -27.64 -28.07
N ILE C 367 4.20 -26.99 -28.40
CA ILE C 367 3.68 -25.87 -27.63
C ILE C 367 2.44 -26.36 -26.88
N ILE C 368 2.44 -26.21 -25.57
CA ILE C 368 1.26 -26.52 -24.77
C ILE C 368 0.59 -25.22 -24.35
N HIS C 369 -0.29 -24.71 -25.20
CA HIS C 369 -0.87 -23.38 -24.98
C HIS C 369 -1.73 -23.35 -23.72
N ASP C 370 -1.63 -22.23 -23.00
CA ASP C 370 -2.44 -21.98 -21.81
C ASP C 370 -2.26 -23.07 -20.76
N SER C 371 -1.01 -23.53 -20.60
CA SER C 371 -0.66 -24.54 -19.62
C SER C 371 0.52 -24.05 -18.79
N VAL C 372 0.59 -24.55 -17.56
CA VAL C 372 1.65 -24.17 -16.64
C VAL C 372 2.28 -25.45 -16.08
N GLU C 373 1.47 -26.48 -15.89
CA GLU C 373 2.01 -27.77 -15.48
C GLU C 373 2.66 -28.48 -16.67
N GLY C 374 3.31 -29.60 -16.37
CA GLY C 374 4.04 -30.35 -17.36
C GLY C 374 5.50 -29.98 -17.40
N SER C 375 6.20 -30.54 -18.38
CA SER C 375 7.62 -30.32 -18.56
C SER C 375 7.86 -29.37 -19.73
N GLY C 376 8.72 -28.38 -19.53
CA GLY C 376 9.07 -27.48 -20.60
C GLY C 376 9.53 -26.14 -20.06
N ILE C 377 9.52 -25.15 -20.95
CA ILE C 377 9.93 -23.78 -20.63
C ILE C 377 8.69 -22.90 -20.71
N LEU C 378 8.43 -22.17 -19.63
CA LEU C 378 7.35 -21.20 -19.63
C LEU C 378 7.68 -20.07 -20.59
N MET C 379 6.73 -19.69 -21.43
CA MET C 379 6.99 -18.69 -22.47
C MET C 379 5.86 -17.68 -22.53
N CYS C 380 6.24 -16.41 -22.67
CA CYS C 380 5.28 -15.31 -22.72
C CYS C 380 5.66 -14.38 -23.86
N SER C 381 4.70 -14.12 -24.76
CA SER C 381 4.92 -13.26 -25.92
C SER C 381 3.61 -12.56 -26.25
N ILE C 382 3.26 -11.56 -25.44
CA ILE C 382 2.00 -10.83 -25.59
C ILE C 382 2.17 -9.76 -26.66
N ASP C 383 1.10 -9.56 -27.45
CA ASP C 383 1.16 -8.63 -28.58
C ASP C 383 0.98 -7.17 -28.16
N ASN C 384 0.18 -6.92 -27.13
CA ASN C 384 -0.13 -5.56 -26.70
C ASN C 384 0.24 -5.41 -25.21
N LEU C 385 1.54 -5.37 -24.93
CA LEU C 385 2.06 -5.18 -23.59
C LEU C 385 1.78 -3.79 -23.03
N PRO C 386 1.96 -2.70 -23.79
CA PRO C 386 1.62 -1.37 -23.23
C PRO C 386 0.15 -1.24 -22.88
N ALA C 387 -0.72 -2.01 -23.52
CA ALA C 387 -2.15 -1.95 -23.22
C ALA C 387 -2.48 -2.51 -21.83
N GLN C 388 -1.54 -3.18 -21.18
CA GLN C 388 -1.75 -3.62 -19.80
C GLN C 388 -1.55 -2.50 -18.80
N LEU C 389 -0.80 -1.46 -19.16
CA LEU C 389 -0.67 -0.24 -18.37
C LEU C 389 -1.11 0.93 -19.24
N PRO C 390 -2.41 1.00 -19.57
CA PRO C 390 -2.83 1.93 -20.62
C PRO C 390 -2.79 3.39 -20.21
N ILE C 391 -2.95 3.71 -18.92
CA ILE C 391 -2.91 5.10 -18.49
C ILE C 391 -1.53 5.69 -18.74
N GLU C 392 -0.49 5.04 -18.22
CA GLU C 392 0.86 5.55 -18.39
C GLU C 392 1.34 5.42 -19.82
N ALA C 393 0.88 4.40 -20.54
CA ALA C 393 1.22 4.29 -21.96
C ALA C 393 0.56 5.39 -22.77
N THR C 394 -0.66 5.78 -22.40
CA THR C 394 -1.33 6.88 -23.06
C THR C 394 -0.57 8.19 -22.84
N GLU C 395 -0.16 8.44 -21.60
CA GLU C 395 0.59 9.65 -21.29
C GLU C 395 1.95 9.65 -21.98
N CYS C 396 2.66 8.52 -21.96
CA CYS C 396 3.96 8.45 -22.61
C CYS C 396 3.84 8.64 -24.11
N PHE C 397 2.80 8.07 -24.73
CA PHE C 397 2.61 8.24 -26.16
C PHE C 397 2.26 9.69 -26.49
N GLY C 398 1.35 10.29 -25.71
CA GLY C 398 0.99 11.67 -25.96
C GLY C 398 2.14 12.65 -25.74
N ASP C 399 3.03 12.34 -24.79
CA ASP C 399 4.19 13.19 -24.57
C ASP C 399 5.10 13.23 -25.79
N MET C 400 5.29 12.08 -26.44
CA MET C 400 6.12 12.04 -27.63
C MET C 400 5.41 12.63 -28.84
N LEU C 401 4.09 12.47 -28.93
CA LEU C 401 3.32 12.95 -30.07
C LEU C 401 3.01 14.45 -29.97
N TYR C 402 2.98 15.01 -28.76
CA TYR C 402 2.53 16.38 -28.56
C TYR C 402 3.27 17.42 -29.42
N PRO C 403 4.61 17.43 -29.50
CA PRO C 403 5.27 18.50 -30.27
C PRO C 403 4.95 18.52 -31.75
N TYR C 404 4.25 17.51 -32.28
CA TYR C 404 3.89 17.47 -33.69
C TYR C 404 2.39 17.56 -33.92
N VAL C 405 1.60 17.78 -32.87
CA VAL C 405 0.14 17.77 -33.03
C VAL C 405 -0.33 19.02 -33.76
N GLU C 406 0.18 20.19 -33.37
CA GLU C 406 -0.32 21.44 -33.91
C GLU C 406 -0.15 21.51 -35.43
N GLU C 407 1.00 21.08 -35.94
CA GLU C 407 1.21 21.06 -37.38
C GLU C 407 0.33 20.03 -38.07
N MET C 408 -0.15 19.02 -37.33
CA MET C 408 -1.09 18.07 -37.90
C MET C 408 -2.53 18.57 -37.81
N ILE C 409 -2.82 19.49 -36.89
CA ILE C 409 -4.12 20.15 -36.88
C ILE C 409 -4.28 21.00 -38.13
N LEU C 410 -3.27 21.80 -38.45
CA LEU C 410 -3.27 22.67 -39.62
C LEU C 410 -3.10 21.92 -40.92
N SER C 411 -3.06 20.59 -40.89
CA SER C 411 -2.94 19.81 -42.11
C SER C 411 -4.21 19.93 -42.95
N ASP C 412 -4.04 19.77 -44.26
CA ASP C 412 -5.14 19.81 -45.20
C ASP C 412 -5.03 18.60 -46.12
N ALA C 413 -6.04 17.74 -46.09
CA ALA C 413 -6.02 16.52 -46.91
C ALA C 413 -6.33 16.80 -48.36
N THR C 414 -6.97 17.92 -48.68
CA THR C 414 -7.38 18.24 -50.05
C THR C 414 -6.28 18.88 -50.87
N GLN C 415 -5.14 19.19 -50.26
CA GLN C 415 -4.02 19.83 -50.93
C GLN C 415 -2.84 18.87 -51.05
N PRO C 416 -1.94 19.08 -52.02
CA PRO C 416 -0.79 18.20 -52.17
C PRO C 416 0.10 18.19 -50.93
N LEU C 417 0.85 17.09 -50.79
CA LEU C 417 1.68 16.91 -49.61
C LEU C 417 2.86 17.88 -49.60
N GLU C 418 3.50 18.07 -50.76
CA GLU C 418 4.68 18.94 -50.82
C GLU C 418 4.35 20.40 -50.52
N SER C 419 3.07 20.77 -50.55
CA SER C 419 2.68 22.13 -50.19
C SER C 419 2.48 22.30 -48.68
N GLN C 420 2.32 21.19 -47.95
CA GLN C 420 2.06 21.28 -46.52
C GLN C 420 3.32 21.70 -45.77
N ASN C 421 3.13 22.52 -44.73
CA ASN C 421 4.24 22.98 -43.89
C ASN C 421 4.44 21.98 -42.76
N PHE C 422 5.01 20.83 -43.12
CA PHE C 422 5.26 19.75 -42.17
C PHE C 422 6.73 19.70 -41.80
N SER C 423 7.00 19.21 -40.59
CA SER C 423 8.36 18.83 -40.24
C SER C 423 8.76 17.60 -41.06
N PRO C 424 10.05 17.37 -41.27
CA PRO C 424 10.47 16.15 -41.97
C PRO C 424 10.05 14.89 -41.25
N VAL C 425 9.79 14.96 -39.95
CA VAL C 425 9.29 13.79 -39.21
C VAL C 425 7.88 13.44 -39.66
N VAL C 426 6.99 14.44 -39.71
CA VAL C 426 5.61 14.19 -40.10
C VAL C 426 5.51 13.93 -41.60
N ARG C 427 6.28 14.67 -42.40
CA ARG C 427 6.20 14.53 -43.85
C ARG C 427 6.55 13.11 -44.29
N ASP C 428 7.63 12.56 -43.74
CA ASP C 428 8.03 11.21 -44.12
C ASP C 428 7.07 10.16 -43.59
N ALA C 429 6.35 10.45 -42.50
CA ALA C 429 5.44 9.47 -41.92
C ALA C 429 4.18 9.28 -42.76
N VAL C 430 3.89 10.21 -43.67
CA VAL C 430 2.69 10.09 -44.50
C VAL C 430 2.84 8.88 -45.40
N ILE C 431 1.92 7.91 -45.26
CA ILE C 431 1.98 6.71 -46.08
C ILE C 431 1.25 6.85 -47.41
N THR C 432 0.35 7.82 -47.53
CA THR C 432 -0.38 8.03 -48.78
C THR C 432 0.24 9.16 -49.60
N ALA D 6 4.69 -40.44 22.18
CA ALA D 6 4.00 -39.17 22.34
C ALA D 6 4.62 -38.10 21.46
N VAL D 7 4.70 -38.38 20.16
CA VAL D 7 5.31 -37.50 19.18
C VAL D 7 4.29 -37.19 18.09
N LEU D 8 4.24 -35.93 17.68
CA LEU D 8 3.34 -35.46 16.63
C LEU D 8 4.14 -35.14 15.37
N ALA D 9 3.52 -35.31 14.21
CA ALA D 9 4.15 -34.98 12.95
C ALA D 9 3.14 -34.35 12.00
N VAL D 10 3.56 -33.29 11.31
CA VAL D 10 2.79 -32.66 10.26
C VAL D 10 3.40 -33.09 8.93
N ARG D 11 2.67 -33.89 8.17
CA ARG D 11 3.22 -34.45 6.95
C ARG D 11 3.12 -33.46 5.80
N ARG D 12 3.96 -33.68 4.79
CA ARG D 12 3.97 -32.86 3.60
C ARG D 12 2.82 -33.24 2.67
N GLU D 13 2.20 -32.23 2.07
CA GLU D 13 1.12 -32.46 1.13
C GLU D 13 1.68 -32.89 -0.22
N ASP D 14 1.02 -33.88 -0.83
CA ASP D 14 1.39 -34.35 -2.15
C ASP D 14 0.18 -34.68 -3.02
N VAL D 15 -1.04 -34.44 -2.53
CA VAL D 15 -2.24 -34.71 -3.31
C VAL D 15 -2.32 -33.80 -4.52
N ASN D 16 -1.81 -32.57 -4.40
CA ASN D 16 -2.06 -31.53 -5.38
C ASN D 16 -0.90 -30.55 -5.36
N ALA D 17 -0.57 -30.03 -6.55
CA ALA D 17 0.49 -29.03 -6.64
C ALA D 17 0.06 -27.68 -6.04
N TRP D 18 -1.24 -27.44 -5.93
CA TRP D 18 -1.76 -26.17 -5.44
C TRP D 18 -2.25 -26.24 -4.00
N GLU D 19 -1.96 -27.33 -3.30
CA GLU D 19 -2.34 -27.48 -1.89
C GLU D 19 -1.22 -26.92 -1.04
N ARG D 20 -1.33 -25.65 -0.68
CA ARG D 20 -0.30 -24.95 0.07
C ARG D 20 -0.67 -24.77 1.54
N ARG D 21 -1.74 -25.41 2.01
CA ARG D 21 -2.18 -25.28 3.38
C ARG D 21 -1.53 -26.35 4.26
N ALA D 22 -1.75 -26.21 5.57
CA ALA D 22 -1.25 -27.14 6.57
C ALA D 22 -2.29 -27.25 7.69
N PRO D 23 -2.36 -28.41 8.36
CA PRO D 23 -3.34 -28.54 9.45
C PRO D 23 -3.02 -27.68 10.66
N LEU D 24 -1.80 -27.19 10.79
CA LEU D 24 -1.42 -26.36 11.93
C LEU D 24 -0.47 -25.26 11.46
N ALA D 25 -0.53 -24.14 12.15
CA ALA D 25 0.31 -22.97 11.93
C ALA D 25 1.49 -23.00 12.89
N PRO D 26 2.52 -22.18 12.65
CA PRO D 26 3.66 -22.18 13.59
C PRO D 26 3.29 -21.87 15.02
N LYS D 27 2.37 -20.92 15.25
CA LYS D 27 2.01 -20.58 16.62
C LYS D 27 1.38 -21.76 17.35
N HIS D 28 0.67 -22.64 16.64
CA HIS D 28 0.12 -23.83 17.27
C HIS D 28 1.22 -24.82 17.64
N ILE D 29 2.27 -24.89 16.82
CA ILE D 29 3.40 -25.77 17.13
C ILE D 29 4.10 -25.31 18.40
N LYS D 30 4.18 -23.98 18.59
CA LYS D 30 4.83 -23.45 19.79
C LYS D 30 4.04 -23.85 21.05
N GLY D 31 2.72 -23.82 20.98
CA GLY D 31 1.92 -24.20 22.13
C GLY D 31 2.02 -25.68 22.44
N ILE D 32 2.01 -26.52 21.42
CA ILE D 32 2.15 -27.95 21.63
C ILE D 32 3.53 -28.28 22.18
N THR D 33 4.57 -27.61 21.66
CA THR D 33 5.92 -27.82 22.17
C THR D 33 6.02 -27.47 23.64
N ASN D 34 5.35 -26.39 24.06
CA ASN D 34 5.39 -26.00 25.47
C ASN D 34 4.78 -27.07 26.37
N LEU D 35 3.76 -27.76 25.87
CA LEU D 35 3.13 -28.84 26.65
C LEU D 35 4.05 -30.03 26.84
N GLY D 36 5.22 -30.05 26.19
CA GLY D 36 6.18 -31.12 26.34
C GLY D 36 6.19 -32.15 25.23
N TYR D 37 5.38 -31.96 24.19
CA TYR D 37 5.29 -32.91 23.09
C TYR D 37 6.28 -32.55 21.99
N LYS D 38 6.90 -33.58 21.41
CA LYS D 38 7.82 -33.39 20.30
C LYS D 38 7.04 -33.34 19.00
N VAL D 39 7.36 -32.36 18.15
CA VAL D 39 6.66 -32.14 16.89
C VAL D 39 7.66 -32.22 15.76
N LEU D 40 7.43 -33.13 14.83
CA LEU D 40 8.23 -33.26 13.63
C LEU D 40 7.52 -32.59 12.46
N ILE D 41 8.26 -31.80 11.69
CA ILE D 41 7.72 -31.11 10.53
C ILE D 41 8.39 -31.68 9.29
N GLN D 42 7.59 -32.27 8.40
CA GLN D 42 8.13 -32.78 7.16
C GLN D 42 8.38 -31.63 6.20
N PRO D 43 9.60 -31.48 5.67
CA PRO D 43 9.91 -30.33 4.81
C PRO D 43 9.00 -30.28 3.60
N SER D 44 8.68 -29.06 3.18
CA SER D 44 7.76 -28.87 2.06
C SER D 44 8.00 -27.49 1.46
N ASN D 45 8.52 -27.45 0.24
CA ASN D 45 8.55 -26.21 -0.53
C ASN D 45 7.16 -25.79 -0.97
N ARG D 46 6.20 -26.72 -0.94
CA ARG D 46 4.86 -26.42 -1.44
C ARG D 46 4.07 -25.60 -0.43
N ARG D 47 4.38 -25.72 0.86
CA ARG D 47 3.62 -25.03 1.88
C ARG D 47 3.83 -23.52 1.81
N ALA D 48 2.75 -22.78 2.08
CA ALA D 48 2.84 -21.32 2.03
C ALA D 48 3.65 -20.76 3.19
N ILE D 49 3.48 -21.34 4.38
CA ILE D 49 4.27 -20.95 5.53
C ILE D 49 5.60 -21.66 5.47
N HIS D 50 6.69 -20.89 5.52
CA HIS D 50 8.02 -21.45 5.30
C HIS D 50 8.38 -22.44 6.41
N ASP D 51 9.27 -23.38 6.07
CA ASP D 51 9.71 -24.39 7.02
C ASP D 51 10.35 -23.76 8.24
N LYS D 52 11.19 -22.73 8.04
CA LYS D 52 11.93 -22.16 9.15
C LYS D 52 11.03 -21.44 10.15
N ASP D 53 9.82 -21.07 9.75
CA ASP D 53 8.87 -20.52 10.72
C ASP D 53 8.37 -21.60 11.68
N TYR D 54 8.24 -22.84 11.21
CA TYR D 54 7.90 -23.94 12.10
C TYR D 54 9.10 -24.32 12.97
N VAL D 55 10.31 -24.20 12.42
CA VAL D 55 11.52 -24.46 13.22
C VAL D 55 11.63 -23.43 14.34
N LYS D 56 11.33 -22.17 14.04
CA LYS D 56 11.39 -21.12 15.05
C LYS D 56 10.37 -21.31 16.15
N ALA D 57 9.33 -22.10 15.92
CA ALA D 57 8.30 -22.36 16.92
C ALA D 57 8.57 -23.60 17.74
N GLY D 58 9.76 -24.18 17.64
CA GLY D 58 10.10 -25.38 18.37
C GLY D 58 9.89 -26.68 17.60
N GLY D 59 9.30 -26.62 16.41
CA GLY D 59 9.16 -27.82 15.60
C GLY D 59 10.49 -28.24 15.01
N ILE D 60 10.62 -29.54 14.77
CA ILE D 60 11.85 -30.15 14.26
C ILE D 60 11.61 -30.60 12.82
N LEU D 61 12.47 -30.16 11.92
CA LEU D 61 12.40 -30.59 10.52
C LEU D 61 13.03 -31.96 10.36
N GLN D 62 12.26 -32.93 9.90
CA GLN D 62 12.76 -34.27 9.65
C GLN D 62 11.96 -34.90 8.51
N GLU D 63 12.67 -35.46 7.53
CA GLU D 63 12.00 -36.17 6.44
C GLU D 63 11.31 -37.43 6.96
N ASP D 64 12.00 -38.20 7.80
CA ASP D 64 11.46 -39.42 8.37
C ASP D 64 10.61 -39.08 9.59
N ILE D 65 9.32 -39.37 9.52
CA ILE D 65 8.41 -39.09 10.63
C ILE D 65 7.82 -40.39 11.14
N SER D 66 8.60 -41.47 11.08
CA SER D 66 8.16 -42.74 11.63
C SER D 66 8.13 -42.75 13.15
N GLU D 67 8.78 -41.79 13.78
CA GLU D 67 8.80 -41.72 15.24
C GLU D 67 7.45 -41.28 15.80
N ALA D 68 6.70 -40.48 15.06
CA ALA D 68 5.47 -39.90 15.57
C ALA D 68 4.37 -40.95 15.73
N CYS D 69 3.42 -40.65 16.61
CA CYS D 69 2.23 -41.48 16.79
C CYS D 69 1.03 -40.95 16.05
N LEU D 70 0.83 -39.63 16.05
CA LEU D 70 -0.22 -38.98 15.29
C LEU D 70 0.43 -38.21 14.14
N ILE D 71 -0.12 -38.36 12.93
CA ILE D 71 0.40 -37.70 11.74
C ILE D 71 -0.74 -36.90 11.13
N LEU D 72 -0.58 -35.58 11.11
CA LEU D 72 -1.63 -34.68 10.63
C LEU D 72 -1.33 -34.24 9.21
N GLY D 73 -2.39 -34.10 8.41
CA GLY D 73 -2.28 -33.61 7.06
C GLY D 73 -3.54 -32.88 6.66
N VAL D 74 -3.56 -32.38 5.43
CA VAL D 74 -4.74 -31.70 4.90
C VAL D 74 -5.57 -32.71 4.11
N LYS D 75 -4.96 -33.33 3.11
CA LYS D 75 -5.61 -34.37 2.32
C LYS D 75 -4.88 -35.69 2.52
N ARG D 76 -5.52 -36.77 2.06
CA ARG D 76 -5.01 -38.12 2.30
C ARG D 76 -4.00 -38.52 1.23
N PRO D 77 -2.90 -39.16 1.63
CA PRO D 77 -1.93 -39.66 0.65
C PRO D 77 -2.36 -41.01 0.10
N PRO D 78 -1.66 -41.54 -0.93
CA PRO D 78 -2.04 -42.86 -1.45
C PRO D 78 -1.71 -44.00 -0.49
N GLU D 79 -2.00 -45.24 -0.93
CA GLU D 79 -1.93 -46.39 -0.03
C GLU D 79 -0.50 -46.64 0.45
N GLU D 80 0.47 -46.62 -0.46
CA GLU D 80 1.84 -46.96 -0.12
C GLU D 80 2.51 -45.92 0.79
N LYS D 81 1.85 -44.79 1.04
CA LYS D 81 2.42 -43.72 1.85
C LYS D 81 1.94 -43.74 3.30
N LEU D 82 1.31 -44.82 3.73
CA LEU D 82 0.76 -44.92 5.08
C LEU D 82 1.57 -45.92 5.90
N MET D 83 2.02 -45.49 7.07
CA MET D 83 2.77 -46.35 7.98
C MET D 83 1.82 -47.03 8.95
N SER D 84 2.19 -48.24 9.38
CA SER D 84 1.36 -49.02 10.27
C SER D 84 1.54 -48.54 11.71
N ARG D 85 0.54 -48.85 12.54
CA ARG D 85 0.57 -48.52 13.97
C ARG D 85 0.64 -47.01 14.20
N LYS D 86 -0.03 -46.26 13.33
CA LYS D 86 -0.05 -44.80 13.42
C LYS D 86 -1.47 -44.29 13.31
N THR D 87 -1.65 -43.03 13.70
CA THR D 87 -2.94 -42.36 13.63
C THR D 87 -2.85 -41.23 12.60
N TYR D 88 -3.80 -41.20 11.68
CA TYR D 88 -3.78 -40.27 10.56
C TYR D 88 -5.08 -39.49 10.49
N ALA D 89 -4.99 -38.21 10.12
CA ALA D 89 -6.16 -37.33 10.04
C ALA D 89 -6.08 -36.53 8.75
N PHE D 90 -7.10 -36.68 7.89
CA PHE D 90 -7.17 -35.95 6.64
C PHE D 90 -8.60 -35.48 6.42
N PHE D 91 -8.76 -34.64 5.40
CA PHE D 91 -10.10 -34.24 4.98
C PHE D 91 -10.76 -35.29 4.09
N SER D 92 -9.95 -36.02 3.31
CA SER D 92 -10.44 -37.02 2.38
C SER D 92 -11.50 -36.48 1.43
N ASP D 106 -9.95 -49.68 1.86
CA ASP D 106 -9.95 -51.13 1.96
C ASP D 106 -8.58 -51.62 2.42
N GLU D 107 -7.55 -51.35 1.62
CA GLU D 107 -6.19 -51.67 2.02
C GLU D 107 -5.76 -50.80 3.20
N ILE D 108 -6.26 -49.56 3.25
CA ILE D 108 -5.88 -48.66 4.33
C ILE D 108 -6.37 -49.18 5.67
N LEU D 109 -7.47 -49.93 5.67
CA LEU D 109 -8.04 -50.37 6.94
C LEU D 109 -7.16 -51.40 7.62
N LYS D 110 -6.40 -52.18 6.85
CA LYS D 110 -5.51 -53.17 7.43
C LYS D 110 -4.34 -52.47 8.15
N GLN D 111 -3.56 -53.29 8.87
CA GLN D 111 -2.36 -52.89 9.60
C GLN D 111 -2.64 -51.95 10.77
N GLU D 112 -3.88 -51.94 11.27
CA GLU D 112 -4.23 -51.28 12.53
C GLU D 112 -3.82 -49.81 12.54
N ILE D 113 -4.27 -49.07 11.53
CA ILE D 113 -4.04 -47.63 11.48
C ILE D 113 -5.39 -46.94 11.67
N ARG D 114 -5.41 -45.91 12.52
CA ARG D 114 -6.63 -45.23 12.90
C ARG D 114 -6.77 -43.95 12.09
N LEU D 115 -7.91 -43.79 11.43
CA LEU D 115 -8.16 -42.64 10.58
C LEU D 115 -9.22 -41.73 11.19
N ILE D 116 -8.98 -40.43 11.12
CA ILE D 116 -9.91 -39.42 11.63
C ILE D 116 -10.14 -38.39 10.53
N ASP D 117 -11.41 -38.14 10.24
CA ASP D 117 -11.79 -37.17 9.20
C ASP D 117 -12.22 -35.88 9.87
N TYR D 118 -11.54 -34.78 9.55
CA TYR D 118 -11.90 -33.47 10.10
C TYR D 118 -13.35 -33.13 9.80
N GLU D 119 -13.84 -33.53 8.63
CA GLU D 119 -15.20 -33.19 8.22
C GLU D 119 -16.24 -33.82 9.14
N LYS D 120 -15.92 -34.96 9.74
CA LYS D 120 -16.82 -35.61 10.67
C LYS D 120 -16.71 -35.09 12.10
N MET D 121 -15.83 -34.11 12.35
CA MET D 121 -15.73 -33.50 13.66
C MET D 121 -16.92 -32.55 13.82
N VAL D 122 -17.94 -33.00 14.54
CA VAL D 122 -19.21 -32.30 14.67
C VAL D 122 -19.52 -32.12 16.14
N ASP D 123 -19.96 -30.93 16.52
CA ASP D 123 -20.20 -30.60 17.92
C ASP D 123 -21.53 -31.17 18.40
N HIS D 124 -21.89 -30.84 19.64
CA HIS D 124 -23.15 -31.28 20.22
C HIS D 124 -24.34 -30.79 19.39
N ARG D 125 -24.23 -29.57 18.84
CA ARG D 125 -25.33 -28.99 18.08
C ARG D 125 -25.48 -29.61 16.70
N GLY D 126 -24.41 -30.17 16.14
CA GLY D 126 -24.44 -30.77 14.83
C GLY D 126 -23.59 -30.07 13.80
N VAL D 127 -23.17 -28.84 14.06
CA VAL D 127 -22.38 -28.08 13.09
C VAL D 127 -20.93 -28.55 13.15
N ARG D 128 -20.25 -28.43 12.02
CA ARG D 128 -18.84 -28.79 11.96
C ARG D 128 -18.01 -27.86 12.83
N VAL D 129 -17.02 -28.42 13.51
CA VAL D 129 -16.18 -27.66 14.43
C VAL D 129 -14.79 -27.39 13.86
N VAL D 130 -14.32 -28.18 12.92
CA VAL D 130 -12.98 -28.01 12.34
C VAL D 130 -13.18 -27.79 10.85
N ALA D 131 -13.24 -26.53 10.43
CA ALA D 131 -13.41 -26.14 9.05
C ALA D 131 -12.48 -24.99 8.74
N PHE D 132 -12.57 -24.47 7.52
CA PHE D 132 -11.76 -23.33 7.10
C PHE D 132 -12.49 -22.00 7.24
N GLY D 133 -13.73 -22.02 7.71
CA GLY D 133 -14.39 -20.78 8.08
C GLY D 133 -14.75 -19.91 6.88
N GLN D 134 -14.48 -18.62 7.03
CA GLN D 134 -14.90 -17.60 6.06
C GLN D 134 -14.00 -17.51 4.84
N TRP D 135 -12.86 -18.21 4.83
CA TRP D 135 -11.84 -17.92 3.83
C TRP D 135 -12.21 -18.41 2.44
N ALA D 136 -13.18 -19.31 2.31
CA ALA D 136 -13.68 -19.65 0.98
C ALA D 136 -14.46 -18.49 0.39
N GLY D 137 -15.26 -17.80 1.21
CA GLY D 137 -16.00 -16.65 0.71
C GLY D 137 -15.13 -15.43 0.48
N VAL D 138 -14.08 -15.25 1.30
CA VAL D 138 -13.16 -14.14 1.07
C VAL D 138 -12.47 -14.29 -0.27
N ALA D 139 -11.93 -15.49 -0.55
CA ALA D 139 -11.28 -15.72 -1.82
C ALA D 139 -12.26 -15.66 -2.98
N GLY D 140 -13.48 -16.17 -2.77
CA GLY D 140 -14.46 -16.17 -3.84
C GLY D 140 -14.87 -14.77 -4.27
N MET D 141 -15.05 -13.87 -3.29
CA MET D 141 -15.44 -12.51 -3.61
C MET D 141 -14.34 -11.80 -4.39
N ILE D 142 -13.08 -11.98 -3.97
CA ILE D 142 -11.96 -11.38 -4.69
C ILE D 142 -11.90 -11.91 -6.12
N ASN D 143 -12.15 -13.21 -6.30
CA ASN D 143 -12.08 -13.80 -7.63
C ASN D 143 -13.18 -13.26 -8.53
N ILE D 144 -14.42 -13.19 -8.03
CA ILE D 144 -15.53 -12.80 -8.89
C ILE D 144 -15.47 -11.31 -9.21
N LEU D 145 -14.90 -10.50 -8.32
CA LEU D 145 -14.66 -9.09 -8.66
C LEU D 145 -13.60 -8.99 -9.75
N HIS D 146 -12.57 -9.83 -9.68
CA HIS D 146 -11.58 -9.89 -10.75
C HIS D 146 -12.20 -10.40 -12.05
N GLY D 147 -13.09 -11.38 -11.95
CA GLY D 147 -13.73 -11.91 -13.15
C GLY D 147 -14.64 -10.91 -13.83
N MET D 148 -15.38 -10.13 -13.04
CA MET D 148 -16.23 -9.09 -13.62
C MET D 148 -15.40 -8.01 -14.31
N GLY D 149 -14.19 -7.74 -13.80
CA GLY D 149 -13.32 -6.79 -14.49
C GLY D 149 -12.93 -7.26 -15.87
N LEU D 150 -12.61 -8.55 -16.01
CA LEU D 150 -12.27 -9.10 -17.32
C LEU D 150 -13.50 -9.21 -18.21
N ARG D 151 -14.64 -9.62 -17.62
CA ARG D 151 -15.85 -9.79 -18.42
C ARG D 151 -16.35 -8.46 -18.96
N LEU D 152 -16.50 -7.46 -18.08
CA LEU D 152 -16.99 -6.17 -18.52
C LEU D 152 -16.08 -5.53 -19.57
N LEU D 153 -14.77 -5.77 -19.48
CA LEU D 153 -13.87 -5.27 -20.51
C LEU D 153 -14.06 -6.01 -21.83
N ALA D 154 -14.34 -7.31 -21.76
CA ALA D 154 -14.65 -8.07 -22.97
C ALA D 154 -15.90 -7.54 -23.64
N LEU D 155 -16.88 -7.09 -22.85
CA LEU D 155 -18.06 -6.43 -23.40
C LEU D 155 -17.76 -5.00 -23.85
N GLY D 156 -16.56 -4.49 -23.61
CA GLY D 156 -16.19 -3.16 -24.03
C GLY D 156 -16.24 -2.07 -22.98
N HIS D 157 -16.12 -2.43 -21.70
CA HIS D 157 -16.21 -1.46 -20.61
C HIS D 157 -15.02 -1.62 -19.68
N HIS D 158 -14.17 -0.59 -19.63
CA HIS D 158 -13.13 -0.54 -18.61
C HIS D 158 -13.76 -0.11 -17.29
N THR D 159 -13.49 -0.85 -16.23
CA THR D 159 -14.03 -0.59 -14.91
C THR D 159 -12.92 -0.71 -13.88
N PRO D 160 -13.08 -0.11 -12.70
CA PRO D 160 -12.08 -0.29 -11.63
C PRO D 160 -11.88 -1.74 -11.22
N PHE D 161 -12.82 -2.64 -11.55
CA PHE D 161 -12.64 -4.05 -11.23
C PHE D 161 -11.47 -4.67 -11.99
N MET D 162 -11.00 -4.03 -13.06
CA MET D 162 -9.78 -4.47 -13.74
C MET D 162 -8.57 -4.42 -12.83
N HIS D 163 -8.61 -3.57 -11.79
CA HIS D 163 -7.48 -3.38 -10.88
C HIS D 163 -7.58 -4.29 -9.65
N ILE D 164 -8.23 -5.43 -9.77
CA ILE D 164 -8.30 -6.44 -8.71
C ILE D 164 -7.91 -7.77 -9.33
N GLY D 165 -6.88 -8.41 -8.76
CA GLY D 165 -6.40 -9.68 -9.24
C GLY D 165 -7.08 -10.85 -8.56
N MET D 166 -6.60 -12.05 -8.90
CA MET D 166 -7.09 -13.25 -8.25
C MET D 166 -6.65 -13.27 -6.78
N ALA D 167 -7.38 -14.05 -5.98
CA ALA D 167 -7.13 -14.07 -4.55
C ALA D 167 -5.73 -14.60 -4.23
N HIS D 168 -5.21 -15.52 -5.05
CA HIS D 168 -3.89 -16.07 -4.80
C HIS D 168 -2.76 -15.15 -5.25
N ASN D 169 -3.08 -14.03 -5.91
CA ASN D 169 -2.07 -13.06 -6.29
C ASN D 169 -1.73 -12.10 -5.15
N TYR D 170 -2.31 -12.29 -3.97
CA TYR D 170 -2.08 -11.42 -2.83
C TYR D 170 -1.44 -12.22 -1.69
N ARG D 171 -0.52 -11.57 -0.98
CA ARG D 171 0.17 -12.23 0.12
C ARG D 171 -0.80 -12.65 1.21
N ASN D 172 -1.82 -11.84 1.47
CA ASN D 172 -2.85 -12.15 2.46
C ASN D 172 -4.07 -11.30 2.15
N SER D 173 -5.10 -11.44 3.00
CA SER D 173 -6.34 -10.71 2.77
C SER D 173 -6.15 -9.20 2.93
N SER D 174 -5.20 -8.79 3.77
CA SER D 174 -4.95 -7.35 3.95
C SER D 174 -4.47 -6.72 2.64
N GLN D 175 -3.56 -7.39 1.93
CA GLN D 175 -3.10 -6.87 0.65
C GLN D 175 -4.23 -6.83 -0.36
N ALA D 176 -5.13 -7.83 -0.32
CA ALA D 176 -6.27 -7.84 -1.22
C ALA D 176 -7.27 -6.76 -0.85
N VAL D 177 -7.49 -6.55 0.45
CA VAL D 177 -8.44 -5.52 0.90
C VAL D 177 -7.98 -4.15 0.43
N GLN D 178 -6.67 -3.90 0.45
CA GLN D 178 -6.16 -2.63 -0.06
C GLN D 178 -6.43 -2.47 -1.54
N ALA D 179 -6.34 -3.56 -2.31
CA ALA D 179 -6.67 -3.48 -3.73
C ALA D 179 -8.16 -3.27 -3.93
N VAL D 180 -8.99 -3.91 -3.10
CA VAL D 180 -10.43 -3.70 -3.20
C VAL D 180 -10.81 -2.29 -2.81
N ARG D 181 -10.18 -1.75 -1.77
CA ARG D 181 -10.43 -0.37 -1.37
C ARG D 181 -9.92 0.62 -2.41
N ASP D 182 -8.81 0.30 -3.08
CA ASP D 182 -8.32 1.18 -4.15
C ASP D 182 -9.30 1.19 -5.33
N ALA D 183 -9.81 0.02 -5.70
CA ALA D 183 -10.80 -0.03 -6.77
C ALA D 183 -12.10 0.64 -6.34
N GLY D 184 -12.49 0.48 -5.08
CA GLY D 184 -13.67 1.15 -4.59
C GLY D 184 -13.54 2.66 -4.58
N TYR D 185 -12.31 3.16 -4.37
CA TYR D 185 -12.09 4.61 -4.45
C TYR D 185 -12.35 5.12 -5.86
N GLU D 186 -11.92 4.37 -6.87
CA GLU D 186 -12.19 4.76 -8.26
C GLU D 186 -13.69 4.78 -8.52
N ILE D 187 -14.44 3.85 -7.94
CA ILE D 187 -15.89 3.83 -8.11
C ILE D 187 -16.52 5.05 -7.45
N SER D 188 -16.10 5.34 -6.22
CA SER D 188 -16.64 6.51 -5.51
C SER D 188 -16.28 7.82 -6.19
N LEU D 189 -15.20 7.84 -6.97
CA LEU D 189 -14.84 9.00 -7.77
C LEU D 189 -15.66 9.11 -9.06
N GLY D 190 -16.57 8.17 -9.30
CA GLY D 190 -17.39 8.22 -10.49
C GLY D 190 -16.70 7.76 -11.76
N LEU D 191 -15.78 6.81 -11.66
CA LEU D 191 -15.05 6.32 -12.81
C LEU D 191 -15.69 5.08 -13.43
N MET D 192 -16.84 4.64 -12.94
CA MET D 192 -17.57 3.56 -13.58
C MET D 192 -18.27 4.08 -14.83
N PRO D 193 -18.30 3.29 -15.91
CA PRO D 193 -19.05 3.71 -17.10
C PRO D 193 -20.55 3.76 -16.80
N LYS D 194 -21.17 4.88 -17.14
CA LYS D 194 -22.57 5.10 -16.77
C LYS D 194 -23.52 4.22 -17.58
N SER D 195 -23.12 3.82 -18.78
CA SER D 195 -24.05 3.14 -19.68
C SER D 195 -24.48 1.78 -19.15
N ILE D 196 -23.66 1.14 -18.30
CA ILE D 196 -24.01 -0.18 -17.79
C ILE D 196 -24.84 -0.13 -16.51
N GLY D 197 -25.16 1.07 -16.03
CA GLY D 197 -26.04 1.22 -14.89
C GLY D 197 -25.43 0.77 -13.58
N PRO D 198 -26.19 0.89 -12.50
CA PRO D 198 -25.68 0.47 -11.19
C PRO D 198 -25.56 -1.04 -11.08
N LEU D 199 -24.66 -1.47 -10.21
CA LEU D 199 -24.35 -2.89 -10.04
C LEU D 199 -24.95 -3.40 -8.72
N THR D 200 -25.56 -4.57 -8.77
CA THR D 200 -26.21 -5.17 -7.62
C THR D 200 -25.61 -6.55 -7.36
N PHE D 201 -25.33 -6.84 -6.09
CA PHE D 201 -24.74 -8.09 -5.66
C PHE D 201 -25.68 -8.78 -4.70
N VAL D 202 -25.94 -10.07 -4.94
CA VAL D 202 -26.85 -10.86 -4.12
C VAL D 202 -26.05 -11.92 -3.38
N PHE D 203 -26.22 -11.97 -2.05
CA PHE D 203 -25.55 -12.93 -1.20
C PHE D 203 -26.58 -13.94 -0.70
N THR D 204 -26.41 -15.20 -1.10
CA THR D 204 -27.23 -16.29 -0.58
C THR D 204 -26.43 -17.10 0.42
N GLY D 205 -27.14 -17.72 1.35
CA GLY D 205 -26.50 -18.51 2.38
C GLY D 205 -26.37 -17.75 3.69
N THR D 206 -26.20 -18.50 4.78
CA THR D 206 -26.05 -17.94 6.10
C THR D 206 -24.75 -18.34 6.78
N GLY D 207 -23.94 -19.19 6.17
CA GLY D 207 -22.73 -19.68 6.78
C GLY D 207 -21.65 -18.63 6.86
N ASN D 208 -20.45 -19.08 7.24
CA ASN D 208 -19.32 -18.18 7.39
C ASN D 208 -18.74 -17.75 6.04
N VAL D 209 -18.90 -18.58 5.00
CA VAL D 209 -18.38 -18.21 3.69
C VAL D 209 -19.16 -17.03 3.12
N SER D 210 -20.46 -16.95 3.42
CA SER D 210 -21.25 -15.80 2.98
C SER D 210 -20.82 -14.53 3.73
N LYS D 211 -20.46 -14.68 5.01
CA LYS D 211 -19.99 -13.53 5.78
C LYS D 211 -18.60 -13.10 5.33
N GLY D 212 -17.74 -14.07 4.99
CA GLY D 212 -16.44 -13.72 4.45
C GLY D 212 -16.53 -13.03 3.11
N ALA D 213 -17.53 -13.39 2.30
CA ALA D 213 -17.76 -12.70 1.04
C ALA D 213 -18.24 -11.27 1.27
N GLN D 214 -19.11 -11.07 2.25
CA GLN D 214 -19.57 -9.73 2.57
C GLN D 214 -18.45 -8.87 3.16
N ALA D 215 -17.50 -9.49 3.86
CA ALA D 215 -16.40 -8.74 4.45
C ALA D 215 -15.56 -8.06 3.39
N ILE D 216 -15.37 -8.71 2.24
CA ILE D 216 -14.65 -8.08 1.14
C ILE D 216 -15.54 -7.06 0.43
N PHE D 217 -16.82 -7.37 0.29
CA PHE D 217 -17.75 -6.45 -0.37
C PHE D 217 -17.91 -5.16 0.44
N ASN D 218 -17.72 -5.22 1.75
CA ASN D 218 -17.84 -4.03 2.60
C ASN D 218 -16.70 -3.05 2.39
N GLU D 219 -15.63 -3.44 1.69
CA GLU D 219 -14.54 -2.52 1.39
C GLU D 219 -14.82 -1.63 0.19
N LEU D 220 -15.85 -1.96 -0.59
CA LEU D 220 -16.27 -1.12 -1.70
C LEU D 220 -17.21 -0.03 -1.19
N PRO D 221 -17.50 1.02 -1.99
CA PRO D 221 -18.51 2.00 -1.59
C PRO D 221 -19.91 1.39 -1.66
N CYS D 222 -20.21 0.49 -0.75
CA CYS D 222 -21.40 -0.35 -0.86
C CYS D 222 -22.56 0.22 -0.05
N GLU D 223 -23.76 -0.20 -0.42
CA GLU D 223 -24.98 0.12 0.32
C GLU D 223 -25.88 -1.11 0.29
N TYR D 224 -26.29 -1.57 1.47
CA TYR D 224 -27.13 -2.76 1.58
C TYR D 224 -28.59 -2.37 1.54
N VAL D 225 -29.36 -3.08 0.74
CA VAL D 225 -30.79 -2.83 0.57
C VAL D 225 -31.55 -4.13 0.78
N GLU D 226 -32.84 -4.00 1.05
CA GLU D 226 -33.70 -5.17 1.17
C GLU D 226 -33.93 -5.79 -0.21
N PRO D 227 -34.14 -7.11 -0.27
CA PRO D 227 -34.30 -7.77 -1.58
C PRO D 227 -35.41 -7.20 -2.44
N HIS D 228 -36.47 -6.65 -1.83
CA HIS D 228 -37.54 -6.06 -2.63
C HIS D 228 -37.14 -4.72 -3.24
N GLU D 229 -36.04 -4.12 -2.79
CA GLU D 229 -35.59 -2.83 -3.30
C GLU D 229 -34.62 -2.97 -4.46
N LEU D 230 -34.28 -4.19 -4.88
CA LEU D 230 -33.30 -4.37 -5.94
C LEU D 230 -33.79 -3.83 -7.27
N LYS D 231 -35.07 -4.03 -7.57
CA LYS D 231 -35.61 -3.59 -8.87
C LYS D 231 -35.50 -2.08 -9.01
N GLU D 232 -35.88 -1.34 -7.97
CA GLU D 232 -35.76 0.11 -8.02
C GLU D 232 -34.29 0.55 -7.99
N VAL D 233 -33.47 -0.14 -7.19
CA VAL D 233 -32.05 0.20 -7.10
C VAL D 233 -31.34 -0.08 -8.43
N SER D 234 -31.72 -1.16 -9.12
CA SER D 234 -31.05 -1.56 -10.33
C SER D 234 -31.19 -0.54 -11.46
N GLN D 235 -32.18 0.34 -11.41
CA GLN D 235 -32.36 1.35 -12.44
C GLN D 235 -32.21 2.77 -11.95
N THR D 236 -32.25 3.01 -10.63
CA THR D 236 -32.11 4.36 -10.08
C THR D 236 -30.96 4.46 -9.08
N GLY D 237 -30.09 3.45 -9.02
CA GLY D 237 -29.01 3.47 -8.05
C GLY D 237 -27.94 4.49 -8.39
N ASP D 238 -27.21 4.89 -7.35
CA ASP D 238 -26.12 5.84 -7.53
C ASP D 238 -24.92 5.14 -8.17
N LEU D 239 -24.44 5.71 -9.27
CA LEU D 239 -23.33 5.10 -10.00
C LEU D 239 -22.01 5.17 -9.23
N ARG D 240 -21.91 6.01 -8.21
CA ARG D 240 -20.74 6.05 -7.34
C ARG D 240 -20.83 5.03 -6.21
N LYS D 241 -21.78 4.12 -6.26
CA LYS D 241 -21.95 3.10 -5.24
C LYS D 241 -22.18 1.74 -5.89
N VAL D 242 -21.93 0.69 -5.12
CA VAL D 242 -22.36 -0.66 -5.46
C VAL D 242 -23.39 -1.07 -4.42
N TYR D 243 -24.34 -1.90 -4.85
CA TYR D 243 -25.45 -2.27 -3.99
C TYR D 243 -25.44 -3.78 -3.74
N GLY D 244 -25.73 -4.16 -2.50
CA GLY D 244 -25.77 -5.56 -2.12
C GLY D 244 -27.00 -5.86 -1.30
N THR D 245 -27.42 -7.12 -1.37
CA THR D 245 -28.53 -7.60 -0.55
C THR D 245 -28.22 -9.02 -0.10
N VAL D 246 -28.59 -9.33 1.14
CA VAL D 246 -28.38 -10.64 1.72
C VAL D 246 -29.71 -11.37 1.70
N LEU D 247 -29.76 -12.48 0.96
CA LEU D 247 -31.00 -13.21 0.74
C LEU D 247 -31.21 -14.25 1.85
N SER D 248 -32.36 -14.17 2.50
CA SER D 248 -32.74 -15.15 3.51
C SER D 248 -33.80 -16.09 2.94
N ARG D 249 -34.21 -17.07 3.76
CA ARG D 249 -35.17 -18.06 3.31
C ARG D 249 -36.53 -17.43 3.03
N HIS D 250 -37.02 -16.59 3.94
CA HIS D 250 -38.34 -16.01 3.82
C HIS D 250 -38.44 -14.95 2.71
N HIS D 251 -37.33 -14.62 2.05
CA HIS D 251 -37.38 -13.62 0.99
C HIS D 251 -37.84 -14.19 -0.34
N HIS D 252 -37.53 -15.45 -0.63
CA HIS D 252 -37.82 -16.03 -1.93
C HIS D 252 -38.51 -17.39 -1.90
N LEU D 253 -38.85 -17.90 -0.72
CA LEU D 253 -39.47 -19.22 -0.58
C LEU D 253 -40.90 -19.04 -0.09
N VAL D 254 -41.86 -19.53 -0.89
CA VAL D 254 -43.27 -19.42 -0.56
C VAL D 254 -43.94 -20.78 -0.79
N ARG D 255 -45.06 -20.99 -0.11
CA ARG D 255 -45.80 -22.24 -0.24
C ARG D 255 -46.42 -22.35 -1.62
N LYS D 256 -46.44 -23.59 -2.16
CA LYS D 256 -46.99 -23.80 -3.49
C LYS D 256 -48.50 -23.62 -3.57
N THR D 257 -49.18 -23.51 -2.42
CA THR D 257 -50.63 -23.38 -2.40
C THR D 257 -51.09 -21.94 -2.16
N ASP D 258 -50.61 -21.30 -1.10
CA ASP D 258 -51.07 -19.95 -0.75
C ASP D 258 -49.94 -18.94 -0.61
N ALA D 259 -48.73 -19.26 -1.09
CA ALA D 259 -47.60 -18.33 -1.07
C ALA D 259 -47.29 -17.83 0.34
N VAL D 260 -47.41 -18.72 1.33
CA VAL D 260 -47.13 -18.40 2.72
C VAL D 260 -45.83 -19.10 3.12
N TYR D 261 -45.06 -18.44 4.00
CA TYR D 261 -43.81 -19.01 4.50
C TYR D 261 -43.97 -19.33 5.99
N ASP D 262 -43.84 -20.61 6.33
CA ASP D 262 -43.73 -21.06 7.71
C ASP D 262 -42.33 -21.61 7.90
N PRO D 263 -41.47 -20.96 8.68
CA PRO D 263 -40.08 -21.43 8.80
C PRO D 263 -39.97 -22.84 9.37
N ALA D 264 -40.77 -23.17 10.39
CA ALA D 264 -40.70 -24.51 10.96
C ALA D 264 -41.21 -25.56 9.98
N GLU D 265 -42.21 -25.22 9.17
CA GLU D 265 -42.79 -26.16 8.23
C GLU D 265 -41.90 -26.41 7.02
N TYR D 266 -41.00 -25.48 6.68
CA TYR D 266 -40.14 -25.70 5.52
C TYR D 266 -39.16 -26.84 5.77
N ASP D 267 -38.41 -26.77 6.87
CA ASP D 267 -37.41 -27.80 7.15
C ASP D 267 -38.04 -29.17 7.36
N LYS D 268 -39.32 -29.23 7.71
CA LYS D 268 -40.00 -30.51 7.83
C LYS D 268 -40.45 -31.05 6.48
N HIS D 269 -40.98 -30.18 5.63
CA HIS D 269 -41.48 -30.56 4.30
C HIS D 269 -40.93 -29.58 3.27
N PRO D 270 -39.76 -29.86 2.70
CA PRO D 270 -39.16 -28.91 1.76
C PRO D 270 -39.87 -28.82 0.43
N GLU D 271 -40.46 -29.92 -0.06
CA GLU D 271 -41.04 -29.93 -1.40
C GLU D 271 -42.22 -28.98 -1.51
N ARG D 272 -42.92 -28.71 -0.39
CA ARG D 272 -44.12 -27.90 -0.42
C ARG D 272 -43.88 -26.44 -0.81
N TYR D 273 -42.64 -25.99 -0.87
CA TYR D 273 -42.33 -24.58 -1.12
C TYR D 273 -41.62 -24.41 -2.45
N ILE D 274 -41.71 -23.20 -2.98
CA ILE D 274 -41.16 -22.87 -4.30
C ILE D 274 -40.29 -21.62 -4.15
N SER D 275 -39.42 -21.41 -5.15
CA SER D 275 -38.46 -20.33 -5.16
C SER D 275 -38.91 -19.24 -6.13
N ARG D 276 -39.07 -18.02 -5.61
CA ARG D 276 -39.39 -16.85 -6.41
C ARG D 276 -38.16 -16.16 -6.98
N PHE D 277 -36.97 -16.71 -6.74
CA PHE D 277 -35.73 -16.04 -7.14
C PHE D 277 -35.67 -15.80 -8.65
N ASN D 278 -36.37 -16.62 -9.43
CA ASN D 278 -36.30 -16.52 -10.88
C ASN D 278 -36.90 -15.20 -11.38
N THR D 279 -38.04 -14.81 -10.83
CA THR D 279 -38.79 -13.64 -11.31
C THR D 279 -38.65 -12.42 -10.42
N ASP D 280 -38.28 -12.60 -9.15
CA ASP D 280 -38.26 -11.49 -8.20
C ASP D 280 -36.88 -10.86 -8.01
N ILE D 281 -35.80 -11.60 -8.24
CA ILE D 281 -34.47 -11.12 -7.88
C ILE D 281 -33.51 -11.20 -9.06
N ALA D 282 -33.47 -12.36 -9.71
CA ALA D 282 -32.52 -12.60 -10.79
C ALA D 282 -32.54 -11.54 -11.89
N PRO D 283 -33.69 -11.04 -12.38
CA PRO D 283 -33.65 -10.00 -13.43
C PRO D 283 -33.03 -8.69 -12.97
N TYR D 284 -32.75 -8.52 -11.68
CA TYR D 284 -32.18 -7.28 -11.17
C TYR D 284 -30.85 -7.53 -10.46
N THR D 285 -30.19 -8.63 -10.75
CA THR D 285 -28.93 -9.01 -10.12
C THR D 285 -27.82 -8.93 -11.14
N THR D 286 -26.75 -8.22 -10.79
CA THR D 286 -25.55 -8.17 -11.63
C THR D 286 -24.58 -9.30 -11.31
N CYS D 287 -24.38 -9.59 -10.03
CA CYS D 287 -23.46 -10.65 -9.60
C CYS D 287 -24.12 -11.44 -8.47
N LEU D 288 -24.15 -12.76 -8.62
CA LEU D 288 -24.71 -13.66 -7.62
C LEU D 288 -23.59 -14.41 -6.94
N ILE D 289 -23.49 -14.25 -5.62
CA ILE D 289 -22.50 -14.95 -4.80
C ILE D 289 -23.27 -16.02 -4.03
N ASN D 290 -23.16 -17.27 -4.49
CA ASN D 290 -23.99 -18.37 -4.02
C ASN D 290 -23.30 -19.11 -2.88
N GLY D 291 -23.95 -19.15 -1.72
CA GLY D 291 -23.38 -19.81 -0.57
C GLY D 291 -24.36 -20.67 0.23
N ILE D 292 -25.44 -21.09 -0.40
CA ILE D 292 -26.42 -21.96 0.24
C ILE D 292 -26.01 -23.41 0.04
N TYR D 293 -26.39 -24.26 0.98
CA TYR D 293 -26.22 -25.70 0.87
C TYR D 293 -27.55 -26.33 0.49
N TRP D 294 -27.53 -27.17 -0.54
CA TRP D 294 -28.74 -27.78 -1.06
C TRP D 294 -29.02 -29.10 -0.34
N GLU D 295 -30.29 -29.32 -0.01
CA GLU D 295 -30.73 -30.54 0.63
C GLU D 295 -31.45 -31.43 -0.40
N GLN D 296 -32.20 -32.41 0.07
CA GLN D 296 -32.85 -33.41 -0.79
C GLN D 296 -33.77 -32.76 -1.81
N ASN D 297 -34.85 -32.14 -1.35
CA ASN D 297 -35.81 -31.53 -2.26
C ASN D 297 -35.95 -30.03 -1.99
N THR D 298 -34.85 -29.29 -2.12
CA THR D 298 -34.91 -27.84 -1.95
C THR D 298 -35.15 -27.16 -3.28
N PRO D 299 -36.13 -26.27 -3.38
CA PRO D 299 -36.36 -25.55 -4.65
C PRO D 299 -35.15 -24.69 -5.00
N ARG D 300 -34.52 -25.03 -6.12
CA ARG D 300 -33.27 -24.39 -6.50
C ARG D 300 -33.51 -22.98 -7.06
N LEU D 301 -32.42 -22.20 -7.11
CA LEU D 301 -32.52 -20.78 -7.45
C LEU D 301 -32.72 -20.56 -8.94
N LEU D 302 -31.93 -21.23 -9.78
CA LEU D 302 -31.97 -21.01 -11.22
C LEU D 302 -32.00 -22.33 -11.96
N THR D 303 -32.86 -22.40 -12.97
CA THR D 303 -32.93 -23.55 -13.88
C THR D 303 -32.30 -23.17 -15.22
N ARG D 304 -32.09 -24.19 -16.06
CA ARG D 304 -31.55 -23.93 -17.38
C ARG D 304 -32.52 -23.16 -18.25
N GLN D 305 -33.83 -23.28 -17.99
CA GLN D 305 -34.82 -22.50 -18.72
C GLN D 305 -34.80 -21.04 -18.28
N ASP D 306 -34.62 -20.80 -16.97
CA ASP D 306 -34.51 -19.43 -16.48
C ASP D 306 -33.32 -18.72 -17.10
N ALA D 307 -32.20 -19.43 -17.27
CA ALA D 307 -31.02 -18.83 -17.86
C ALA D 307 -31.27 -18.38 -19.29
N GLN D 308 -31.99 -19.18 -20.07
CA GLN D 308 -32.28 -18.80 -21.44
C GLN D 308 -33.22 -17.60 -21.50
N SER D 309 -34.12 -17.46 -20.53
CA SER D 309 -34.99 -16.30 -20.47
C SER D 309 -34.22 -15.05 -20.03
N LEU D 310 -33.23 -15.22 -19.16
CA LEU D 310 -32.43 -14.09 -18.71
C LEU D 310 -31.49 -13.56 -19.81
N LEU D 311 -31.23 -14.36 -20.84
CA LEU D 311 -30.38 -13.97 -21.95
C LEU D 311 -31.24 -13.86 -23.21
N ALA D 312 -31.71 -12.65 -23.49
CA ALA D 312 -32.53 -12.41 -24.66
C ALA D 312 -32.16 -11.09 -25.35
N GLU D 322 -23.40 3.85 -29.51
CA GLU D 322 -22.59 2.71 -29.95
C GLU D 322 -21.32 2.61 -29.12
N GLY D 323 -20.74 3.76 -28.78
CA GLY D 323 -19.53 3.75 -27.98
C GLY D 323 -19.78 3.38 -26.54
N CYS D 324 -20.87 3.88 -25.96
CA CYS D 324 -21.27 3.52 -24.60
C CYS D 324 -22.54 2.68 -24.67
N PRO D 325 -22.43 1.35 -24.67
CA PRO D 325 -23.63 0.52 -24.76
C PRO D 325 -24.09 -0.02 -23.42
N ALA D 326 -25.35 -0.43 -23.35
CA ALA D 326 -25.84 -1.10 -22.15
C ALA D 326 -25.49 -2.59 -22.20
N LEU D 327 -25.50 -3.22 -21.03
CA LEU D 327 -25.20 -4.63 -20.95
C LEU D 327 -26.28 -5.43 -21.68
N PRO D 328 -25.92 -6.51 -22.38
CA PRO D 328 -26.94 -7.32 -23.07
C PRO D 328 -27.93 -7.95 -22.10
N HIS D 329 -27.49 -8.25 -20.88
CA HIS D 329 -28.37 -8.80 -19.85
C HIS D 329 -27.85 -8.34 -18.49
N LYS D 330 -28.78 -8.23 -17.53
CA LYS D 330 -28.43 -7.71 -16.21
C LYS D 330 -27.44 -8.62 -15.50
N LEU D 331 -27.67 -9.93 -15.55
CA LEU D 331 -26.83 -10.89 -14.83
C LEU D 331 -25.50 -11.07 -15.57
N VAL D 332 -24.41 -10.70 -14.92
CA VAL D 332 -23.08 -10.77 -15.53
C VAL D 332 -22.30 -12.00 -15.07
N ALA D 333 -22.30 -12.26 -13.76
CA ALA D 333 -21.46 -13.34 -13.23
C ALA D 333 -22.14 -14.01 -12.05
N ILE D 334 -21.79 -15.28 -11.84
CA ILE D 334 -22.21 -16.05 -10.68
C ILE D 334 -20.98 -16.72 -10.09
N CYS D 335 -20.87 -16.69 -8.75
CA CYS D 335 -19.74 -17.29 -8.06
C CYS D 335 -20.27 -18.25 -7.00
N ASP D 336 -19.75 -19.48 -7.01
CA ASP D 336 -20.14 -20.52 -6.07
C ASP D 336 -19.06 -20.62 -5.00
N ILE D 337 -19.41 -20.24 -3.77
CA ILE D 337 -18.45 -20.19 -2.67
C ILE D 337 -18.68 -21.25 -1.61
N SER D 338 -19.69 -22.12 -1.80
CA SER D 338 -20.00 -23.13 -0.80
C SER D 338 -19.75 -24.55 -1.28
N ALA D 339 -20.03 -24.84 -2.55
CA ALA D 339 -19.83 -26.16 -3.15
C ALA D 339 -20.53 -27.27 -2.37
N GLY D 343 -25.70 -27.57 -6.89
CA GLY D 343 -27.01 -28.09 -6.55
C GLY D 343 -28.08 -27.02 -6.50
N SER D 344 -27.65 -25.76 -6.47
CA SER D 344 -28.55 -24.62 -6.44
C SER D 344 -28.73 -23.96 -7.80
N ILE D 345 -27.66 -23.87 -8.58
CA ILE D 345 -27.70 -23.38 -9.94
C ILE D 345 -27.65 -24.58 -10.86
N GLU D 346 -28.75 -24.85 -11.57
CA GLU D 346 -28.85 -26.10 -12.34
C GLU D 346 -27.80 -26.18 -13.43
N PHE D 347 -27.48 -25.06 -14.06
CA PHE D 347 -26.54 -25.05 -15.17
C PHE D 347 -25.09 -24.85 -14.73
N MET D 348 -24.81 -24.95 -13.44
CA MET D 348 -23.44 -24.87 -12.94
C MET D 348 -22.94 -26.25 -12.53
N THR D 349 -23.01 -27.18 -13.48
CA THR D 349 -22.63 -28.57 -13.23
C THR D 349 -21.13 -28.79 -13.27
N GLU D 350 -20.37 -27.86 -13.84
CA GLU D 350 -18.92 -27.99 -13.94
C GLU D 350 -18.22 -27.20 -12.85
N CYS D 351 -17.05 -27.68 -12.45
CA CYS D 351 -16.19 -26.99 -11.50
C CYS D 351 -14.98 -26.41 -12.23
N THR D 352 -14.36 -25.42 -11.61
CA THR D 352 -13.20 -24.74 -12.18
C THR D 352 -12.00 -24.86 -11.26
N THR D 353 -10.84 -24.47 -11.77
CA THR D 353 -9.57 -24.60 -11.09
C THR D 353 -8.97 -23.22 -10.86
N ILE D 354 -8.08 -23.13 -9.86
CA ILE D 354 -7.38 -21.88 -9.60
C ILE D 354 -6.63 -21.40 -10.84
N GLU D 355 -6.17 -22.33 -11.69
CA GLU D 355 -5.50 -21.96 -12.92
C GLU D 355 -6.47 -21.51 -14.01
N HIS D 356 -7.65 -22.13 -14.07
CA HIS D 356 -8.69 -21.77 -15.04
C HIS D 356 -9.97 -21.49 -14.27
N PRO D 357 -10.09 -20.29 -13.68
CA PRO D 357 -11.18 -20.04 -12.73
C PRO D 357 -12.54 -19.77 -13.36
N PHE D 358 -12.57 -19.22 -14.56
CA PHE D 358 -13.80 -18.73 -15.15
C PHE D 358 -14.17 -19.51 -16.41
N CYS D 359 -15.48 -19.75 -16.56
CA CYS D 359 -16.04 -20.33 -17.77
C CYS D 359 -17.35 -19.64 -18.07
N MET D 360 -17.77 -19.72 -19.33
CA MET D 360 -18.96 -19.02 -19.80
C MET D 360 -20.10 -20.01 -20.02
N TYR D 361 -21.31 -19.60 -19.64
CA TYR D 361 -22.52 -20.37 -19.91
C TYR D 361 -23.22 -19.71 -21.10
N ASP D 362 -23.06 -20.30 -22.27
CA ASP D 362 -23.50 -19.68 -23.52
C ASP D 362 -25.02 -19.72 -23.63
N ALA D 363 -25.55 -18.95 -24.59
CA ALA D 363 -26.97 -18.98 -24.89
C ALA D 363 -27.38 -20.30 -25.52
N ASP D 364 -26.46 -21.01 -26.16
CA ASP D 364 -26.71 -22.35 -26.69
C ASP D 364 -26.52 -23.43 -25.62
N GLN D 365 -26.36 -23.03 -24.36
CA GLN D 365 -26.14 -23.94 -23.24
C GLN D 365 -24.88 -24.78 -23.44
N HIS D 366 -23.81 -24.12 -23.87
CA HIS D 366 -22.50 -24.74 -24.02
C HIS D 366 -21.53 -24.05 -23.06
N ILE D 367 -20.81 -24.87 -22.28
CA ILE D 367 -19.83 -24.34 -21.34
C ILE D 367 -18.55 -24.03 -22.11
N ILE D 368 -18.14 -22.77 -22.11
CA ILE D 368 -16.93 -22.32 -22.80
C ILE D 368 -15.86 -22.19 -21.73
N HIS D 369 -15.13 -23.26 -21.50
CA HIS D 369 -14.16 -23.32 -20.42
C HIS D 369 -12.94 -22.43 -20.70
N ASP D 370 -12.43 -21.82 -19.63
CA ASP D 370 -11.20 -21.03 -19.68
C ASP D 370 -11.32 -19.88 -20.68
N SER D 371 -12.43 -19.16 -20.59
CA SER D 371 -12.70 -18.09 -21.53
C SER D 371 -13.53 -17.00 -20.85
N VAL D 372 -13.24 -15.76 -21.21
CA VAL D 372 -14.01 -14.62 -20.76
C VAL D 372 -14.76 -13.95 -21.89
N GLU D 373 -14.24 -14.00 -23.13
CA GLU D 373 -14.92 -13.46 -24.29
C GLU D 373 -15.99 -14.43 -24.79
N GLY D 374 -17.14 -13.91 -25.13
CA GLY D 374 -18.23 -14.71 -25.64
C GLY D 374 -19.56 -14.10 -25.23
N SER D 375 -20.58 -14.96 -25.15
CA SER D 375 -21.93 -14.54 -24.78
C SER D 375 -22.43 -15.43 -23.66
N GLY D 376 -23.14 -14.83 -22.70
CA GLY D 376 -23.68 -15.59 -21.59
C GLY D 376 -23.30 -15.08 -20.22
N ILE D 377 -23.19 -15.99 -19.26
CA ILE D 377 -22.94 -15.65 -17.87
C ILE D 377 -21.56 -16.16 -17.47
N LEU D 378 -20.77 -15.29 -16.86
CA LEU D 378 -19.49 -15.71 -16.31
C LEU D 378 -19.73 -16.55 -15.05
N MET D 379 -19.03 -17.66 -14.94
CA MET D 379 -19.21 -18.56 -13.81
C MET D 379 -17.86 -18.88 -13.18
N CYS D 380 -17.88 -19.06 -11.86
CA CYS D 380 -16.69 -19.41 -11.09
C CYS D 380 -17.09 -20.39 -10.00
N SER D 381 -16.48 -21.59 -10.01
CA SER D 381 -16.81 -22.65 -9.05
C SER D 381 -15.52 -23.39 -8.70
N ILE D 382 -14.61 -22.70 -8.01
CA ILE D 382 -13.38 -23.32 -7.53
C ILE D 382 -13.69 -24.09 -6.25
N ASP D 383 -13.20 -25.33 -6.17
CA ASP D 383 -13.53 -26.23 -5.06
C ASP D 383 -12.43 -26.31 -4.01
N ASN D 384 -11.45 -25.41 -4.06
CA ASN D 384 -10.45 -25.30 -2.99
C ASN D 384 -10.12 -23.82 -2.79
N LEU D 385 -11.15 -23.01 -2.60
CA LEU D 385 -10.97 -21.57 -2.40
C LEU D 385 -10.06 -21.22 -1.23
N PRO D 386 -10.13 -21.87 -0.07
CA PRO D 386 -9.20 -21.49 1.02
C PRO D 386 -7.73 -21.65 0.65
N ALA D 387 -7.41 -22.50 -0.32
CA ALA D 387 -6.03 -22.67 -0.75
C ALA D 387 -5.47 -21.45 -1.47
N GLN D 388 -6.32 -20.51 -1.88
CA GLN D 388 -5.85 -19.26 -2.46
C GLN D 388 -5.35 -18.27 -1.41
N LEU D 389 -5.80 -18.41 -0.17
CA LEU D 389 -5.25 -17.66 0.97
C LEU D 389 -4.75 -18.66 2.00
N PRO D 390 -3.68 -19.41 1.67
CA PRO D 390 -3.33 -20.57 2.50
C PRO D 390 -2.74 -20.22 3.85
N ILE D 391 -2.11 -19.05 4.00
CA ILE D 391 -1.55 -18.67 5.30
C ILE D 391 -2.67 -18.49 6.32
N GLU D 392 -3.64 -17.63 6.00
CA GLU D 392 -4.75 -17.40 6.92
C GLU D 392 -5.65 -18.62 7.04
N ALA D 393 -5.72 -19.45 6.00
CA ALA D 393 -6.48 -20.69 6.10
C ALA D 393 -5.81 -21.67 7.04
N THR D 394 -4.47 -21.77 6.99
CA THR D 394 -3.75 -22.64 7.90
C THR D 394 -3.93 -22.19 9.35
N GLU D 395 -3.92 -20.88 9.58
CA GLU D 395 -4.08 -20.36 10.94
C GLU D 395 -5.52 -20.57 11.44
N CYS D 396 -6.50 -20.28 10.58
CA CYS D 396 -7.90 -20.48 10.97
C CYS D 396 -8.19 -21.96 11.23
N PHE D 397 -7.73 -22.82 10.33
CA PHE D 397 -7.94 -24.26 10.51
C PHE D 397 -7.21 -24.77 11.74
N GLY D 398 -5.97 -24.31 11.94
CA GLY D 398 -5.23 -24.70 13.13
C GLY D 398 -5.87 -24.23 14.41
N ASP D 399 -6.50 -23.06 14.39
CA ASP D 399 -7.18 -22.56 15.59
C ASP D 399 -8.35 -23.46 15.97
N MET D 400 -9.08 -23.97 14.98
CA MET D 400 -10.22 -24.84 15.27
C MET D 400 -9.76 -26.23 15.68
N LEU D 401 -8.68 -26.73 15.09
CA LEU D 401 -8.19 -28.07 15.38
C LEU D 401 -7.40 -28.14 16.68
N TYR D 402 -6.81 -27.03 17.12
CA TYR D 402 -5.90 -27.04 18.28
C TYR D 402 -6.50 -27.64 19.54
N PRO D 403 -7.72 -27.31 19.98
CA PRO D 403 -8.21 -27.88 21.25
C PRO D 403 -8.36 -29.40 21.25
N TYR D 404 -8.24 -30.06 20.10
CA TYR D 404 -8.39 -31.51 20.03
C TYR D 404 -7.09 -32.23 19.68
N VAL D 405 -5.97 -31.51 19.58
CA VAL D 405 -4.74 -32.15 19.11
C VAL D 405 -4.15 -33.03 20.21
N GLU D 406 -4.13 -32.54 21.44
CA GLU D 406 -3.45 -33.26 22.52
C GLU D 406 -4.07 -34.64 22.74
N GLU D 407 -5.40 -34.73 22.70
CA GLU D 407 -6.05 -36.03 22.83
C GLU D 407 -5.80 -36.92 21.63
N MET D 408 -5.46 -36.34 20.47
CA MET D 408 -5.12 -37.14 19.30
C MET D 408 -3.65 -37.56 19.32
N ILE D 409 -2.79 -36.80 20.00
CA ILE D 409 -1.41 -37.23 20.20
C ILE D 409 -1.36 -38.47 21.08
N LEU D 410 -2.15 -38.48 22.16
CA LEU D 410 -2.20 -39.60 23.08
C LEU D 410 -2.98 -40.79 22.53
N SER D 411 -3.45 -40.72 21.29
CA SER D 411 -4.15 -41.85 20.68
C SER D 411 -3.20 -43.02 20.46
N ASP D 412 -3.75 -44.22 20.54
CA ASP D 412 -2.99 -45.45 20.32
C ASP D 412 -3.79 -46.33 19.37
N ALA D 413 -3.32 -46.45 18.13
CA ALA D 413 -4.03 -47.23 17.12
C ALA D 413 -4.04 -48.72 17.43
N THR D 414 -3.14 -49.19 18.29
CA THR D 414 -3.07 -50.61 18.64
C THR D 414 -4.03 -51.00 19.75
N GLN D 415 -4.76 -50.04 20.32
CA GLN D 415 -5.71 -50.28 21.39
C GLN D 415 -7.14 -50.05 20.90
N PRO D 416 -8.14 -50.68 21.52
CA PRO D 416 -9.52 -50.49 21.06
C PRO D 416 -9.97 -49.05 21.20
N LEU D 417 -11.09 -48.75 20.51
CA LEU D 417 -11.54 -47.37 20.41
C LEU D 417 -12.16 -46.87 21.72
N GLU D 418 -12.92 -47.74 22.39
CA GLU D 418 -13.55 -47.34 23.65
C GLU D 418 -12.51 -47.06 24.74
N SER D 419 -11.38 -47.76 24.70
CA SER D 419 -10.32 -47.53 25.67
C SER D 419 -9.65 -46.18 25.50
N GLN D 420 -9.81 -45.54 24.34
CA GLN D 420 -9.21 -44.24 24.10
C GLN D 420 -10.06 -43.13 24.72
N ASN D 421 -9.40 -42.21 25.43
CA ASN D 421 -10.10 -41.11 26.09
C ASN D 421 -10.29 -39.97 25.11
N PHE D 422 -11.24 -40.18 24.19
CA PHE D 422 -11.58 -39.21 23.17
C PHE D 422 -12.82 -38.41 23.56
N SER D 423 -12.84 -37.15 23.13
CA SER D 423 -14.06 -36.38 23.21
C SER D 423 -15.03 -36.87 22.13
N PRO D 424 -16.34 -36.70 22.35
CA PRO D 424 -17.31 -37.24 21.37
C PRO D 424 -17.15 -36.70 19.97
N VAL D 425 -16.54 -35.52 19.78
CA VAL D 425 -16.37 -35.03 18.42
C VAL D 425 -15.19 -35.71 17.73
N VAL D 426 -14.21 -36.20 18.49
CA VAL D 426 -13.09 -36.92 17.88
C VAL D 426 -13.47 -38.39 17.69
N ARG D 427 -14.12 -38.99 18.68
CA ARG D 427 -14.55 -40.37 18.58
C ARG D 427 -15.48 -40.59 17.39
N ASP D 428 -16.43 -39.66 17.19
CA ASP D 428 -17.35 -39.80 16.06
C ASP D 428 -16.64 -39.55 14.73
N ALA D 429 -15.55 -38.78 14.75
CA ALA D 429 -14.81 -38.46 13.53
C ALA D 429 -13.95 -39.62 13.04
N VAL D 430 -13.86 -40.70 13.80
CA VAL D 430 -13.09 -41.88 13.40
C VAL D 430 -13.88 -42.63 12.33
N ILE D 431 -13.28 -42.82 11.16
CA ILE D 431 -13.97 -43.51 10.08
C ILE D 431 -13.68 -45.01 10.04
N THR D 432 -12.64 -45.47 10.73
CA THR D 432 -12.33 -46.89 10.78
C THR D 432 -13.01 -47.55 11.97
#